data_1WLN
#
_entry.id   1WLN
#
_entity_poly.entity_id   1
_entity_poly.type   'polypeptide(L)'
_entity_poly.pdbx_seq_one_letter_code
;GSSGSSGPEKLPYLVELSPDGSDSRDKPKLYRLQLSVTEVGTEKFDDNSIQLFGPGIQPHHCDLTNMDGVVTVTPRSMDA
ETYVDGQRISETTMLQSGMRLQFGTSHVFKFVDPSGPSSG
;
_entity_poly.pdbx_strand_id   A
#
# COMPACT_ATOMS: atom_id res chain seq x y z
N GLY A 1 -8.67 -6.57 -23.76
CA GLY A 1 -8.81 -8.02 -23.85
C GLY A 1 -8.07 -8.71 -22.71
N SER A 2 -6.95 -9.33 -23.07
CA SER A 2 -6.13 -10.03 -22.09
C SER A 2 -4.69 -10.12 -22.58
N SER A 3 -3.88 -9.18 -22.10
CA SER A 3 -2.48 -9.14 -22.47
C SER A 3 -1.61 -8.95 -21.24
N GLY A 4 -1.82 -7.82 -20.56
CA GLY A 4 -1.07 -7.52 -19.36
C GLY A 4 -0.31 -6.20 -19.52
N SER A 5 0.31 -5.77 -18.43
CA SER A 5 1.07 -4.53 -18.43
C SER A 5 2.54 -4.82 -18.14
N SER A 6 3.39 -3.89 -18.57
CA SER A 6 4.81 -4.03 -18.37
C SER A 6 5.45 -2.66 -18.14
N GLY A 7 5.74 -2.39 -16.87
CA GLY A 7 6.36 -1.12 -16.51
C GLY A 7 6.85 -1.16 -15.06
N PRO A 8 8.06 -1.76 -14.89
CA PRO A 8 8.67 -1.87 -13.57
C PRO A 8 9.25 -0.53 -13.12
N GLU A 9 9.40 0.36 -14.09
CA GLU A 9 9.94 1.69 -13.81
C GLU A 9 8.81 2.65 -13.45
N LYS A 10 7.61 2.12 -13.39
CA LYS A 10 6.43 2.91 -13.05
C LYS A 10 5.47 2.06 -12.23
N LEU A 11 5.95 1.62 -11.08
CA LEU A 11 5.14 0.80 -10.20
C LEU A 11 4.60 1.67 -9.06
N PRO A 12 3.44 1.22 -8.49
CA PRO A 12 2.81 1.94 -7.41
C PRO A 12 3.57 1.75 -6.10
N TYR A 13 3.71 2.85 -5.37
CA TYR A 13 4.42 2.82 -4.11
C TYR A 13 3.61 3.52 -3.01
N LEU A 14 3.99 3.25 -1.77
CA LEU A 14 3.32 3.84 -0.63
C LEU A 14 4.29 4.76 0.11
N VAL A 15 4.03 6.06 0.00
CA VAL A 15 4.88 7.05 0.66
C VAL A 15 4.29 7.37 2.03
N GLU A 16 4.91 6.80 3.05
CA GLU A 16 4.47 7.03 4.42
C GLU A 16 4.20 8.52 4.65
N LEU A 17 3.05 8.78 5.27
CA LEU A 17 2.66 10.15 5.55
C LEU A 17 2.52 10.34 7.06
N SER A 18 2.51 11.59 7.47
CA SER A 18 2.39 11.92 8.89
C SER A 18 1.19 11.18 9.49
N PRO A 19 1.05 11.32 10.84
CA PRO A 19 -0.04 10.67 11.55
C PRO A 19 -1.35 11.41 11.31
N ASP A 20 -1.25 12.54 10.62
CA ASP A 20 -2.42 13.34 10.32
C ASP A 20 -2.72 13.26 8.82
N GLY A 21 -1.76 12.71 8.09
CA GLY A 21 -1.90 12.57 6.65
C GLY A 21 -1.32 13.78 5.92
N SER A 22 -0.17 14.23 6.41
CA SER A 22 0.49 15.38 5.82
C SER A 22 1.93 15.00 5.42
N ASP A 23 2.50 15.81 4.55
CA ASP A 23 3.85 15.58 4.08
C ASP A 23 4.83 16.29 5.01
N SER A 24 5.53 15.49 5.81
CA SER A 24 6.50 16.03 6.75
C SER A 24 7.53 16.88 6.01
N ARG A 25 8.46 17.43 6.77
CA ARG A 25 9.51 18.26 6.20
C ARG A 25 10.75 17.42 5.90
N ASP A 26 10.56 16.11 5.90
CA ASP A 26 11.66 15.19 5.63
C ASP A 26 11.25 14.23 4.52
N LYS A 27 12.14 13.29 4.24
CA LYS A 27 11.88 12.30 3.20
C LYS A 27 11.30 11.04 3.84
N PRO A 28 10.00 10.79 3.55
CA PRO A 28 9.31 9.63 4.09
C PRO A 28 9.75 8.35 3.37
N LYS A 29 9.49 7.23 4.01
CA LYS A 29 9.85 5.93 3.44
C LYS A 29 8.98 5.66 2.20
N LEU A 30 9.54 4.87 1.30
CA LEU A 30 8.83 4.53 0.08
C LEU A 30 8.87 3.01 -0.13
N TYR A 31 7.75 2.48 -0.56
CA TYR A 31 7.65 1.05 -0.80
C TYR A 31 7.02 0.76 -2.17
N ARG A 32 7.89 0.51 -3.14
CA ARG A 32 7.44 0.22 -4.49
C ARG A 32 6.75 -1.15 -4.54
N LEU A 33 5.45 -1.11 -4.75
CA LEU A 33 4.67 -2.34 -4.82
C LEU A 33 4.94 -3.03 -6.15
N GLN A 34 5.97 -3.88 -6.14
CA GLN A 34 6.35 -4.62 -7.33
C GLN A 34 5.32 -5.71 -7.63
N LEU A 35 5.30 -6.12 -8.89
CA LEU A 35 4.38 -7.16 -9.32
C LEU A 35 4.27 -8.23 -8.24
N SER A 36 3.16 -8.96 -8.28
CA SER A 36 2.93 -10.02 -7.30
C SER A 36 2.29 -9.43 -6.04
N VAL A 37 1.73 -10.33 -5.24
CA VAL A 37 1.08 -9.92 -4.00
C VAL A 37 2.15 -9.48 -2.99
N THR A 38 1.85 -8.40 -2.30
CA THR A 38 2.77 -7.86 -1.30
C THR A 38 2.10 -7.82 0.07
N GLU A 39 2.49 -8.78 0.91
CA GLU A 39 1.93 -8.86 2.25
C GLU A 39 2.50 -7.74 3.13
N VAL A 40 1.63 -7.17 3.94
CA VAL A 40 2.02 -6.09 4.83
C VAL A 40 1.90 -6.56 6.28
N GLY A 41 2.47 -5.76 7.17
CA GLY A 41 2.43 -6.08 8.59
C GLY A 41 3.83 -6.05 9.20
N THR A 42 4.00 -6.85 10.24
CA THR A 42 5.29 -6.94 10.91
C THR A 42 6.02 -8.23 10.54
N GLU A 43 5.24 -9.17 10.00
CA GLU A 43 5.80 -10.44 9.59
C GLU A 43 6.48 -10.32 8.23
N LYS A 44 7.39 -11.25 7.97
CA LYS A 44 8.12 -11.25 6.72
C LYS A 44 7.69 -12.46 5.88
N PHE A 45 6.78 -12.20 4.96
CA PHE A 45 6.28 -13.26 4.09
C PHE A 45 7.15 -13.40 2.84
N ASP A 46 7.27 -12.31 2.12
CA ASP A 46 8.07 -12.30 0.90
C ASP A 46 9.40 -11.58 1.17
N ASP A 47 10.35 -11.82 0.28
CA ASP A 47 11.67 -11.21 0.41
C ASP A 47 11.53 -9.69 0.30
N ASN A 48 10.64 -9.27 -0.59
CA ASN A 48 10.41 -7.85 -0.81
C ASN A 48 9.00 -7.50 -0.35
N SER A 49 8.75 -7.72 0.94
CA SER A 49 7.44 -7.44 1.50
C SER A 49 7.51 -6.15 2.33
N ILE A 50 6.35 -5.74 2.81
CA ILE A 50 6.26 -4.53 3.62
C ILE A 50 6.32 -4.89 5.10
N GLN A 51 7.34 -4.37 5.77
CA GLN A 51 7.53 -4.63 7.18
C GLN A 51 7.29 -3.35 8.00
N LEU A 52 6.09 -3.25 8.55
CA LEU A 52 5.73 -2.10 9.35
C LEU A 52 5.78 -2.47 10.84
N PHE A 53 6.21 -1.52 11.64
CA PHE A 53 6.31 -1.73 13.07
C PHE A 53 5.64 -0.60 13.85
N GLY A 54 4.54 -0.95 14.51
CA GLY A 54 3.80 0.03 15.28
C GLY A 54 2.95 -0.65 16.35
N PRO A 55 2.57 0.15 17.38
CA PRO A 55 1.76 -0.37 18.48
C PRO A 55 0.31 -0.57 18.04
N GLY A 56 -0.03 -1.82 17.77
CA GLY A 56 -1.38 -2.16 17.35
C GLY A 56 -1.38 -2.72 15.93
N ILE A 57 -0.19 -3.10 15.47
CA ILE A 57 -0.05 -3.65 14.14
C ILE A 57 0.01 -5.18 14.23
N GLN A 58 -0.41 -5.82 13.15
CA GLN A 58 -0.41 -7.27 13.10
C GLN A 58 0.62 -7.77 12.08
N PRO A 59 0.77 -9.11 12.02
CA PRO A 59 1.71 -9.72 11.09
C PRO A 59 1.17 -9.69 9.66
N HIS A 60 -0.06 -10.16 9.52
CA HIS A 60 -0.71 -10.19 8.22
C HIS A 60 -1.79 -9.11 8.15
N HIS A 61 -1.35 -7.88 7.94
CA HIS A 61 -2.26 -6.76 7.86
C HIS A 61 -3.08 -6.86 6.57
N CYS A 62 -2.41 -6.63 5.46
CA CYS A 62 -3.05 -6.69 4.15
C CYS A 62 -2.01 -7.09 3.11
N ASP A 63 -2.50 -7.42 1.93
CA ASP A 63 -1.62 -7.82 0.84
C ASP A 63 -1.92 -6.96 -0.39
N LEU A 64 -0.89 -6.28 -0.87
CA LEU A 64 -1.03 -5.42 -2.03
C LEU A 64 -0.77 -6.25 -3.29
N THR A 65 -1.81 -6.37 -4.10
CA THR A 65 -1.71 -7.14 -5.33
C THR A 65 -1.92 -6.22 -6.55
N ASN A 66 -0.88 -6.14 -7.37
CA ASN A 66 -0.94 -5.30 -8.55
C ASN A 66 -1.41 -6.14 -9.74
N MET A 67 -2.66 -5.90 -10.14
CA MET A 67 -3.23 -6.62 -11.25
C MET A 67 -3.62 -5.66 -12.39
N ASP A 68 -2.73 -5.57 -13.37
CA ASP A 68 -2.96 -4.70 -14.50
C ASP A 68 -2.93 -3.24 -14.04
N GLY A 69 -1.74 -2.80 -13.66
CA GLY A 69 -1.57 -1.44 -13.20
C GLY A 69 -2.66 -1.05 -12.21
N VAL A 70 -3.18 -2.06 -11.53
CA VAL A 70 -4.23 -1.83 -10.54
C VAL A 70 -3.87 -2.55 -9.24
N VAL A 71 -4.04 -1.83 -8.14
CA VAL A 71 -3.74 -2.38 -6.83
C VAL A 71 -4.97 -2.27 -5.94
N THR A 72 -5.21 -3.32 -5.17
CA THR A 72 -6.35 -3.35 -4.26
C THR A 72 -5.91 -3.84 -2.88
N VAL A 73 -6.22 -3.04 -1.88
CA VAL A 73 -5.87 -3.38 -0.51
C VAL A 73 -6.75 -4.54 -0.04
N THR A 74 -6.09 -5.60 0.41
CA THR A 74 -6.80 -6.78 0.88
C THR A 74 -6.39 -7.10 2.32
N PRO A 75 -7.32 -6.77 3.26
CA PRO A 75 -7.06 -7.02 4.67
C PRO A 75 -7.19 -8.51 5.00
N ARG A 76 -6.07 -9.10 5.37
CA ARG A 76 -6.04 -10.52 5.71
C ARG A 76 -6.58 -10.73 7.12
N SER A 77 -6.52 -9.67 7.92
CA SER A 77 -6.99 -9.74 9.30
C SER A 77 -7.98 -8.59 9.55
N MET A 78 -9.10 -8.95 10.16
CA MET A 78 -10.12 -7.98 10.48
C MET A 78 -9.64 -7.00 11.56
N ASP A 79 -8.87 -7.53 12.49
CA ASP A 79 -8.34 -6.73 13.58
C ASP A 79 -7.48 -5.60 12.99
N ALA A 80 -6.71 -5.96 11.98
CA ALA A 80 -5.83 -5.00 11.32
C ALA A 80 -6.68 -3.90 10.68
N GLU A 81 -6.79 -2.79 11.40
CA GLU A 81 -7.57 -1.66 10.91
C GLU A 81 -6.88 -1.04 9.69
N THR A 82 -7.61 -1.03 8.58
CA THR A 82 -7.10 -0.48 7.35
C THR A 82 -8.08 0.53 6.76
N TYR A 83 -7.69 1.80 6.81
CA TYR A 83 -8.53 2.86 6.30
C TYR A 83 -7.89 3.52 5.07
N VAL A 84 -8.59 3.42 3.95
CA VAL A 84 -8.10 4.00 2.71
C VAL A 84 -8.65 5.42 2.57
N ASP A 85 -7.87 6.38 3.06
CA ASP A 85 -8.26 7.77 2.99
C ASP A 85 -9.25 8.07 4.12
N GLY A 86 -9.00 7.47 5.26
CA GLY A 86 -9.86 7.66 6.42
C GLY A 86 -11.15 6.84 6.30
N GLN A 87 -11.09 5.85 5.42
CA GLN A 87 -12.25 4.99 5.19
C GLN A 87 -11.85 3.52 5.33
N ARG A 88 -12.43 2.87 6.33
CA ARG A 88 -12.15 1.47 6.58
C ARG A 88 -12.69 0.61 5.44
N ILE A 89 -12.07 -0.54 5.27
CA ILE A 89 -12.49 -1.47 4.23
C ILE A 89 -12.89 -2.81 4.87
N SER A 90 -13.55 -3.63 4.07
CA SER A 90 -14.00 -4.93 4.53
C SER A 90 -13.69 -5.99 3.47
N GLU A 91 -12.93 -5.60 2.48
CA GLU A 91 -12.56 -6.50 1.40
C GLU A 91 -11.66 -5.79 0.39
N THR A 92 -11.36 -6.49 -0.69
CA THR A 92 -10.51 -5.95 -1.73
C THR A 92 -11.04 -4.58 -2.18
N THR A 93 -10.32 -3.55 -1.78
CA THR A 93 -10.69 -2.19 -2.13
C THR A 93 -9.66 -1.57 -3.07
N MET A 94 -10.11 -1.22 -4.26
CA MET A 94 -9.24 -0.61 -5.24
C MET A 94 -8.50 0.60 -4.67
N LEU A 95 -7.23 0.70 -5.02
CA LEU A 95 -6.41 1.80 -4.54
C LEU A 95 -6.15 2.78 -5.70
N GLN A 96 -6.13 4.06 -5.35
CA GLN A 96 -5.89 5.10 -6.34
C GLN A 96 -4.78 6.04 -5.87
N SER A 97 -4.13 6.66 -6.84
CA SER A 97 -3.05 7.58 -6.55
C SER A 97 -3.57 8.76 -5.73
N GLY A 98 -2.94 8.97 -4.58
CA GLY A 98 -3.32 10.06 -3.70
C GLY A 98 -4.02 9.52 -2.44
N MET A 99 -4.76 8.43 -2.63
CA MET A 99 -5.47 7.81 -1.53
C MET A 99 -4.52 7.47 -0.39
N ARG A 100 -4.96 7.78 0.82
CA ARG A 100 -4.16 7.51 2.00
C ARG A 100 -4.47 6.11 2.54
N LEU A 101 -3.55 5.61 3.34
CA LEU A 101 -3.71 4.29 3.94
C LEU A 101 -3.25 4.32 5.39
N GLN A 102 -4.23 4.26 6.28
CA GLN A 102 -3.94 4.28 7.71
C GLN A 102 -3.88 2.86 8.26
N PHE A 103 -2.71 2.49 8.74
CA PHE A 103 -2.51 1.16 9.30
C PHE A 103 -2.33 1.22 10.82
N GLY A 104 -3.38 0.79 11.52
CA GLY A 104 -3.36 0.80 12.97
C GLY A 104 -3.38 2.23 13.51
N THR A 105 -4.10 3.08 12.82
CA THR A 105 -4.22 4.47 13.22
C THR A 105 -2.89 4.98 13.78
N SER A 106 -1.85 4.85 12.96
CA SER A 106 -0.53 5.29 13.35
C SER A 106 0.40 5.34 12.13
N HIS A 107 0.30 4.30 11.32
CA HIS A 107 1.12 4.21 10.12
C HIS A 107 0.28 4.61 8.90
N VAL A 108 0.37 5.88 8.55
CA VAL A 108 -0.37 6.40 7.41
C VAL A 108 0.55 6.44 6.19
N PHE A 109 0.02 6.00 5.06
CA PHE A 109 0.77 5.99 3.82
C PHE A 109 -0.07 6.50 2.66
N LYS A 110 0.63 7.02 1.65
CA LYS A 110 -0.04 7.55 0.48
C LYS A 110 0.39 6.76 -0.75
N PHE A 111 -0.59 6.13 -1.39
CA PHE A 111 -0.33 5.34 -2.58
C PHE A 111 -0.35 6.21 -3.84
N VAL A 112 0.66 6.01 -4.67
CA VAL A 112 0.77 6.76 -5.91
C VAL A 112 1.07 5.81 -7.06
N ASP A 113 0.48 6.11 -8.21
CA ASP A 113 0.67 5.29 -9.40
C ASP A 113 1.45 6.09 -10.44
N PRO A 114 2.75 5.72 -10.58
CA PRO A 114 3.61 6.39 -11.55
C PRO A 114 3.29 5.94 -12.97
N SER A 115 2.53 4.86 -13.06
CA SER A 115 2.14 4.32 -14.36
C SER A 115 1.35 5.37 -15.14
N GLY A 116 0.38 5.96 -14.46
CA GLY A 116 -0.46 6.97 -15.09
C GLY A 116 -1.94 6.58 -15.03
N PRO A 117 -2.79 7.61 -14.83
CA PRO A 117 -4.24 7.39 -14.75
C PRO A 117 -4.83 7.11 -16.13
N SER A 118 -4.51 5.94 -16.66
CA SER A 118 -5.00 5.54 -17.97
C SER A 118 -4.68 6.63 -18.99
N SER A 119 -3.50 6.53 -19.58
CA SER A 119 -3.07 7.49 -20.57
C SER A 119 -2.92 8.87 -19.94
N GLY A 120 -1.91 9.60 -20.39
CA GLY A 120 -1.65 10.93 -19.87
C GLY A 120 -0.15 11.19 -19.73
N GLY A 1 -5.67 -5.15 -27.83
CA GLY A 1 -6.09 -3.86 -27.33
C GLY A 1 -4.91 -3.11 -26.70
N SER A 2 -4.92 -1.79 -26.86
CA SER A 2 -3.87 -0.96 -26.32
C SER A 2 -4.42 -0.11 -25.17
N SER A 3 -3.68 -0.11 -24.07
CA SER A 3 -4.08 0.64 -22.89
C SER A 3 -2.87 1.41 -22.34
N GLY A 4 -1.85 0.66 -21.99
CA GLY A 4 -0.64 1.25 -21.44
C GLY A 4 0.29 0.18 -20.87
N SER A 5 1.58 0.38 -21.09
CA SER A 5 2.58 -0.56 -20.61
C SER A 5 2.90 -0.28 -19.14
N SER A 6 3.59 -1.23 -18.52
CA SER A 6 3.96 -1.09 -17.13
C SER A 6 5.34 -1.72 -16.89
N GLY A 7 6.34 -0.85 -16.78
CA GLY A 7 7.70 -1.29 -16.55
C GLY A 7 8.04 -1.28 -15.07
N PRO A 8 9.35 -1.48 -14.77
CA PRO A 8 9.82 -1.48 -13.40
C PRO A 8 9.86 -0.07 -12.83
N GLU A 9 9.94 0.90 -13.72
CA GLU A 9 9.98 2.29 -13.32
C GLU A 9 8.62 2.95 -13.53
N LYS A 10 7.58 2.24 -13.11
CA LYS A 10 6.23 2.74 -13.24
C LYS A 10 5.29 1.92 -12.36
N LEU A 11 5.85 1.43 -11.25
CA LEU A 11 5.08 0.62 -10.32
C LEU A 11 4.56 1.52 -9.19
N PRO A 12 3.44 1.07 -8.58
CA PRO A 12 2.83 1.81 -7.48
C PRO A 12 3.65 1.66 -6.19
N TYR A 13 3.70 2.74 -5.43
CA TYR A 13 4.44 2.75 -4.19
C TYR A 13 3.63 3.42 -3.07
N LEU A 14 4.03 3.14 -1.84
CA LEU A 14 3.36 3.71 -0.69
C LEU A 14 4.33 4.59 0.09
N VAL A 15 4.11 5.89 0.00
CA VAL A 15 4.96 6.84 0.70
C VAL A 15 4.36 7.15 2.07
N GLU A 16 4.99 6.60 3.09
CA GLU A 16 4.53 6.81 4.46
C GLU A 16 4.29 8.29 4.71
N LEU A 17 3.13 8.58 5.29
CA LEU A 17 2.76 9.95 5.59
C LEU A 17 2.58 10.11 7.11
N SER A 18 2.58 11.36 7.55
CA SER A 18 2.42 11.66 8.96
C SER A 18 1.17 10.94 9.50
N PRO A 19 1.02 11.01 10.85
CA PRO A 19 -0.12 10.39 11.51
C PRO A 19 -1.39 11.21 11.29
N ASP A 20 -1.23 12.34 10.62
CA ASP A 20 -2.35 13.21 10.34
C ASP A 20 -2.62 13.22 8.84
N GLY A 21 -1.73 12.56 8.10
CA GLY A 21 -1.87 12.48 6.66
C GLY A 21 -1.16 13.65 5.98
N SER A 22 -0.01 14.02 6.54
CA SER A 22 0.77 15.12 6.00
C SER A 22 2.15 14.63 5.57
N ASP A 23 2.78 15.40 4.70
CA ASP A 23 4.11 15.05 4.21
C ASP A 23 5.07 16.20 4.51
N SER A 24 5.45 16.29 5.77
CA SER A 24 6.38 17.34 6.21
C SER A 24 7.21 16.84 7.39
N ARG A 25 7.86 15.71 7.18
CA ARG A 25 8.69 15.11 8.22
C ARG A 25 9.89 14.39 7.60
N ASP A 26 10.66 15.14 6.82
CA ASP A 26 11.83 14.60 6.15
C ASP A 26 11.38 13.56 5.12
N LYS A 27 12.37 12.99 4.44
CA LYS A 27 12.08 12.00 3.41
C LYS A 27 11.46 10.77 4.06
N PRO A 28 10.17 10.54 3.74
CA PRO A 28 9.45 9.40 4.29
C PRO A 28 9.88 8.10 3.60
N LYS A 29 9.52 6.99 4.23
CA LYS A 29 9.86 5.69 3.70
C LYS A 29 9.06 5.45 2.41
N LEU A 30 9.65 4.63 1.54
CA LEU A 30 9.00 4.31 0.27
C LEU A 30 9.02 2.80 0.07
N TYR A 31 8.01 2.32 -0.65
CA TYR A 31 7.90 0.90 -0.93
C TYR A 31 7.23 0.66 -2.29
N ARG A 32 8.06 0.34 -3.27
CA ARG A 32 7.57 0.09 -4.60
C ARG A 32 6.87 -1.27 -4.66
N LEU A 33 5.55 -1.21 -4.86
CA LEU A 33 4.75 -2.42 -4.93
C LEU A 33 5.02 -3.12 -6.27
N GLN A 34 6.02 -3.98 -6.26
CA GLN A 34 6.39 -4.72 -7.45
C GLN A 34 5.35 -5.80 -7.76
N LEU A 35 5.33 -6.23 -9.00
CA LEU A 35 4.39 -7.26 -9.43
C LEU A 35 4.27 -8.32 -8.33
N SER A 36 3.15 -9.02 -8.35
CA SER A 36 2.90 -10.06 -7.37
C SER A 36 2.28 -9.45 -6.11
N VAL A 37 1.69 -10.31 -5.29
CA VAL A 37 1.07 -9.88 -4.06
C VAL A 37 2.15 -9.39 -3.09
N THR A 38 1.78 -8.41 -2.28
CA THR A 38 2.71 -7.85 -1.31
C THR A 38 2.04 -7.76 0.07
N GLU A 39 2.42 -8.70 0.93
CA GLU A 39 1.87 -8.74 2.28
C GLU A 39 2.47 -7.60 3.12
N VAL A 40 1.59 -6.96 3.88
CA VAL A 40 2.01 -5.86 4.74
C VAL A 40 1.85 -6.27 6.20
N GLY A 41 2.41 -5.45 7.07
CA GLY A 41 2.34 -5.71 8.50
C GLY A 41 3.73 -5.66 9.15
N THR A 42 3.91 -6.49 10.16
CA THR A 42 5.18 -6.55 10.87
C THR A 42 5.87 -7.88 10.62
N GLU A 43 5.29 -8.66 9.70
CA GLU A 43 5.84 -9.96 9.37
C GLU A 43 6.53 -9.91 8.00
N LYS A 44 7.14 -11.02 7.64
CA LYS A 44 7.84 -11.12 6.37
C LYS A 44 7.36 -12.37 5.63
N PHE A 45 6.62 -12.13 4.55
CA PHE A 45 6.09 -13.22 3.75
C PHE A 45 6.89 -13.37 2.45
N ASP A 46 6.74 -12.37 1.59
CA ASP A 46 7.44 -12.39 0.31
C ASP A 46 8.88 -11.94 0.51
N ASP A 47 9.55 -11.67 -0.60
CA ASP A 47 10.94 -11.24 -0.56
C ASP A 47 10.99 -9.74 -0.20
N ASN A 48 10.13 -8.99 -0.86
CA ASN A 48 10.07 -7.55 -0.63
C ASN A 48 8.70 -7.20 -0.02
N SER A 49 8.46 -7.74 1.16
CA SER A 49 7.21 -7.49 1.86
C SER A 49 7.32 -6.21 2.70
N ILE A 50 6.19 -5.54 2.85
CA ILE A 50 6.14 -4.31 3.64
C ILE A 50 6.23 -4.66 5.13
N GLN A 51 7.33 -4.25 5.74
CA GLN A 51 7.54 -4.50 7.14
C GLN A 51 7.43 -3.21 7.94
N LEU A 52 6.42 -3.18 8.80
CA LEU A 52 6.17 -2.01 9.63
C LEU A 52 6.07 -2.44 11.10
N PHE A 53 6.12 -1.44 11.97
CA PHE A 53 6.05 -1.70 13.40
C PHE A 53 5.29 -0.58 14.12
N GLY A 54 4.23 -0.96 14.80
CA GLY A 54 3.42 0.00 15.54
C GLY A 54 2.58 -0.70 16.62
N PRO A 55 2.17 0.11 17.64
CA PRO A 55 1.38 -0.42 18.73
C PRO A 55 -0.06 -0.66 18.28
N GLY A 56 -0.31 -1.87 17.79
CA GLY A 56 -1.63 -2.23 17.34
C GLY A 56 -1.58 -2.85 15.94
N ILE A 57 -0.38 -2.85 15.37
CA ILE A 57 -0.19 -3.40 14.04
C ILE A 57 -0.11 -4.93 14.13
N GLN A 58 -0.49 -5.56 13.04
CA GLN A 58 -0.47 -7.02 12.97
C GLN A 58 0.57 -7.49 11.96
N PRO A 59 0.74 -8.85 11.89
CA PRO A 59 1.69 -9.43 10.97
C PRO A 59 1.17 -9.39 9.54
N HIS A 60 -0.03 -9.92 9.36
CA HIS A 60 -0.65 -9.95 8.05
C HIS A 60 -1.75 -8.89 7.97
N HIS A 61 -1.32 -7.64 7.81
CA HIS A 61 -2.25 -6.53 7.73
C HIS A 61 -3.07 -6.65 6.43
N CYS A 62 -2.40 -6.40 5.32
CA CYS A 62 -3.06 -6.48 4.02
C CYS A 62 -2.02 -6.92 3.00
N ASP A 63 -2.53 -7.31 1.83
CA ASP A 63 -1.66 -7.76 0.75
C ASP A 63 -1.91 -6.91 -0.49
N LEU A 64 -0.88 -6.18 -0.89
CA LEU A 64 -0.97 -5.32 -2.05
C LEU A 64 -0.67 -6.14 -3.31
N THR A 65 -1.70 -6.31 -4.13
CA THR A 65 -1.57 -7.06 -5.36
C THR A 65 -1.76 -6.15 -6.57
N ASN A 66 -0.74 -6.10 -7.42
CA ASN A 66 -0.79 -5.28 -8.61
C ASN A 66 -1.27 -6.13 -9.79
N MET A 67 -2.51 -5.88 -10.20
CA MET A 67 -3.09 -6.60 -11.31
C MET A 67 -3.48 -5.67 -12.44
N ASP A 68 -2.60 -5.59 -13.44
CA ASP A 68 -2.83 -4.73 -14.58
C ASP A 68 -2.77 -3.28 -14.14
N GLY A 69 -1.61 -2.89 -13.63
CA GLY A 69 -1.42 -1.53 -13.16
C GLY A 69 -2.51 -1.12 -12.18
N VAL A 70 -3.10 -2.12 -11.55
CA VAL A 70 -4.17 -1.88 -10.58
C VAL A 70 -3.81 -2.57 -9.26
N VAL A 71 -4.03 -1.84 -8.17
CA VAL A 71 -3.74 -2.36 -6.86
C VAL A 71 -4.98 -2.26 -5.97
N THR A 72 -5.24 -3.32 -5.22
CA THR A 72 -6.39 -3.35 -4.34
C THR A 72 -5.98 -3.82 -2.95
N VAL A 73 -6.22 -2.96 -1.98
CA VAL A 73 -5.89 -3.27 -0.59
C VAL A 73 -6.80 -4.39 -0.09
N THR A 74 -6.16 -5.45 0.39
CA THR A 74 -6.90 -6.60 0.91
C THR A 74 -6.41 -6.95 2.32
N PRO A 75 -7.29 -6.65 3.31
CA PRO A 75 -6.96 -6.94 4.70
C PRO A 75 -7.08 -8.43 4.99
N ARG A 76 -5.93 -9.04 5.28
CA ARG A 76 -5.90 -10.46 5.59
C ARG A 76 -6.46 -10.72 6.98
N SER A 77 -6.43 -9.68 7.80
CA SER A 77 -6.94 -9.79 9.15
C SER A 77 -7.90 -8.63 9.44
N MET A 78 -8.97 -8.96 10.15
CA MET A 78 -9.97 -7.96 10.50
C MET A 78 -9.43 -7.00 11.54
N ASP A 79 -8.77 -7.55 12.55
CA ASP A 79 -8.20 -6.75 13.62
C ASP A 79 -7.39 -5.60 13.01
N ALA A 80 -6.73 -5.90 11.90
CA ALA A 80 -5.92 -4.91 11.20
C ALA A 80 -6.84 -3.84 10.61
N GLU A 81 -6.83 -2.68 11.25
CA GLU A 81 -7.64 -1.57 10.80
C GLU A 81 -6.98 -0.87 9.61
N THR A 82 -7.64 -0.96 8.47
CA THR A 82 -7.12 -0.33 7.25
C THR A 82 -8.13 0.69 6.71
N TYR A 83 -7.79 1.95 6.90
CA TYR A 83 -8.65 3.03 6.44
C TYR A 83 -8.06 3.71 5.21
N VAL A 84 -8.77 3.59 4.09
CA VAL A 84 -8.32 4.18 2.85
C VAL A 84 -8.82 5.62 2.76
N ASP A 85 -7.99 6.54 3.25
CA ASP A 85 -8.33 7.95 3.24
C ASP A 85 -9.37 8.22 4.33
N GLY A 86 -9.26 7.45 5.41
CA GLY A 86 -10.17 7.60 6.53
C GLY A 86 -11.42 6.74 6.33
N GLN A 87 -11.28 5.73 5.49
CA GLN A 87 -12.38 4.83 5.21
C GLN A 87 -11.95 3.38 5.40
N ARG A 88 -12.50 2.76 6.44
CA ARG A 88 -12.17 1.38 6.75
C ARG A 88 -12.80 0.45 5.71
N ILE A 89 -11.99 -0.48 5.22
CA ILE A 89 -12.45 -1.43 4.23
C ILE A 89 -12.82 -2.75 4.93
N SER A 90 -13.47 -3.62 4.17
CA SER A 90 -13.88 -4.91 4.70
C SER A 90 -13.57 -6.01 3.68
N GLU A 91 -12.82 -5.64 2.66
CA GLU A 91 -12.43 -6.59 1.63
C GLU A 91 -11.51 -5.91 0.60
N THR A 92 -11.19 -6.66 -0.44
CA THR A 92 -10.32 -6.16 -1.49
C THR A 92 -10.88 -4.85 -2.06
N THR A 93 -10.27 -3.75 -1.62
CA THR A 93 -10.70 -2.43 -2.09
C THR A 93 -9.64 -1.83 -3.00
N MET A 94 -10.10 -1.33 -4.14
CA MET A 94 -9.21 -0.72 -5.11
C MET A 94 -8.49 0.49 -4.52
N LEU A 95 -7.29 0.73 -5.01
CA LEU A 95 -6.49 1.85 -4.55
C LEU A 95 -6.27 2.83 -5.69
N GLN A 96 -6.22 4.11 -5.33
CA GLN A 96 -6.00 5.16 -6.32
C GLN A 96 -4.94 6.14 -5.84
N SER A 97 -4.17 6.64 -6.80
CA SER A 97 -3.11 7.58 -6.48
C SER A 97 -3.67 8.74 -5.65
N GLY A 98 -3.00 9.00 -4.53
CA GLY A 98 -3.42 10.07 -3.64
C GLY A 98 -4.09 9.52 -2.39
N MET A 99 -4.86 8.46 -2.58
CA MET A 99 -5.55 7.82 -1.47
C MET A 99 -4.59 7.48 -0.34
N ARG A 100 -5.02 7.75 0.87
CA ARG A 100 -4.21 7.47 2.05
C ARG A 100 -4.50 6.07 2.58
N LEU A 101 -3.51 5.52 3.28
CA LEU A 101 -3.65 4.20 3.85
C LEU A 101 -3.18 4.21 5.31
N GLN A 102 -4.14 4.10 6.21
CA GLN A 102 -3.84 4.10 7.62
C GLN A 102 -3.91 2.68 8.19
N PHE A 103 -2.74 2.13 8.47
CA PHE A 103 -2.64 0.79 9.00
C PHE A 103 -2.62 0.81 10.53
N GLY A 104 -3.79 0.60 11.12
CA GLY A 104 -3.92 0.58 12.56
C GLY A 104 -4.43 1.93 13.07
N THR A 105 -3.47 2.77 13.48
CA THR A 105 -3.80 4.09 14.00
C THR A 105 -2.54 4.82 14.43
N SER A 106 -1.63 4.97 13.49
CA SER A 106 -0.37 5.65 13.76
C SER A 106 0.49 5.71 12.48
N HIS A 107 0.44 4.62 11.74
CA HIS A 107 1.20 4.52 10.50
C HIS A 107 0.28 4.77 9.31
N VAL A 108 0.60 5.82 8.56
CA VAL A 108 -0.19 6.17 7.39
C VAL A 108 0.72 6.21 6.16
N PHE A 109 0.13 5.84 5.03
CA PHE A 109 0.87 5.82 3.77
C PHE A 109 0.01 6.36 2.62
N LYS A 110 0.69 6.95 1.64
CA LYS A 110 0.00 7.50 0.49
C LYS A 110 0.40 6.72 -0.76
N PHE A 111 -0.60 6.10 -1.38
CA PHE A 111 -0.37 5.31 -2.58
C PHE A 111 -0.43 6.19 -3.83
N VAL A 112 0.53 5.96 -4.71
CA VAL A 112 0.61 6.72 -5.95
C VAL A 112 0.86 5.76 -7.11
N ASP A 113 0.32 6.13 -8.27
CA ASP A 113 0.47 5.32 -9.46
C ASP A 113 1.29 6.10 -10.49
N PRO A 114 2.58 5.71 -10.62
CA PRO A 114 3.47 6.36 -11.56
C PRO A 114 3.17 5.91 -12.99
N SER A 115 2.30 4.92 -13.10
CA SER A 115 1.93 4.39 -14.40
C SER A 115 1.28 5.49 -15.24
N GLY A 116 0.36 6.21 -14.61
CA GLY A 116 -0.33 7.30 -15.29
C GLY A 116 0.33 8.65 -15.00
N PRO A 117 -0.54 9.65 -14.70
CA PRO A 117 -0.04 10.99 -14.39
C PRO A 117 0.55 11.05 -12.98
N SER A 118 1.80 11.50 -12.92
CA SER A 118 2.49 11.61 -11.65
C SER A 118 3.68 12.57 -11.79
N SER A 119 4.54 12.27 -12.74
CA SER A 119 5.72 13.10 -12.98
C SER A 119 5.44 14.07 -14.13
N GLY A 120 6.22 15.13 -14.16
CA GLY A 120 6.07 16.14 -15.20
C GLY A 120 7.22 16.05 -16.20
N GLY A 1 9.81 2.05 -32.91
CA GLY A 1 8.54 1.63 -32.36
C GLY A 1 7.99 2.65 -31.37
N SER A 2 8.10 2.32 -30.09
CA SER A 2 7.63 3.21 -29.04
C SER A 2 8.80 3.67 -28.17
N SER A 3 8.58 4.77 -27.48
CA SER A 3 9.60 5.33 -26.62
C SER A 3 9.10 5.39 -25.18
N GLY A 4 9.22 4.26 -24.49
CA GLY A 4 8.78 4.17 -23.11
C GLY A 4 8.23 2.78 -22.80
N SER A 5 8.67 2.24 -21.67
CA SER A 5 8.23 0.93 -21.24
C SER A 5 7.84 0.95 -19.76
N SER A 6 6.87 0.12 -19.42
CA SER A 6 6.40 0.04 -18.05
C SER A 6 7.33 -0.86 -17.24
N GLY A 7 8.35 -0.23 -16.67
CA GLY A 7 9.32 -0.95 -15.86
C GLY A 7 9.11 -0.67 -14.37
N PRO A 8 10.24 -0.61 -13.63
CA PRO A 8 10.18 -0.35 -12.20
C PRO A 8 9.87 1.12 -11.92
N GLU A 9 10.04 1.93 -12.95
CA GLU A 9 9.78 3.36 -12.83
C GLU A 9 8.32 3.67 -13.17
N LYS A 10 7.48 2.66 -13.00
CA LYS A 10 6.06 2.80 -13.27
C LYS A 10 5.27 1.82 -12.41
N LEU A 11 5.66 1.76 -11.14
CA LEU A 11 5.00 0.86 -10.20
C LEU A 11 4.45 1.69 -9.03
N PRO A 12 3.33 1.17 -8.45
CA PRO A 12 2.70 1.84 -7.33
C PRO A 12 3.51 1.66 -6.05
N TYR A 13 3.63 2.75 -5.30
CA TYR A 13 4.37 2.72 -4.04
C TYR A 13 3.59 3.42 -2.93
N LEU A 14 4.08 3.24 -1.71
CA LEU A 14 3.44 3.85 -0.55
C LEU A 14 4.44 4.76 0.15
N VAL A 15 4.19 6.06 0.03
CA VAL A 15 5.05 7.06 0.64
C VAL A 15 4.51 7.40 2.04
N GLU A 16 5.17 6.85 3.05
CA GLU A 16 4.77 7.08 4.42
C GLU A 16 4.48 8.58 4.63
N LEU A 17 3.38 8.84 5.31
CA LEU A 17 2.98 10.21 5.59
C LEU A 17 2.95 10.42 7.11
N SER A 18 2.91 11.70 7.49
CA SER A 18 2.86 12.05 8.91
C SER A 18 1.65 11.40 9.57
N PRO A 19 1.60 11.53 10.92
CA PRO A 19 0.50 10.96 11.69
C PRO A 19 -0.77 11.80 11.52
N ASP A 20 -0.65 12.84 10.73
CA ASP A 20 -1.77 13.73 10.48
C ASP A 20 -2.14 13.68 9.00
N GLY A 21 -1.36 12.93 8.25
CA GLY A 21 -1.59 12.78 6.82
C GLY A 21 -0.99 13.96 6.05
N SER A 22 0.18 14.39 6.50
CA SER A 22 0.86 15.50 5.87
C SER A 22 2.28 15.08 5.45
N ASP A 23 2.85 15.87 4.55
CA ASP A 23 4.19 15.59 4.07
C ASP A 23 5.21 16.39 4.88
N SER A 24 6.02 15.66 5.63
CA SER A 24 7.03 16.29 6.47
C SER A 24 8.04 17.04 5.58
N ARG A 25 8.84 17.87 6.25
CA ARG A 25 9.85 18.64 5.53
C ARG A 25 11.11 17.81 5.32
N ASP A 26 10.90 16.62 4.76
CA ASP A 26 12.01 15.72 4.49
C ASP A 26 11.57 14.66 3.48
N LYS A 27 12.43 13.68 3.28
CA LYS A 27 12.15 12.60 2.34
C LYS A 27 11.62 11.39 3.12
N PRO A 28 10.30 11.12 2.93
CA PRO A 28 9.67 9.99 3.60
C PRO A 28 10.06 8.67 2.95
N LYS A 29 9.85 7.59 3.69
CA LYS A 29 10.18 6.27 3.20
C LYS A 29 9.25 5.91 2.03
N LEU A 30 9.76 5.06 1.15
CA LEU A 30 8.99 4.63 0.00
C LEU A 30 9.03 3.11 -0.11
N TYR A 31 8.08 2.57 -0.86
CA TYR A 31 8.00 1.13 -1.03
C TYR A 31 7.28 0.78 -2.35
N ARG A 32 8.08 0.44 -3.34
CA ARG A 32 7.53 0.07 -4.64
C ARG A 32 6.78 -1.26 -4.56
N LEU A 33 5.49 -1.19 -4.84
CA LEU A 33 4.65 -2.37 -4.80
C LEU A 33 4.78 -3.12 -6.13
N GLN A 34 5.86 -3.88 -6.24
CA GLN A 34 6.12 -4.65 -7.44
C GLN A 34 4.92 -5.56 -7.76
N LEU A 35 4.93 -6.09 -8.97
CA LEU A 35 3.86 -6.97 -9.40
C LEU A 35 3.99 -8.32 -8.70
N SER A 36 3.14 -8.52 -7.71
CA SER A 36 3.14 -9.76 -6.95
C SER A 36 2.19 -9.65 -5.76
N VAL A 37 2.67 -10.10 -4.61
CA VAL A 37 1.88 -10.06 -3.40
C VAL A 37 2.68 -9.38 -2.29
N THR A 38 2.32 -8.14 -2.01
CA THR A 38 2.99 -7.38 -0.98
C THR A 38 2.20 -7.42 0.34
N GLU A 39 2.66 -8.26 1.24
CA GLU A 39 2.00 -8.41 2.53
C GLU A 39 2.47 -7.31 3.49
N VAL A 40 1.50 -6.59 4.03
CA VAL A 40 1.81 -5.51 4.97
C VAL A 40 1.55 -6.00 6.39
N GLY A 41 2.29 -5.43 7.33
CA GLY A 41 2.14 -5.79 8.73
C GLY A 41 3.50 -5.81 9.44
N THR A 42 3.67 -6.80 10.29
CA THR A 42 4.91 -6.95 11.03
C THR A 42 5.58 -8.27 10.70
N GLU A 43 5.03 -8.94 9.70
CA GLU A 43 5.57 -10.23 9.26
C GLU A 43 6.32 -10.07 7.94
N LYS A 44 6.97 -11.14 7.53
CA LYS A 44 7.73 -11.13 6.29
C LYS A 44 7.25 -12.29 5.40
N PHE A 45 7.17 -11.99 4.11
CA PHE A 45 6.73 -12.99 3.15
C PHE A 45 7.57 -12.92 1.87
N ASP A 46 7.51 -11.78 1.21
CA ASP A 46 8.26 -11.58 -0.02
C ASP A 46 9.51 -10.75 0.28
N ASP A 47 10.42 -10.75 -0.68
CA ASP A 47 11.66 -10.00 -0.54
C ASP A 47 11.34 -8.50 -0.43
N ASN A 48 10.40 -8.07 -1.26
CA ASN A 48 10.00 -6.68 -1.28
C ASN A 48 8.66 -6.54 -0.57
N SER A 49 8.66 -6.88 0.71
CA SER A 49 7.45 -6.79 1.51
C SER A 49 7.49 -5.53 2.39
N ILE A 50 6.32 -5.18 2.91
CA ILE A 50 6.22 -4.01 3.76
C ILE A 50 6.16 -4.45 5.23
N GLN A 51 7.16 -4.02 5.98
CA GLN A 51 7.24 -4.36 7.39
C GLN A 51 7.05 -3.12 8.25
N LEU A 52 5.83 -2.94 8.73
CA LEU A 52 5.51 -1.80 9.57
C LEU A 52 5.44 -2.25 11.04
N PHE A 53 5.83 -1.34 11.92
CA PHE A 53 5.82 -1.62 13.34
C PHE A 53 5.10 -0.51 14.12
N GLY A 54 4.01 -0.89 14.75
CA GLY A 54 3.22 0.05 15.53
C GLY A 54 2.32 -0.68 16.53
N PRO A 55 1.83 0.10 17.53
CA PRO A 55 0.96 -0.45 18.55
C PRO A 55 -0.45 -0.69 18.00
N GLY A 56 -0.74 -1.94 17.70
CA GLY A 56 -2.03 -2.32 17.17
C GLY A 56 -1.91 -2.85 15.74
N ILE A 57 -0.70 -3.28 15.41
CA ILE A 57 -0.45 -3.82 14.09
C ILE A 57 -0.37 -5.34 14.15
N GLN A 58 -0.70 -5.97 13.04
CA GLN A 58 -0.68 -7.42 12.97
C GLN A 58 0.38 -7.88 11.96
N PRO A 59 0.52 -9.23 11.85
CA PRO A 59 1.49 -9.81 10.94
C PRO A 59 1.01 -9.71 9.49
N HIS A 60 -0.14 -10.34 9.23
CA HIS A 60 -0.71 -10.34 7.91
C HIS A 60 -1.80 -9.27 7.83
N HIS A 61 -1.37 -8.02 7.75
CA HIS A 61 -2.29 -6.90 7.68
C HIS A 61 -3.11 -7.00 6.39
N CYS A 62 -2.42 -6.82 5.27
CA CYS A 62 -3.06 -6.89 3.97
C CYS A 62 -2.01 -7.26 2.93
N ASP A 63 -2.50 -7.54 1.73
CA ASP A 63 -1.61 -7.92 0.64
C ASP A 63 -1.84 -6.98 -0.56
N LEU A 64 -0.84 -6.17 -0.83
CA LEU A 64 -0.93 -5.22 -1.94
C LEU A 64 -0.51 -5.93 -3.24
N THR A 65 -1.52 -6.41 -3.95
CA THR A 65 -1.28 -7.10 -5.21
C THR A 65 -1.54 -6.17 -6.39
N ASN A 66 -0.78 -6.38 -7.45
CA ASN A 66 -0.91 -5.57 -8.65
C ASN A 66 -1.44 -6.44 -9.79
N MET A 67 -2.69 -6.23 -10.14
CA MET A 67 -3.32 -6.98 -11.21
C MET A 67 -3.76 -6.06 -12.35
N ASP A 68 -2.91 -6.00 -13.37
CA ASP A 68 -3.20 -5.17 -14.52
C ASP A 68 -3.18 -3.69 -14.10
N GLY A 69 -1.97 -3.19 -13.91
CA GLY A 69 -1.79 -1.81 -13.50
C GLY A 69 -2.88 -1.37 -12.52
N VAL A 70 -3.34 -2.35 -11.74
CA VAL A 70 -4.38 -2.08 -10.76
C VAL A 70 -4.02 -2.78 -9.45
N VAL A 71 -4.11 -2.02 -8.37
CA VAL A 71 -3.80 -2.55 -7.05
C VAL A 71 -5.02 -2.41 -6.15
N THR A 72 -5.26 -3.46 -5.37
CA THR A 72 -6.40 -3.47 -4.46
C THR A 72 -5.96 -3.97 -3.08
N VAL A 73 -6.17 -3.10 -2.08
CA VAL A 73 -5.81 -3.44 -0.71
C VAL A 73 -6.71 -4.58 -0.22
N THR A 74 -6.06 -5.65 0.20
CA THR A 74 -6.78 -6.81 0.71
C THR A 74 -6.36 -7.12 2.13
N PRO A 75 -7.26 -6.77 3.09
CA PRO A 75 -6.99 -7.00 4.50
C PRO A 75 -7.15 -8.49 4.85
N ARG A 76 -6.03 -9.09 5.25
CA ARG A 76 -6.04 -10.50 5.61
C ARG A 76 -6.33 -10.67 7.10
N SER A 77 -6.49 -9.53 7.77
CA SER A 77 -6.77 -9.54 9.19
C SER A 77 -7.94 -8.60 9.50
N MET A 78 -8.89 -9.12 10.26
CA MET A 78 -10.06 -8.34 10.63
C MET A 78 -9.73 -7.33 11.73
N ASP A 79 -8.67 -7.63 12.47
CA ASP A 79 -8.23 -6.75 13.54
C ASP A 79 -7.38 -5.62 12.96
N ALA A 80 -6.69 -5.94 11.88
CA ALA A 80 -5.84 -4.98 11.21
C ALA A 80 -6.71 -3.87 10.61
N GLU A 81 -6.72 -2.73 11.30
CA GLU A 81 -7.50 -1.59 10.85
C GLU A 81 -6.82 -0.91 9.66
N THR A 82 -7.51 -0.93 8.53
CA THR A 82 -6.98 -0.32 7.33
C THR A 82 -7.99 0.67 6.74
N TYR A 83 -7.69 1.95 6.91
CA TYR A 83 -8.56 3.00 6.41
C TYR A 83 -7.93 3.69 5.19
N VAL A 84 -8.60 3.56 4.06
CA VAL A 84 -8.11 4.17 2.84
C VAL A 84 -8.65 5.61 2.74
N ASP A 85 -7.86 6.54 3.25
CA ASP A 85 -8.24 7.93 3.23
C ASP A 85 -9.24 8.21 4.36
N GLY A 86 -9.13 7.39 5.40
CA GLY A 86 -10.02 7.53 6.55
C GLY A 86 -11.25 6.64 6.42
N GLN A 87 -11.21 5.79 5.39
CA GLN A 87 -12.31 4.88 5.13
C GLN A 87 -11.85 3.43 5.30
N ARG A 88 -12.42 2.78 6.31
CA ARG A 88 -12.07 1.40 6.59
C ARG A 88 -12.60 0.48 5.48
N ILE A 89 -11.91 -0.63 5.29
CA ILE A 89 -12.28 -1.59 4.28
C ILE A 89 -12.57 -2.94 4.93
N SER A 90 -13.42 -3.71 4.27
CA SER A 90 -13.79 -5.03 4.77
C SER A 90 -13.45 -6.10 3.74
N GLU A 91 -12.98 -5.64 2.59
CA GLU A 91 -12.61 -6.55 1.52
C GLU A 91 -11.65 -5.86 0.55
N THR A 92 -11.36 -6.56 -0.54
CA THR A 92 -10.46 -6.04 -1.55
C THR A 92 -11.00 -4.71 -2.11
N THR A 93 -10.36 -3.63 -1.69
CA THR A 93 -10.76 -2.30 -2.13
C THR A 93 -9.70 -1.71 -3.06
N MET A 94 -10.17 -1.11 -4.14
CA MET A 94 -9.28 -0.49 -5.11
C MET A 94 -8.53 0.69 -4.49
N LEU A 95 -7.36 0.95 -5.05
CA LEU A 95 -6.54 2.06 -4.57
C LEU A 95 -6.33 3.07 -5.70
N GLN A 96 -6.26 4.33 -5.31
CA GLN A 96 -6.07 5.40 -6.28
C GLN A 96 -4.99 6.36 -5.78
N SER A 97 -4.07 6.68 -6.69
CA SER A 97 -2.98 7.60 -6.37
C SER A 97 -3.51 8.77 -5.55
N GLY A 98 -2.81 9.07 -4.46
CA GLY A 98 -3.21 10.16 -3.59
C GLY A 98 -3.92 9.64 -2.34
N MET A 99 -4.60 8.53 -2.51
CA MET A 99 -5.33 7.92 -1.41
C MET A 99 -4.38 7.57 -0.26
N ARG A 100 -4.85 7.84 0.95
CA ARG A 100 -4.06 7.55 2.13
C ARG A 100 -4.34 6.12 2.64
N LEU A 101 -3.38 5.61 3.39
CA LEU A 101 -3.51 4.26 3.94
C LEU A 101 -3.12 4.28 5.41
N GLN A 102 -4.13 4.16 6.26
CA GLN A 102 -3.91 4.15 7.70
C GLN A 102 -3.96 2.72 8.24
N PHE A 103 -2.81 2.27 8.75
CA PHE A 103 -2.72 0.94 9.29
C PHE A 103 -2.57 0.97 10.82
N GLY A 104 -3.67 0.72 11.50
CA GLY A 104 -3.68 0.72 12.96
C GLY A 104 -3.62 2.15 13.50
N THR A 105 -4.29 3.04 12.78
CA THR A 105 -4.33 4.44 13.17
C THR A 105 -2.97 4.87 13.75
N SER A 106 -1.93 4.60 12.99
CA SER A 106 -0.59 4.95 13.40
C SER A 106 0.33 5.09 12.18
N HIS A 107 0.35 4.03 11.38
CA HIS A 107 1.17 4.01 10.18
C HIS A 107 0.34 4.48 8.99
N VAL A 108 0.51 5.76 8.65
CA VAL A 108 -0.22 6.34 7.53
C VAL A 108 0.72 6.44 6.32
N PHE A 109 0.19 6.00 5.18
CA PHE A 109 0.97 6.04 3.95
C PHE A 109 0.11 6.55 2.79
N LYS A 110 0.80 7.08 1.78
CA LYS A 110 0.12 7.60 0.61
C LYS A 110 0.53 6.78 -0.62
N PHE A 111 -0.48 6.20 -1.26
CA PHE A 111 -0.24 5.39 -2.44
C PHE A 111 -0.30 6.25 -3.71
N VAL A 112 0.66 6.00 -4.59
CA VAL A 112 0.73 6.74 -5.85
C VAL A 112 0.98 5.75 -6.99
N ASP A 113 0.49 6.13 -8.17
CA ASP A 113 0.66 5.30 -9.35
C ASP A 113 1.43 6.08 -10.41
N PRO A 114 2.74 5.74 -10.54
CA PRO A 114 3.60 6.40 -11.51
C PRO A 114 3.31 5.90 -12.92
N SER A 115 2.66 4.75 -12.98
CA SER A 115 2.31 4.16 -14.27
C SER A 115 1.38 5.09 -15.04
N GLY A 116 0.32 5.51 -14.35
CA GLY A 116 -0.65 6.41 -14.96
C GLY A 116 -2.01 5.71 -15.11
N PRO A 117 -3.09 6.52 -14.92
CA PRO A 117 -4.44 5.99 -15.04
C PRO A 117 -4.82 5.77 -16.50
N SER A 118 -5.01 4.50 -16.85
CA SER A 118 -5.37 4.15 -18.21
C SER A 118 -6.26 2.90 -18.20
N SER A 119 -7.54 3.13 -18.42
CA SER A 119 -8.51 2.05 -18.44
C SER A 119 -8.37 1.21 -17.18
N GLY A 120 -9.27 1.46 -16.23
CA GLY A 120 -9.26 0.73 -14.98
C GLY A 120 -9.24 1.69 -13.78
N GLY A 1 0.45 -13.56 -21.93
CA GLY A 1 1.20 -14.37 -20.98
C GLY A 1 2.07 -13.50 -20.07
N SER A 2 2.38 -14.03 -18.90
CA SER A 2 3.21 -13.31 -17.94
C SER A 2 4.53 -12.91 -18.60
N SER A 3 4.86 -11.64 -18.44
CA SER A 3 6.10 -11.11 -19.01
C SER A 3 6.82 -10.24 -17.97
N GLY A 4 7.75 -10.86 -17.27
CA GLY A 4 8.51 -10.15 -16.25
C GLY A 4 9.13 -8.87 -16.83
N SER A 5 9.33 -7.90 -15.96
CA SER A 5 9.91 -6.63 -16.36
C SER A 5 10.39 -5.86 -15.13
N SER A 6 11.59 -5.32 -15.24
CA SER A 6 12.17 -4.55 -14.14
C SER A 6 11.95 -3.05 -14.37
N GLY A 7 10.82 -2.58 -13.88
CA GLY A 7 10.48 -1.17 -14.02
C GLY A 7 9.89 -0.61 -12.73
N PRO A 8 10.79 0.02 -11.92
CA PRO A 8 10.36 0.60 -10.65
C PRO A 8 9.59 1.91 -10.88
N GLU A 9 10.12 2.72 -11.79
CA GLU A 9 9.49 3.99 -12.10
C GLU A 9 8.22 3.77 -12.93
N LYS A 10 7.30 3.01 -12.36
CA LYS A 10 6.05 2.71 -13.05
C LYS A 10 5.11 1.97 -12.08
N LEU A 11 5.70 1.08 -11.29
CA LEU A 11 4.94 0.31 -10.34
C LEU A 11 4.44 1.24 -9.22
N PRO A 12 3.29 0.84 -8.61
CA PRO A 12 2.71 1.62 -7.53
C PRO A 12 3.49 1.47 -6.24
N TYR A 13 3.73 2.60 -5.59
CA TYR A 13 4.48 2.59 -4.34
C TYR A 13 3.68 3.29 -3.23
N LEU A 14 4.18 3.13 -2.01
CA LEU A 14 3.52 3.73 -0.86
C LEU A 14 4.49 4.72 -0.19
N VAL A 15 4.14 5.99 -0.27
CA VAL A 15 4.96 7.03 0.32
C VAL A 15 4.40 7.38 1.70
N GLU A 16 5.11 6.92 2.72
CA GLU A 16 4.70 7.19 4.09
C GLU A 16 4.38 8.67 4.28
N LEU A 17 3.31 8.93 5.01
CA LEU A 17 2.90 10.29 5.27
C LEU A 17 2.85 10.53 6.78
N SER A 18 2.78 11.81 7.15
CA SER A 18 2.74 12.17 8.55
C SER A 18 1.55 11.51 9.23
N PRO A 19 1.47 11.71 10.57
CA PRO A 19 0.38 11.14 11.35
C PRO A 19 -0.92 11.91 11.13
N ASP A 20 -0.82 12.97 10.34
CA ASP A 20 -1.97 13.80 10.04
C ASP A 20 -2.32 13.67 8.55
N GLY A 21 -1.38 13.11 7.81
CA GLY A 21 -1.57 12.91 6.39
C GLY A 21 -1.07 14.12 5.59
N SER A 22 0.04 14.67 6.07
CA SER A 22 0.64 15.83 5.42
C SER A 22 2.09 15.54 5.06
N ASP A 23 2.63 16.36 4.17
CA ASP A 23 4.01 16.20 3.74
C ASP A 23 4.91 17.08 4.58
N SER A 24 5.53 16.46 5.57
CA SER A 24 6.43 17.18 6.47
C SER A 24 7.58 17.80 5.68
N ARG A 25 8.43 18.52 6.38
CA ARG A 25 9.57 19.17 5.76
C ARG A 25 10.75 18.20 5.67
N ASP A 26 10.48 17.04 5.11
CA ASP A 26 11.51 16.02 4.97
C ASP A 26 11.09 15.02 3.88
N LYS A 27 11.98 14.07 3.62
CA LYS A 27 11.71 13.06 2.61
C LYS A 27 11.11 11.82 3.28
N PRO A 28 9.81 11.56 2.92
CA PRO A 28 9.11 10.41 3.48
C PRO A 28 9.58 9.12 2.84
N LYS A 29 9.44 8.03 3.59
CA LYS A 29 9.85 6.73 3.11
C LYS A 29 8.93 6.29 1.97
N LEU A 30 9.48 5.45 1.10
CA LEU A 30 8.72 4.95 -0.03
C LEU A 30 8.67 3.43 0.02
N TYR A 31 7.48 2.89 -0.17
CA TYR A 31 7.28 1.45 -0.14
C TYR A 31 6.73 0.95 -1.48
N ARG A 32 7.63 0.86 -2.46
CA ARG A 32 7.25 0.40 -3.78
C ARG A 32 6.49 -0.93 -3.68
N LEU A 33 5.33 -0.95 -4.33
CA LEU A 33 4.50 -2.15 -4.33
C LEU A 33 4.88 -3.02 -5.52
N GLN A 34 6.13 -3.48 -5.52
CA GLN A 34 6.62 -4.32 -6.59
C GLN A 34 5.52 -5.28 -7.06
N LEU A 35 5.51 -5.53 -8.36
CA LEU A 35 4.52 -6.43 -8.93
C LEU A 35 4.32 -7.63 -8.01
N SER A 36 3.16 -8.27 -8.17
CA SER A 36 2.83 -9.42 -7.34
C SER A 36 2.22 -8.96 -6.03
N VAL A 37 1.60 -9.91 -5.34
CA VAL A 37 0.96 -9.61 -4.07
C VAL A 37 2.04 -9.32 -3.02
N THR A 38 1.79 -8.29 -2.23
CA THR A 38 2.73 -7.89 -1.20
C THR A 38 2.06 -7.95 0.18
N GLU A 39 2.48 -8.94 0.96
CA GLU A 39 1.95 -9.14 2.29
C GLU A 39 2.42 -8.02 3.22
N VAL A 40 1.46 -7.29 3.76
CA VAL A 40 1.78 -6.18 4.67
C VAL A 40 1.67 -6.69 6.11
N GLY A 41 2.17 -5.86 7.03
CA GLY A 41 2.13 -6.20 8.43
C GLY A 41 3.54 -6.20 9.04
N THR A 42 3.69 -6.96 10.11
CA THR A 42 4.97 -7.06 10.79
C THR A 42 5.64 -8.40 10.48
N GLU A 43 4.89 -9.26 9.81
CA GLU A 43 5.38 -10.58 9.45
C GLU A 43 6.11 -10.52 8.11
N LYS A 44 7.11 -11.39 7.98
CA LYS A 44 7.89 -11.45 6.76
C LYS A 44 7.46 -12.66 5.93
N PHE A 45 6.66 -12.39 4.91
CA PHE A 45 6.17 -13.46 4.05
C PHE A 45 7.10 -13.67 2.86
N ASP A 46 7.11 -12.69 1.97
CA ASP A 46 7.94 -12.76 0.79
C ASP A 46 9.21 -11.94 1.02
N ASP A 47 10.13 -12.03 0.06
CA ASP A 47 11.38 -11.31 0.15
C ASP A 47 11.12 -9.82 -0.05
N ASN A 48 10.24 -9.52 -0.99
CA ASN A 48 9.89 -8.14 -1.29
C ASN A 48 8.50 -7.84 -0.75
N SER A 49 8.38 -7.92 0.57
CA SER A 49 7.11 -7.65 1.21
C SER A 49 7.15 -6.30 1.92
N ILE A 50 6.08 -6.01 2.65
CA ILE A 50 5.98 -4.76 3.38
C ILE A 50 5.99 -5.04 4.88
N GLN A 51 6.99 -4.50 5.56
CA GLN A 51 7.12 -4.70 7.00
C GLN A 51 6.82 -3.38 7.73
N LEU A 52 5.73 -3.39 8.46
CA LEU A 52 5.32 -2.21 9.21
C LEU A 52 5.36 -2.53 10.71
N PHE A 53 5.84 -1.55 11.48
CA PHE A 53 5.94 -1.71 12.92
C PHE A 53 5.20 -0.59 13.65
N GLY A 54 4.13 -0.98 14.31
CA GLY A 54 3.32 -0.02 15.06
C GLY A 54 2.59 -0.69 16.22
N PRO A 55 2.17 0.15 17.20
CA PRO A 55 1.46 -0.37 18.37
C PRO A 55 0.02 -0.72 18.01
N GLY A 56 -0.19 -2.00 17.75
CA GLY A 56 -1.52 -2.48 17.39
C GLY A 56 -1.53 -3.08 15.98
N ILE A 57 -0.33 -3.23 15.42
CA ILE A 57 -0.20 -3.79 14.09
C ILE A 57 -0.17 -5.32 14.19
N GLN A 58 -0.60 -5.95 13.12
CA GLN A 58 -0.64 -7.40 13.07
C GLN A 58 0.39 -7.92 12.06
N PRO A 59 0.49 -9.28 11.99
CA PRO A 59 1.44 -9.91 11.08
C PRO A 59 0.93 -9.84 9.64
N HIS A 60 -0.29 -10.31 9.44
CA HIS A 60 -0.90 -10.31 8.13
C HIS A 60 -1.98 -9.22 8.06
N HIS A 61 -1.52 -8.00 7.89
CA HIS A 61 -2.43 -6.87 7.81
C HIS A 61 -3.26 -6.96 6.52
N CYS A 62 -2.57 -6.79 5.40
CA CYS A 62 -3.22 -6.85 4.11
C CYS A 62 -2.18 -7.28 3.07
N ASP A 63 -2.66 -7.49 1.85
CA ASP A 63 -1.79 -7.91 0.76
C ASP A 63 -2.04 -7.01 -0.45
N LEU A 64 -1.00 -6.30 -0.84
CA LEU A 64 -1.10 -5.40 -1.98
C LEU A 64 -0.83 -6.20 -3.27
N THR A 65 -1.89 -6.33 -4.05
CA THR A 65 -1.79 -7.06 -5.31
C THR A 65 -1.81 -6.09 -6.49
N ASN A 66 -0.66 -6.03 -7.17
CA ASN A 66 -0.53 -5.16 -8.32
C ASN A 66 -0.93 -5.91 -9.59
N MET A 67 -2.09 -5.56 -10.12
CA MET A 67 -2.59 -6.20 -11.32
C MET A 67 -2.74 -5.18 -12.46
N ASP A 68 -1.94 -5.36 -13.49
CA ASP A 68 -1.97 -4.48 -14.64
C ASP A 68 -1.78 -3.04 -14.17
N GLY A 69 -1.11 -2.90 -13.02
CA GLY A 69 -0.86 -1.59 -12.46
C GLY A 69 -1.88 -1.25 -11.37
N VAL A 70 -3.04 -1.89 -11.48
CA VAL A 70 -4.10 -1.67 -10.51
C VAL A 70 -3.77 -2.39 -9.21
N VAL A 71 -4.03 -1.71 -8.10
CA VAL A 71 -3.77 -2.27 -6.79
C VAL A 71 -5.06 -2.29 -5.97
N THR A 72 -5.19 -3.32 -5.16
CA THR A 72 -6.37 -3.47 -4.31
C THR A 72 -5.97 -3.94 -2.92
N VAL A 73 -6.32 -3.12 -1.93
CA VAL A 73 -6.01 -3.44 -0.55
C VAL A 73 -6.93 -4.57 -0.07
N THR A 74 -6.29 -5.61 0.45
CA THR A 74 -7.04 -6.76 0.94
C THR A 74 -6.59 -7.11 2.37
N PRO A 75 -7.49 -6.80 3.34
CA PRO A 75 -7.19 -7.08 4.74
C PRO A 75 -7.32 -8.57 5.04
N ARG A 76 -6.19 -9.20 5.34
CA ARG A 76 -6.16 -10.61 5.65
C ARG A 76 -6.71 -10.86 7.06
N SER A 77 -6.64 -9.82 7.87
CA SER A 77 -7.12 -9.91 9.24
C SER A 77 -8.06 -8.74 9.54
N MET A 78 -9.09 -9.04 10.31
CA MET A 78 -10.08 -8.03 10.68
C MET A 78 -9.49 -7.05 11.69
N ASP A 79 -8.84 -7.60 12.70
CA ASP A 79 -8.23 -6.79 13.74
C ASP A 79 -7.39 -5.69 13.10
N ALA A 80 -6.78 -6.04 11.97
CA ALA A 80 -5.95 -5.09 11.25
C ALA A 80 -6.84 -4.02 10.60
N GLU A 81 -6.84 -2.85 11.20
CA GLU A 81 -7.64 -1.74 10.69
C GLU A 81 -6.90 -1.03 9.56
N THR A 82 -7.56 -0.97 8.41
CA THR A 82 -6.98 -0.33 7.25
C THR A 82 -7.94 0.70 6.67
N TYR A 83 -7.68 1.96 7.00
CA TYR A 83 -8.52 3.05 6.52
C TYR A 83 -7.90 3.72 5.29
N VAL A 84 -8.60 3.60 4.18
CA VAL A 84 -8.14 4.19 2.93
C VAL A 84 -8.61 5.65 2.86
N ASP A 85 -7.77 6.55 3.35
CA ASP A 85 -8.09 7.96 3.34
C ASP A 85 -9.04 8.27 4.49
N GLY A 86 -8.97 7.44 5.52
CA GLY A 86 -9.82 7.61 6.69
C GLY A 86 -11.11 6.80 6.55
N GLN A 87 -11.04 5.77 5.72
CA GLN A 87 -12.19 4.91 5.49
C GLN A 87 -11.78 3.44 5.59
N ARG A 88 -12.26 2.79 6.65
CA ARG A 88 -11.96 1.39 6.87
C ARG A 88 -12.65 0.53 5.81
N ILE A 89 -11.96 -0.53 5.42
CA ILE A 89 -12.51 -1.45 4.43
C ILE A 89 -12.89 -2.77 5.10
N SER A 90 -13.60 -3.60 4.36
CA SER A 90 -14.03 -4.89 4.87
C SER A 90 -13.82 -5.97 3.82
N GLU A 91 -13.10 -5.60 2.77
CA GLU A 91 -12.81 -6.52 1.69
C GLU A 91 -11.90 -5.86 0.65
N THR A 92 -11.61 -6.61 -0.40
CA THR A 92 -10.76 -6.12 -1.47
C THR A 92 -11.26 -4.77 -1.97
N THR A 93 -10.55 -3.72 -1.57
CA THR A 93 -10.91 -2.37 -1.96
C THR A 93 -9.86 -1.78 -2.90
N MET A 94 -10.31 -1.34 -4.06
CA MET A 94 -9.42 -0.76 -5.05
C MET A 94 -8.71 0.47 -4.48
N LEU A 95 -7.47 0.66 -4.91
CA LEU A 95 -6.67 1.79 -4.46
C LEU A 95 -6.44 2.74 -5.63
N GLN A 96 -6.42 4.02 -5.31
CA GLN A 96 -6.21 5.04 -6.33
C GLN A 96 -5.07 5.98 -5.91
N SER A 97 -4.31 6.40 -6.90
CA SER A 97 -3.19 7.30 -6.64
C SER A 97 -3.66 8.51 -5.81
N GLY A 98 -2.94 8.75 -4.73
CA GLY A 98 -3.27 9.86 -3.85
C GLY A 98 -3.91 9.35 -2.55
N MET A 99 -4.68 8.29 -2.69
CA MET A 99 -5.35 7.70 -1.53
C MET A 99 -4.36 7.39 -0.42
N ARG A 100 -4.80 7.66 0.81
CA ARG A 100 -3.97 7.41 1.97
C ARG A 100 -4.25 6.03 2.55
N LEU A 101 -3.21 5.43 3.11
CA LEU A 101 -3.33 4.10 3.70
C LEU A 101 -2.91 4.17 5.18
N GLN A 102 -3.90 4.08 6.04
CA GLN A 102 -3.65 4.13 7.47
C GLN A 102 -3.72 2.72 8.08
N PHE A 103 -2.59 2.28 8.59
CA PHE A 103 -2.50 0.96 9.20
C PHE A 103 -2.40 1.05 10.72
N GLY A 104 -3.49 0.71 11.37
CA GLY A 104 -3.53 0.76 12.83
C GLY A 104 -3.38 2.19 13.34
N THR A 105 -3.97 3.11 12.61
CA THR A 105 -3.90 4.51 12.97
C THR A 105 -2.51 4.86 13.53
N SER A 106 -1.49 4.51 12.75
CA SER A 106 -0.12 4.77 13.15
C SER A 106 0.76 4.94 11.92
N HIS A 107 0.61 4.01 10.98
CA HIS A 107 1.38 4.04 9.76
C HIS A 107 0.51 4.56 8.62
N VAL A 108 0.87 5.73 8.12
CA VAL A 108 0.12 6.34 7.03
C VAL A 108 1.00 6.38 5.78
N PHE A 109 0.41 5.98 4.66
CA PHE A 109 1.13 5.97 3.39
C PHE A 109 0.22 6.40 2.25
N LYS A 110 0.80 7.15 1.32
CA LYS A 110 0.06 7.64 0.17
C LYS A 110 0.45 6.82 -1.06
N PHE A 111 -0.51 6.03 -1.54
CA PHE A 111 -0.28 5.21 -2.72
C PHE A 111 -0.39 6.02 -4.00
N VAL A 112 0.58 5.85 -4.88
CA VAL A 112 0.60 6.56 -6.15
C VAL A 112 0.90 5.57 -7.27
N ASP A 113 0.42 5.91 -8.46
CA ASP A 113 0.62 5.07 -9.63
C ASP A 113 1.36 5.87 -10.70
N PRO A 114 2.70 5.59 -10.79
CA PRO A 114 3.53 6.28 -11.77
C PRO A 114 3.28 5.73 -13.18
N SER A 115 2.53 4.64 -13.24
CA SER A 115 2.21 4.02 -14.51
C SER A 115 1.43 4.99 -15.39
N GLY A 116 0.42 5.59 -14.79
CA GLY A 116 -0.42 6.54 -15.51
C GLY A 116 -1.82 5.97 -15.76
N PRO A 117 -2.83 6.88 -15.68
CA PRO A 117 -4.21 6.48 -15.90
C PRO A 117 -4.49 6.23 -17.38
N SER A 118 -5.14 5.10 -17.64
CA SER A 118 -5.47 4.73 -19.01
C SER A 118 -4.19 4.57 -19.84
N SER A 119 -4.24 3.63 -20.77
CA SER A 119 -3.10 3.37 -21.62
C SER A 119 -3.47 2.31 -22.68
N GLY A 120 -3.14 2.64 -23.93
CA GLY A 120 -3.43 1.74 -25.03
C GLY A 120 -4.78 2.06 -25.66
N GLY A 1 -1.12 -15.63 -12.49
CA GLY A 1 -0.02 -15.09 -13.29
C GLY A 1 1.24 -14.91 -12.43
N SER A 2 2.29 -14.42 -13.08
CA SER A 2 3.55 -14.20 -12.40
C SER A 2 4.47 -13.35 -13.28
N SER A 3 4.79 -12.16 -12.78
CA SER A 3 5.65 -11.25 -13.50
C SER A 3 5.00 -10.82 -14.80
N GLY A 4 5.29 -9.60 -15.20
CA GLY A 4 4.73 -9.06 -16.44
C GLY A 4 5.59 -7.90 -16.97
N SER A 5 5.51 -6.78 -16.28
CA SER A 5 6.26 -5.60 -16.67
C SER A 5 7.59 -5.56 -15.90
N SER A 6 8.51 -4.77 -16.43
CA SER A 6 9.82 -4.63 -15.81
C SER A 6 10.19 -3.15 -15.71
N GLY A 7 10.17 -2.65 -14.48
CA GLY A 7 10.50 -1.25 -14.24
C GLY A 7 9.95 -0.78 -12.89
N PRO A 8 10.89 -0.34 -12.01
CA PRO A 8 10.51 0.13 -10.69
C PRO A 8 9.89 1.53 -10.76
N GLU A 9 10.07 2.16 -11.92
CA GLU A 9 9.53 3.49 -12.13
C GLU A 9 8.26 3.42 -13.00
N LYS A 10 7.47 2.38 -12.75
CA LYS A 10 6.24 2.20 -13.49
C LYS A 10 5.30 1.31 -12.68
N LEU A 11 5.52 1.30 -11.37
CA LEU A 11 4.70 0.50 -10.47
C LEU A 11 4.20 1.39 -9.32
N PRO A 12 3.09 0.93 -8.68
CA PRO A 12 2.52 1.67 -7.57
C PRO A 12 3.35 1.49 -6.30
N TYR A 13 3.60 2.60 -5.63
CA TYR A 13 4.39 2.58 -4.40
C TYR A 13 3.67 3.34 -3.28
N LEU A 14 4.14 3.10 -2.07
CA LEU A 14 3.56 3.76 -0.91
C LEU A 14 4.55 4.78 -0.35
N VAL A 15 3.99 5.86 0.17
CA VAL A 15 4.81 6.93 0.74
C VAL A 15 4.25 7.32 2.11
N GLU A 16 4.97 6.94 3.14
CA GLU A 16 4.56 7.24 4.50
C GLU A 16 4.24 8.73 4.64
N LEU A 17 3.13 9.02 5.29
CA LEU A 17 2.71 10.40 5.50
C LEU A 17 2.62 10.68 7.00
N SER A 18 2.55 11.96 7.32
CA SER A 18 2.45 12.38 8.71
C SER A 18 1.24 11.72 9.37
N PRO A 19 1.13 11.92 10.71
CA PRO A 19 0.02 11.35 11.47
C PRO A 19 -1.27 12.11 11.21
N ASP A 20 -1.14 13.19 10.44
CA ASP A 20 -2.29 14.01 10.10
C ASP A 20 -2.63 13.85 8.61
N GLY A 21 -1.68 13.25 7.90
CA GLY A 21 -1.86 13.03 6.48
C GLY A 21 -1.28 14.19 5.66
N SER A 22 -0.14 14.68 6.13
CA SER A 22 0.53 15.79 5.46
C SER A 22 1.96 15.39 5.10
N ASP A 23 2.55 16.17 4.20
CA ASP A 23 3.91 15.92 3.77
C ASP A 23 4.87 16.79 4.58
N SER A 24 5.48 16.17 5.58
CA SER A 24 6.42 16.87 6.44
C SER A 24 7.50 17.53 5.58
N ARG A 25 8.44 18.16 6.27
CA ARG A 25 9.54 18.83 5.60
C ARG A 25 10.72 17.88 5.43
N ASP A 26 10.44 16.60 5.64
CA ASP A 26 11.47 15.58 5.51
C ASP A 26 11.02 14.51 4.51
N LYS A 27 11.98 13.96 3.79
CA LYS A 27 11.70 12.94 2.81
C LYS A 27 11.17 11.69 3.51
N PRO A 28 9.86 11.41 3.26
CA PRO A 28 9.23 10.24 3.86
C PRO A 28 9.68 8.95 3.19
N LYS A 29 9.51 7.85 3.90
CA LYS A 29 9.90 6.55 3.38
C LYS A 29 8.97 6.18 2.21
N LEU A 30 9.49 5.32 1.35
CA LEU A 30 8.73 4.88 0.19
C LEU A 30 8.67 3.35 0.17
N TYR A 31 7.46 2.84 -0.01
CA TYR A 31 7.26 1.40 -0.04
C TYR A 31 6.68 0.96 -1.39
N ARG A 32 7.56 0.78 -2.36
CA ARG A 32 7.14 0.37 -3.68
C ARG A 32 6.35 -0.94 -3.61
N LEU A 33 5.26 -0.99 -4.34
CA LEU A 33 4.41 -2.16 -4.37
C LEU A 33 4.81 -3.04 -5.57
N GLN A 34 6.07 -3.43 -5.59
CA GLN A 34 6.58 -4.26 -6.66
C GLN A 34 5.52 -5.27 -7.10
N LEU A 35 5.51 -5.54 -8.40
CA LEU A 35 4.55 -6.48 -8.96
C LEU A 35 4.40 -7.67 -8.00
N SER A 36 3.27 -8.36 -8.14
CA SER A 36 2.99 -9.51 -7.30
C SER A 36 2.34 -9.06 -5.99
N VAL A 37 1.73 -10.01 -5.31
CA VAL A 37 1.06 -9.73 -4.05
C VAL A 37 2.12 -9.36 -3.00
N THR A 38 1.89 -8.22 -2.37
CA THR A 38 2.81 -7.74 -1.34
C THR A 38 2.15 -7.80 0.04
N GLU A 39 2.63 -8.73 0.85
CA GLU A 39 2.10 -8.91 2.19
C GLU A 39 2.52 -7.74 3.08
N VAL A 40 1.54 -7.21 3.80
CA VAL A 40 1.79 -6.09 4.69
C VAL A 40 1.65 -6.56 6.14
N GLY A 41 2.32 -5.84 7.03
CA GLY A 41 2.28 -6.17 8.44
C GLY A 41 3.69 -6.21 9.03
N THR A 42 3.81 -6.95 10.13
CA THR A 42 5.09 -7.08 10.81
C THR A 42 5.69 -8.47 10.54
N GLU A 43 5.21 -9.08 9.46
CA GLU A 43 5.69 -10.40 9.09
C GLU A 43 6.43 -10.34 7.75
N LYS A 44 7.09 -11.44 7.42
CA LYS A 44 7.84 -11.52 6.18
C LYS A 44 7.35 -12.73 5.37
N PHE A 45 6.75 -12.43 4.23
CA PHE A 45 6.25 -13.49 3.36
C PHE A 45 7.02 -13.52 2.04
N ASP A 46 6.97 -12.41 1.33
CA ASP A 46 7.64 -12.30 0.05
C ASP A 46 9.04 -11.72 0.27
N ASP A 47 9.89 -11.88 -0.73
CA ASP A 47 11.25 -11.38 -0.66
C ASP A 47 11.22 -9.87 -0.44
N ASN A 48 10.38 -9.20 -1.22
CA ASN A 48 10.23 -7.76 -1.11
C ASN A 48 8.81 -7.42 -0.65
N SER A 49 8.51 -7.85 0.57
CA SER A 49 7.19 -7.60 1.14
C SER A 49 7.22 -6.29 1.95
N ILE A 50 6.07 -5.97 2.51
CA ILE A 50 5.94 -4.76 3.31
C ILE A 50 6.01 -5.11 4.80
N GLN A 51 7.06 -4.63 5.44
CA GLN A 51 7.26 -4.89 6.86
C GLN A 51 7.08 -3.60 7.67
N LEU A 52 5.95 -3.52 8.34
CA LEU A 52 5.64 -2.34 9.15
C LEU A 52 5.74 -2.72 10.63
N PHE A 53 6.00 -1.71 11.45
CA PHE A 53 6.10 -1.92 12.89
C PHE A 53 5.45 -0.77 13.66
N GLY A 54 4.40 -1.13 14.40
CA GLY A 54 3.69 -0.15 15.19
C GLY A 54 2.91 -0.83 16.33
N PRO A 55 2.55 0.00 17.34
CA PRO A 55 1.81 -0.50 18.49
C PRO A 55 0.34 -0.75 18.13
N GLY A 56 0.06 -2.00 17.78
CA GLY A 56 -1.29 -2.37 17.40
C GLY A 56 -1.34 -2.95 16.00
N ILE A 57 -0.15 -3.17 15.44
CA ILE A 57 -0.03 -3.72 14.11
C ILE A 57 0.00 -5.25 14.19
N GLN A 58 -0.45 -5.87 13.11
CA GLN A 58 -0.47 -7.33 13.05
C GLN A 58 0.52 -7.83 12.00
N PRO A 59 0.67 -9.19 11.96
CA PRO A 59 1.58 -9.80 11.02
C PRO A 59 1.01 -9.78 9.59
N HIS A 60 -0.22 -10.28 9.48
CA HIS A 60 -0.89 -10.31 8.19
C HIS A 60 -1.93 -9.21 8.13
N HIS A 61 -1.45 -7.99 7.91
CA HIS A 61 -2.34 -6.84 7.82
C HIS A 61 -3.16 -6.93 6.54
N CYS A 62 -2.47 -6.78 5.42
CA CYS A 62 -3.13 -6.84 4.12
C CYS A 62 -2.10 -7.28 3.08
N ASP A 63 -2.59 -7.51 1.87
CA ASP A 63 -1.73 -7.94 0.78
C ASP A 63 -2.00 -7.07 -0.46
N LEU A 64 -1.00 -6.31 -0.84
CA LEU A 64 -1.13 -5.44 -2.01
C LEU A 64 -0.82 -6.24 -3.27
N THR A 65 -1.87 -6.48 -4.05
CA THR A 65 -1.74 -7.23 -5.28
C THR A 65 -1.83 -6.29 -6.49
N ASN A 66 -0.72 -6.19 -7.20
CA ASN A 66 -0.67 -5.33 -8.38
C ASN A 66 -1.10 -6.13 -9.61
N MET A 67 -2.31 -5.83 -10.06
CA MET A 67 -2.86 -6.52 -11.23
C MET A 67 -3.15 -5.52 -12.35
N ASP A 68 -2.22 -5.42 -13.28
CA ASP A 68 -2.37 -4.52 -14.41
C ASP A 68 -2.39 -3.08 -13.89
N GLY A 69 -1.22 -2.62 -13.46
CA GLY A 69 -1.09 -1.26 -12.95
C GLY A 69 -2.24 -0.91 -12.01
N VAL A 70 -2.78 -1.96 -11.37
CA VAL A 70 -3.88 -1.77 -10.45
C VAL A 70 -3.60 -2.54 -9.15
N VAL A 71 -3.94 -1.92 -8.04
CA VAL A 71 -3.72 -2.52 -6.74
C VAL A 71 -5.02 -2.44 -5.92
N THR A 72 -5.24 -3.48 -5.12
CA THR A 72 -6.42 -3.54 -4.28
C THR A 72 -6.05 -4.02 -2.88
N VAL A 73 -6.34 -3.16 -1.91
CA VAL A 73 -6.05 -3.49 -0.51
C VAL A 73 -6.95 -4.63 -0.07
N THR A 74 -6.32 -5.68 0.45
CA THR A 74 -7.05 -6.85 0.92
C THR A 74 -6.64 -7.19 2.35
N PRO A 75 -7.54 -6.83 3.31
CA PRO A 75 -7.28 -7.11 4.72
C PRO A 75 -7.46 -8.59 5.03
N ARG A 76 -6.38 -9.21 5.48
CA ARG A 76 -6.42 -10.62 5.82
C ARG A 76 -6.21 -10.81 7.33
N SER A 77 -6.53 -9.75 8.07
CA SER A 77 -6.38 -9.79 9.51
C SER A 77 -7.67 -9.31 10.18
N MET A 78 -8.16 -10.12 11.10
CA MET A 78 -9.39 -9.79 11.82
C MET A 78 -9.10 -8.85 12.99
N ASP A 79 -8.56 -7.69 12.65
CA ASP A 79 -8.24 -6.70 13.67
C ASP A 79 -7.44 -5.56 13.02
N ALA A 80 -6.64 -5.93 12.02
CA ALA A 80 -5.83 -4.95 11.31
C ALA A 80 -6.74 -3.91 10.67
N GLU A 81 -6.79 -2.74 11.30
CA GLU A 81 -7.61 -1.65 10.79
C GLU A 81 -6.93 -0.98 9.61
N THR A 82 -7.67 -0.90 8.51
CA THR A 82 -7.15 -0.28 7.30
C THR A 82 -8.13 0.77 6.78
N TYR A 83 -7.74 2.03 6.93
CA TYR A 83 -8.57 3.13 6.48
C TYR A 83 -7.96 3.81 5.27
N VAL A 84 -8.66 3.69 4.15
CA VAL A 84 -8.20 4.29 2.91
C VAL A 84 -8.76 5.70 2.79
N ASP A 85 -7.97 6.65 3.28
CA ASP A 85 -8.37 8.05 3.24
C ASP A 85 -9.36 8.33 4.37
N GLY A 86 -9.23 7.55 5.43
CA GLY A 86 -10.10 7.69 6.58
C GLY A 86 -11.36 6.84 6.43
N GLN A 87 -11.26 5.86 5.54
CA GLN A 87 -12.38 4.96 5.30
C GLN A 87 -11.95 3.51 5.47
N ARG A 88 -12.49 2.87 6.49
CA ARG A 88 -12.17 1.49 6.78
C ARG A 88 -12.80 0.57 5.73
N ILE A 89 -11.98 -0.33 5.21
CA ILE A 89 -12.44 -1.27 4.20
C ILE A 89 -12.87 -2.57 4.88
N SER A 90 -13.59 -3.39 4.13
CA SER A 90 -14.06 -4.66 4.65
C SER A 90 -13.81 -5.77 3.62
N GLU A 91 -13.05 -5.41 2.58
CA GLU A 91 -12.73 -6.37 1.54
C GLU A 91 -11.84 -5.71 0.49
N THR A 92 -11.56 -6.46 -0.57
CA THR A 92 -10.73 -5.97 -1.65
C THR A 92 -11.23 -4.60 -2.12
N THR A 93 -10.52 -3.57 -1.70
CA THR A 93 -10.87 -2.21 -2.08
C THR A 93 -9.80 -1.61 -3.00
N MET A 94 -10.22 -1.30 -4.22
CA MET A 94 -9.30 -0.73 -5.20
C MET A 94 -8.59 0.50 -4.62
N LEU A 95 -7.34 0.67 -5.04
CA LEU A 95 -6.54 1.78 -4.57
C LEU A 95 -6.29 2.75 -5.74
N GLN A 96 -6.22 4.02 -5.40
CA GLN A 96 -5.99 5.05 -6.40
C GLN A 96 -4.89 6.00 -5.94
N SER A 97 -4.12 6.49 -6.91
CA SER A 97 -3.04 7.41 -6.62
C SER A 97 -3.57 8.61 -5.84
N GLY A 98 -2.94 8.87 -4.71
CA GLY A 98 -3.33 9.99 -3.86
C GLY A 98 -4.03 9.49 -2.59
N MET A 99 -4.66 8.34 -2.72
CA MET A 99 -5.37 7.74 -1.59
C MET A 99 -4.40 7.42 -0.45
N ARG A 100 -4.89 7.64 0.77
CA ARG A 100 -4.08 7.37 1.94
C ARG A 100 -4.28 5.93 2.41
N LEU A 101 -3.27 5.42 3.09
CA LEU A 101 -3.33 4.05 3.60
C LEU A 101 -2.97 4.05 5.08
N GLN A 102 -3.99 3.84 5.91
CA GLN A 102 -3.80 3.81 7.34
C GLN A 102 -3.64 2.37 7.82
N PHE A 103 -2.61 2.16 8.63
CA PHE A 103 -2.33 0.84 9.17
C PHE A 103 -2.15 0.89 10.69
N GLY A 104 -3.28 0.81 11.39
CA GLY A 104 -3.26 0.85 12.84
C GLY A 104 -3.14 2.28 13.35
N THR A 105 -3.86 3.17 12.68
CA THR A 105 -3.83 4.58 13.06
C THR A 105 -2.44 4.98 13.54
N SER A 106 -1.43 4.49 12.82
CA SER A 106 -0.06 4.79 13.17
C SER A 106 0.78 4.90 11.90
N HIS A 107 0.67 3.88 11.06
CA HIS A 107 1.40 3.85 9.80
C HIS A 107 0.51 4.35 8.67
N VAL A 108 0.76 5.58 8.26
CA VAL A 108 -0.02 6.17 7.18
C VAL A 108 0.88 6.34 5.95
N PHE A 109 0.40 5.81 4.84
CA PHE A 109 1.14 5.89 3.59
C PHE A 109 0.23 6.28 2.43
N LYS A 110 0.77 7.09 1.53
CA LYS A 110 0.01 7.55 0.38
C LYS A 110 0.43 6.73 -0.85
N PHE A 111 -0.55 6.04 -1.43
CA PHE A 111 -0.29 5.22 -2.60
C PHE A 111 -0.29 6.08 -3.88
N VAL A 112 0.66 5.77 -4.75
CA VAL A 112 0.77 6.50 -6.00
C VAL A 112 0.92 5.50 -7.15
N ASP A 113 0.45 5.93 -8.32
CA ASP A 113 0.52 5.08 -9.50
C ASP A 113 1.24 5.83 -10.61
N PRO A 114 2.52 5.43 -10.83
CA PRO A 114 3.34 6.06 -11.86
C PRO A 114 2.92 5.59 -13.25
N SER A 115 2.32 4.41 -13.29
CA SER A 115 1.87 3.85 -14.54
C SER A 115 1.12 4.90 -15.37
N GLY A 116 0.12 5.49 -14.72
CA GLY A 116 -0.68 6.52 -15.37
C GLY A 116 -2.06 5.98 -15.75
N PRO A 117 -3.08 6.87 -15.62
CA PRO A 117 -4.45 6.50 -15.94
C PRO A 117 -4.66 6.43 -17.46
N SER A 118 -5.07 5.26 -17.92
CA SER A 118 -5.31 5.04 -19.33
C SER A 118 -6.33 3.93 -19.53
N SER A 119 -7.16 4.10 -20.55
CA SER A 119 -8.19 3.11 -20.85
C SER A 119 -8.21 2.83 -22.35
N GLY A 120 -8.63 1.62 -22.68
CA GLY A 120 -8.70 1.19 -24.06
C GLY A 120 -8.05 -0.18 -24.26
N GLY A 1 13.25 -8.33 -10.27
CA GLY A 1 12.62 -9.62 -10.56
C GLY A 1 13.64 -10.62 -11.10
N SER A 2 13.15 -11.53 -11.93
CA SER A 2 14.00 -12.54 -12.53
C SER A 2 14.01 -12.39 -14.05
N SER A 3 12.82 -12.47 -14.63
CA SER A 3 12.68 -12.35 -16.06
C SER A 3 11.20 -12.19 -16.44
N GLY A 4 10.82 -10.95 -16.69
CA GLY A 4 9.44 -10.66 -17.06
C GLY A 4 8.82 -9.65 -16.10
N SER A 5 8.18 -8.64 -16.67
CA SER A 5 7.54 -7.61 -15.88
C SER A 5 6.80 -6.62 -16.79
N SER A 6 6.00 -5.77 -16.16
CA SER A 6 5.23 -4.79 -16.90
C SER A 6 5.40 -3.41 -16.25
N GLY A 7 6.29 -2.62 -16.84
CA GLY A 7 6.56 -1.29 -16.34
C GLY A 7 6.95 -1.32 -14.86
N PRO A 8 8.14 -1.93 -14.60
CA PRO A 8 8.64 -2.04 -13.23
C PRO A 8 9.17 -0.69 -12.74
N GLU A 9 9.51 0.16 -13.69
CA GLU A 9 10.02 1.48 -13.37
C GLU A 9 8.87 2.46 -13.09
N LYS A 10 7.67 1.92 -13.13
CA LYS A 10 6.48 2.72 -12.89
C LYS A 10 5.46 1.91 -12.10
N LEU A 11 5.89 1.46 -10.92
CA LEU A 11 5.02 0.67 -10.07
C LEU A 11 4.48 1.55 -8.94
N PRO A 12 3.30 1.14 -8.40
CA PRO A 12 2.66 1.87 -7.33
C PRO A 12 3.39 1.63 -6.01
N TYR A 13 3.53 2.72 -5.24
CA TYR A 13 4.20 2.64 -3.96
C TYR A 13 3.43 3.43 -2.89
N LEU A 14 3.84 3.24 -1.65
CA LEU A 14 3.20 3.92 -0.54
C LEU A 14 4.22 4.84 0.15
N VAL A 15 4.01 6.14 -0.02
CA VAL A 15 4.90 7.12 0.57
C VAL A 15 4.35 7.54 1.94
N GLU A 16 4.96 6.98 2.98
CA GLU A 16 4.55 7.28 4.34
C GLU A 16 4.28 8.78 4.49
N LEU A 17 3.18 9.10 5.16
CA LEU A 17 2.81 10.49 5.39
C LEU A 17 2.80 10.77 6.88
N SER A 18 2.78 12.06 7.21
CA SER A 18 2.76 12.47 8.60
C SER A 18 1.49 11.99 9.28
N PRO A 19 1.46 12.17 10.63
CA PRO A 19 0.30 11.76 11.41
C PRO A 19 -0.87 12.72 11.21
N ASP A 20 -0.64 13.72 10.38
CA ASP A 20 -1.67 14.72 10.09
C ASP A 20 -1.89 14.80 8.58
N GLY A 21 -1.16 13.95 7.87
CA GLY A 21 -1.26 13.91 6.42
C GLY A 21 -0.36 14.98 5.79
N SER A 22 0.86 15.04 6.27
CA SER A 22 1.82 16.01 5.76
C SER A 22 3.07 15.29 5.24
N ASP A 23 3.85 16.01 4.46
CA ASP A 23 5.08 15.45 3.90
C ASP A 23 6.24 16.42 4.14
N SER A 24 7.40 16.03 3.65
CA SER A 24 8.59 16.85 3.80
C SER A 24 9.03 16.86 5.27
N ARG A 25 9.94 17.78 5.57
CA ARG A 25 10.45 17.91 6.93
C ARG A 25 11.19 16.64 7.34
N ASP A 26 11.50 15.82 6.34
CA ASP A 26 12.21 14.57 6.58
C ASP A 26 12.17 13.71 5.32
N LYS A 27 12.69 12.50 5.45
CA LYS A 27 12.72 11.58 4.33
C LYS A 27 11.63 10.52 4.52
N PRO A 28 10.55 10.66 3.69
CA PRO A 28 9.44 9.73 3.75
C PRO A 28 9.81 8.38 3.11
N LYS A 29 9.51 7.32 3.84
CA LYS A 29 9.80 5.98 3.36
C LYS A 29 8.91 5.67 2.16
N LEU A 30 9.42 4.80 1.30
CA LEU A 30 8.69 4.41 0.10
C LEU A 30 8.68 2.89 0.00
N TYR A 31 7.58 2.37 -0.53
CA TYR A 31 7.44 0.93 -0.70
C TYR A 31 6.83 0.60 -2.07
N ARG A 32 7.72 0.28 -3.01
CA ARG A 32 7.29 -0.06 -4.35
C ARG A 32 6.56 -1.40 -4.35
N LEU A 33 5.28 -1.35 -4.72
CA LEU A 33 4.47 -2.55 -4.76
C LEU A 33 4.72 -3.28 -6.08
N GLN A 34 5.69 -4.19 -6.05
CA GLN A 34 6.04 -4.96 -7.22
C GLN A 34 4.93 -5.98 -7.54
N LEU A 35 4.86 -6.34 -8.81
CA LEU A 35 3.86 -7.30 -9.26
C LEU A 35 3.72 -8.40 -8.22
N SER A 36 2.56 -9.05 -8.26
CA SER A 36 2.29 -10.14 -7.32
C SER A 36 1.71 -9.56 -6.02
N VAL A 37 1.15 -10.47 -5.22
CA VAL A 37 0.57 -10.06 -3.95
C VAL A 37 1.68 -9.69 -2.97
N THR A 38 1.50 -8.56 -2.31
CA THR A 38 2.46 -8.07 -1.35
C THR A 38 1.83 -7.93 0.03
N GLU A 39 2.17 -8.88 0.90
CA GLU A 39 1.63 -8.87 2.25
C GLU A 39 2.26 -7.74 3.07
N VAL A 40 1.45 -7.17 3.95
CA VAL A 40 1.91 -6.09 4.79
C VAL A 40 1.78 -6.49 6.26
N GLY A 41 2.39 -5.69 7.12
CA GLY A 41 2.34 -5.95 8.55
C GLY A 41 3.75 -5.91 9.15
N THR A 42 3.96 -6.81 10.11
CA THR A 42 5.26 -6.90 10.77
C THR A 42 5.90 -8.25 10.50
N GLU A 43 5.30 -8.99 9.59
CA GLU A 43 5.81 -10.31 9.22
C GLU A 43 6.37 -10.29 7.80
N LYS A 44 7.09 -11.35 7.47
CA LYS A 44 7.68 -11.46 6.15
C LYS A 44 7.16 -12.73 5.47
N PHE A 45 6.33 -12.51 4.46
CA PHE A 45 5.75 -13.61 3.71
C PHE A 45 6.49 -13.83 2.40
N ASP A 46 6.41 -12.83 1.54
CA ASP A 46 7.07 -12.90 0.25
C ASP A 46 8.54 -12.46 0.39
N ASP A 47 9.17 -12.24 -0.75
CA ASP A 47 10.56 -11.81 -0.76
C ASP A 47 10.63 -10.29 -0.62
N ASN A 48 9.68 -9.63 -1.30
CA ASN A 48 9.63 -8.18 -1.26
C ASN A 48 8.33 -7.74 -0.58
N SER A 49 8.18 -8.17 0.66
CA SER A 49 6.99 -7.83 1.44
C SER A 49 7.22 -6.51 2.20
N ILE A 50 6.13 -5.97 2.70
CA ILE A 50 6.19 -4.72 3.44
C ILE A 50 6.29 -5.04 4.94
N GLN A 51 7.33 -4.49 5.55
CA GLN A 51 7.56 -4.71 6.98
C GLN A 51 7.38 -3.39 7.74
N LEU A 52 6.26 -3.28 8.42
CA LEU A 52 5.96 -2.09 9.19
C LEU A 52 6.09 -2.41 10.69
N PHE A 53 6.20 -1.35 11.47
CA PHE A 53 6.33 -1.51 12.91
C PHE A 53 5.63 -0.36 13.65
N GLY A 54 4.57 -0.72 14.38
CA GLY A 54 3.82 0.27 15.13
C GLY A 54 2.95 -0.41 16.20
N PRO A 55 2.54 0.41 17.21
CA PRO A 55 1.70 -0.10 18.29
C PRO A 55 0.27 -0.31 17.81
N GLY A 56 -0.06 -1.57 17.58
CA GLY A 56 -1.39 -1.92 17.12
C GLY A 56 -1.35 -2.54 15.73
N ILE A 57 -0.16 -2.92 15.31
CA ILE A 57 0.03 -3.51 14.01
C ILE A 57 0.09 -5.04 14.15
N GLN A 58 -0.30 -5.72 13.07
CA GLN A 58 -0.31 -7.17 13.07
C GLN A 58 0.69 -7.70 12.04
N PRO A 59 0.79 -9.05 11.98
CA PRO A 59 1.70 -9.69 11.05
C PRO A 59 1.15 -9.65 9.62
N HIS A 60 -0.04 -10.20 9.46
CA HIS A 60 -0.69 -10.24 8.16
C HIS A 60 -1.77 -9.15 8.10
N HIS A 61 -1.32 -7.93 7.92
CA HIS A 61 -2.23 -6.80 7.85
C HIS A 61 -3.11 -6.92 6.60
N CYS A 62 -2.48 -6.74 5.45
CA CYS A 62 -3.18 -6.84 4.19
C CYS A 62 -2.18 -7.23 3.11
N ASP A 63 -2.69 -7.43 1.90
CA ASP A 63 -1.85 -7.80 0.77
C ASP A 63 -2.17 -6.91 -0.42
N LEU A 64 -1.13 -6.27 -0.94
CA LEU A 64 -1.29 -5.39 -2.08
C LEU A 64 -1.07 -6.18 -3.37
N THR A 65 -2.13 -6.27 -4.16
CA THR A 65 -2.07 -6.99 -5.42
C THR A 65 -2.16 -6.02 -6.60
N ASN A 66 -1.07 -5.94 -7.35
CA ASN A 66 -1.01 -5.05 -8.49
C ASN A 66 -1.44 -5.83 -9.74
N MET A 67 -2.49 -5.33 -10.38
CA MET A 67 -3.01 -5.96 -11.58
C MET A 67 -2.94 -5.00 -12.78
N ASP A 68 -1.86 -5.14 -13.53
CA ASP A 68 -1.65 -4.29 -14.70
C ASP A 68 -1.41 -2.86 -14.25
N GLY A 69 -1.26 -2.69 -12.94
CA GLY A 69 -1.01 -1.38 -12.37
C GLY A 69 -2.00 -1.08 -11.25
N VAL A 70 -3.18 -1.67 -11.37
CA VAL A 70 -4.22 -1.47 -10.37
C VAL A 70 -3.85 -2.23 -9.09
N VAL A 71 -3.96 -1.53 -7.97
CA VAL A 71 -3.64 -2.13 -6.69
C VAL A 71 -4.90 -2.15 -5.81
N THR A 72 -5.05 -3.24 -5.07
CA THR A 72 -6.20 -3.41 -4.20
C THR A 72 -5.75 -3.93 -2.83
N VAL A 73 -6.06 -3.15 -1.81
CA VAL A 73 -5.71 -3.52 -0.45
C VAL A 73 -6.64 -4.64 0.02
N THR A 74 -6.02 -5.75 0.42
CA THR A 74 -6.78 -6.89 0.91
C THR A 74 -6.34 -7.26 2.33
N PRO A 75 -7.21 -6.93 3.30
CA PRO A 75 -6.93 -7.21 4.70
C PRO A 75 -7.12 -8.71 5.00
N ARG A 76 -6.11 -9.28 5.63
CA ARG A 76 -6.15 -10.70 5.98
C ARG A 76 -5.89 -10.89 7.47
N SER A 77 -6.28 -9.87 8.23
CA SER A 77 -6.10 -9.92 9.68
C SER A 77 -7.38 -9.48 10.38
N MET A 78 -7.77 -10.27 11.37
CA MET A 78 -8.98 -9.99 12.12
C MET A 78 -8.69 -9.00 13.26
N ASP A 79 -8.25 -7.81 12.87
CA ASP A 79 -7.94 -6.77 13.84
C ASP A 79 -7.21 -5.63 13.14
N ALA A 80 -6.44 -5.99 12.13
CA ALA A 80 -5.69 -5.00 11.37
C ALA A 80 -6.67 -4.03 10.70
N GLU A 81 -6.58 -2.78 11.12
CA GLU A 81 -7.44 -1.74 10.57
C GLU A 81 -6.80 -1.10 9.34
N THR A 82 -7.55 -1.07 8.26
CA THR A 82 -7.06 -0.48 7.02
C THR A 82 -8.06 0.54 6.48
N TYR A 83 -7.72 1.81 6.70
CA TYR A 83 -8.57 2.89 6.25
C TYR A 83 -7.96 3.61 5.04
N VAL A 84 -8.62 3.46 3.90
CA VAL A 84 -8.16 4.08 2.68
C VAL A 84 -8.80 5.46 2.53
N ASP A 85 -8.10 6.46 3.05
CA ASP A 85 -8.60 7.83 2.98
C ASP A 85 -9.58 8.07 4.13
N GLY A 86 -9.31 7.41 5.24
CA GLY A 86 -10.17 7.54 6.41
C GLY A 86 -11.40 6.65 6.29
N GLN A 87 -11.30 5.67 5.41
CA GLN A 87 -12.40 4.74 5.19
C GLN A 87 -11.90 3.30 5.31
N ARG A 88 -12.37 2.63 6.35
CA ARG A 88 -11.99 1.25 6.61
C ARG A 88 -12.54 0.35 5.50
N ILE A 89 -11.84 -0.75 5.29
CA ILE A 89 -12.25 -1.71 4.27
C ILE A 89 -12.53 -3.07 4.93
N SER A 90 -13.39 -3.83 4.28
CA SER A 90 -13.75 -5.15 4.78
C SER A 90 -13.37 -6.22 3.77
N GLU A 91 -12.92 -5.77 2.62
CA GLU A 91 -12.52 -6.68 1.56
C GLU A 91 -11.53 -6.00 0.61
N THR A 92 -11.20 -6.71 -0.46
CA THR A 92 -10.28 -6.18 -1.45
C THR A 92 -10.78 -4.84 -1.98
N THR A 93 -10.14 -3.77 -1.52
CA THR A 93 -10.51 -2.43 -1.94
C THR A 93 -9.43 -1.84 -2.84
N MET A 94 -9.85 -1.38 -4.00
CA MET A 94 -8.93 -0.78 -4.96
C MET A 94 -8.24 0.45 -4.36
N LEU A 95 -7.08 0.77 -4.92
CA LEU A 95 -6.31 1.92 -4.45
C LEU A 95 -6.11 2.89 -5.61
N GLN A 96 -6.10 4.17 -5.27
CA GLN A 96 -5.90 5.21 -6.27
C GLN A 96 -4.80 6.17 -5.84
N SER A 97 -4.08 6.70 -6.82
CA SER A 97 -3.01 7.62 -6.55
C SER A 97 -3.53 8.82 -5.77
N GLY A 98 -2.90 9.08 -4.63
CA GLY A 98 -3.28 10.18 -3.78
C GLY A 98 -3.97 9.68 -2.50
N MET A 99 -4.74 8.62 -2.66
CA MET A 99 -5.44 8.03 -1.53
C MET A 99 -4.49 7.77 -0.36
N ARG A 100 -5.02 7.92 0.84
CA ARG A 100 -4.24 7.69 2.04
C ARG A 100 -4.31 6.23 2.47
N LEU A 101 -3.27 5.78 3.14
CA LEU A 101 -3.21 4.41 3.61
C LEU A 101 -3.01 4.40 5.13
N GLN A 102 -4.01 3.86 5.82
CA GLN A 102 -3.96 3.78 7.28
C GLN A 102 -3.73 2.34 7.72
N PHE A 103 -2.69 2.16 8.52
CA PHE A 103 -2.35 0.84 9.03
C PHE A 103 -2.22 0.86 10.55
N GLY A 104 -3.35 0.82 11.22
CA GLY A 104 -3.38 0.82 12.67
C GLY A 104 -3.49 2.24 13.21
N THR A 105 -4.16 3.09 12.43
CA THR A 105 -4.34 4.48 12.82
C THR A 105 -3.07 5.02 13.48
N SER A 106 -1.94 4.66 12.90
CA SER A 106 -0.66 5.10 13.41
C SER A 106 0.31 5.40 12.25
N HIS A 107 0.35 4.46 11.31
CA HIS A 107 1.22 4.61 10.16
C HIS A 107 0.38 4.96 8.93
N VAL A 108 0.31 6.26 8.66
CA VAL A 108 -0.45 6.76 7.53
C VAL A 108 0.47 6.88 6.31
N PHE A 109 0.03 6.30 5.21
CA PHE A 109 0.81 6.35 3.98
C PHE A 109 -0.02 6.91 2.83
N LYS A 110 0.65 7.13 1.70
CA LYS A 110 -0.01 7.66 0.52
C LYS A 110 0.40 6.84 -0.69
N PHE A 111 -0.61 6.22 -1.32
CA PHE A 111 -0.37 5.41 -2.49
C PHE A 111 -0.34 6.27 -3.76
N VAL A 112 0.65 6.00 -4.59
CA VAL A 112 0.80 6.74 -5.83
C VAL A 112 1.08 5.76 -6.98
N ASP A 113 0.57 6.10 -8.15
CA ASP A 113 0.77 5.27 -9.33
C ASP A 113 1.59 6.03 -10.36
N PRO A 114 2.88 5.63 -10.47
CA PRO A 114 3.79 6.28 -11.42
C PRO A 114 3.48 5.82 -12.85
N SER A 115 2.62 4.82 -12.96
CA SER A 115 2.24 4.29 -14.26
C SER A 115 1.49 5.35 -15.06
N GLY A 116 0.54 5.98 -14.40
CA GLY A 116 -0.26 7.02 -15.04
C GLY A 116 -1.64 6.49 -15.42
N PRO A 117 -2.65 7.41 -15.32
CA PRO A 117 -4.02 7.05 -15.64
C PRO A 117 -4.22 6.95 -17.15
N SER A 118 -3.97 5.76 -17.68
CA SER A 118 -4.12 5.53 -19.11
C SER A 118 -4.68 4.14 -19.35
N SER A 119 -5.20 3.94 -20.56
CA SER A 119 -5.78 2.66 -20.93
C SER A 119 -6.91 2.29 -19.98
N GLY A 120 -8.07 2.86 -20.24
CA GLY A 120 -9.24 2.60 -19.41
C GLY A 120 -10.47 3.32 -19.96
N GLY A 1 6.67 -15.85 -16.46
CA GLY A 1 5.32 -16.21 -16.83
C GLY A 1 4.33 -15.13 -16.40
N SER A 2 4.50 -13.95 -16.98
CA SER A 2 3.62 -12.84 -16.66
C SER A 2 3.33 -12.03 -17.93
N SER A 3 2.08 -11.59 -18.04
CA SER A 3 1.67 -10.81 -19.18
C SER A 3 0.97 -9.52 -18.72
N GLY A 4 1.75 -8.45 -18.70
CA GLY A 4 1.23 -7.16 -18.29
C GLY A 4 2.35 -6.12 -18.17
N SER A 5 2.23 -5.28 -17.16
CA SER A 5 3.23 -4.24 -16.93
C SER A 5 4.61 -4.87 -16.72
N SER A 6 5.62 -4.02 -16.75
CA SER A 6 6.99 -4.48 -16.55
C SER A 6 7.92 -3.28 -16.42
N GLY A 7 8.14 -2.88 -15.18
CA GLY A 7 9.02 -1.75 -14.90
C GLY A 7 9.00 -1.40 -13.41
N PRO A 8 10.22 -1.35 -12.82
CA PRO A 8 10.35 -1.01 -11.41
C PRO A 8 10.14 0.48 -11.17
N GLU A 9 10.30 1.24 -12.24
CA GLU A 9 10.13 2.68 -12.16
C GLU A 9 8.70 3.07 -12.55
N LYS A 10 7.79 2.14 -12.31
CA LYS A 10 6.39 2.38 -12.62
C LYS A 10 5.52 1.47 -11.75
N LEU A 11 5.86 1.42 -10.47
CA LEU A 11 5.12 0.60 -9.53
C LEU A 11 4.49 1.51 -8.45
N PRO A 12 3.31 1.06 -7.96
CA PRO A 12 2.60 1.81 -6.93
C PRO A 12 3.28 1.65 -5.57
N TYR A 13 3.38 2.77 -4.85
CA TYR A 13 4.01 2.76 -3.55
C TYR A 13 3.25 3.68 -2.57
N LEU A 14 3.51 3.48 -1.29
CA LEU A 14 2.86 4.27 -0.26
C LEU A 14 3.89 5.19 0.38
N VAL A 15 3.60 6.49 0.34
CA VAL A 15 4.49 7.48 0.91
C VAL A 15 3.92 7.97 2.24
N GLU A 16 4.70 7.78 3.29
CA GLU A 16 4.28 8.20 4.62
C GLU A 16 3.81 9.65 4.60
N LEU A 17 2.60 9.85 5.12
CA LEU A 17 2.03 11.18 5.16
C LEU A 17 1.88 11.63 6.61
N SER A 18 1.72 12.93 6.80
CA SER A 18 1.57 13.49 8.13
C SER A 18 0.31 12.93 8.79
N PRO A 19 0.17 13.24 10.11
CA PRO A 19 -0.98 12.78 10.86
C PRO A 19 -2.22 13.59 10.52
N ASP A 20 -2.03 14.59 9.65
CA ASP A 20 -3.12 15.44 9.24
C ASP A 20 -3.43 15.17 7.75
N GLY A 21 -2.47 14.54 7.10
CA GLY A 21 -2.63 14.22 5.68
C GLY A 21 -1.81 15.18 4.81
N SER A 22 -0.60 15.45 5.26
CA SER A 22 0.28 16.35 4.54
C SER A 22 1.60 15.64 4.22
N ASP A 23 2.28 16.15 3.21
CA ASP A 23 3.55 15.58 2.80
C ASP A 23 4.68 16.57 3.12
N SER A 24 5.63 16.10 3.92
CA SER A 24 6.76 16.92 4.30
C SER A 24 7.63 16.18 5.33
N ARG A 25 8.39 16.96 6.08
CA ARG A 25 9.27 16.39 7.09
C ARG A 25 10.35 15.54 6.43
N ASP A 26 11.29 16.22 5.80
CA ASP A 26 12.38 15.53 5.13
C ASP A 26 11.82 14.44 4.23
N LYS A 27 12.73 13.69 3.63
CA LYS A 27 12.34 12.61 2.75
C LYS A 27 11.61 11.52 3.55
N PRO A 28 10.28 11.39 3.26
CA PRO A 28 9.47 10.40 3.95
C PRO A 28 9.76 8.99 3.44
N LYS A 29 9.39 8.02 4.25
CA LYS A 29 9.61 6.62 3.90
C LYS A 29 8.72 6.27 2.70
N LEU A 30 9.19 5.29 1.93
CA LEU A 30 8.44 4.85 0.76
C LEU A 30 8.35 3.31 0.78
N TYR A 31 7.39 2.81 0.02
CA TYR A 31 7.19 1.38 -0.07
C TYR A 31 6.64 0.98 -1.44
N ARG A 32 7.54 0.51 -2.29
CA ARG A 32 7.17 0.09 -3.63
C ARG A 32 6.44 -1.25 -3.58
N LEU A 33 5.32 -1.31 -4.31
CA LEU A 33 4.53 -2.52 -4.36
C LEU A 33 4.83 -3.27 -5.65
N GLN A 34 5.56 -4.37 -5.50
CA GLN A 34 5.92 -5.18 -6.66
C GLN A 34 4.77 -6.12 -7.03
N LEU A 35 4.80 -6.56 -8.28
CA LEU A 35 3.76 -7.46 -8.77
C LEU A 35 3.56 -8.59 -7.77
N SER A 36 2.52 -9.37 -8.01
CA SER A 36 2.19 -10.49 -7.15
C SER A 36 1.49 -9.99 -5.88
N VAL A 37 1.69 -10.73 -4.80
CA VAL A 37 1.09 -10.37 -3.53
C VAL A 37 2.17 -9.82 -2.59
N THR A 38 1.74 -8.92 -1.71
CA THR A 38 2.65 -8.31 -0.77
C THR A 38 2.02 -8.26 0.63
N GLU A 39 2.39 -9.23 1.45
CA GLU A 39 1.88 -9.30 2.81
C GLU A 39 2.47 -8.18 3.66
N VAL A 40 1.60 -7.28 4.09
CA VAL A 40 2.01 -6.16 4.91
C VAL A 40 1.87 -6.53 6.38
N GLY A 41 2.45 -5.70 7.24
CA GLY A 41 2.39 -5.93 8.67
C GLY A 41 3.78 -5.83 9.30
N THR A 42 4.08 -6.78 10.17
CA THR A 42 5.36 -6.81 10.84
C THR A 42 6.07 -8.13 10.58
N GLU A 43 5.51 -8.91 9.67
CA GLU A 43 6.08 -10.20 9.33
C GLU A 43 6.68 -10.14 7.91
N LYS A 44 7.61 -11.06 7.68
CA LYS A 44 8.27 -11.13 6.38
C LYS A 44 7.81 -12.39 5.64
N PHE A 45 7.07 -12.18 4.57
CA PHE A 45 6.55 -13.28 3.78
C PHE A 45 7.34 -13.41 2.47
N ASP A 46 7.38 -12.31 1.73
CA ASP A 46 8.09 -12.29 0.46
C ASP A 46 9.21 -11.27 0.52
N ASP A 47 9.89 -11.11 -0.60
CA ASP A 47 10.99 -10.16 -0.69
C ASP A 47 10.43 -8.75 -0.82
N ASN A 48 9.36 -8.65 -1.60
CA ASN A 48 8.71 -7.36 -1.81
C ASN A 48 7.55 -7.20 -0.82
N SER A 49 7.85 -7.47 0.44
CA SER A 49 6.85 -7.35 1.48
C SER A 49 7.10 -6.10 2.31
N ILE A 50 6.01 -5.57 2.87
CA ILE A 50 6.10 -4.38 3.69
C ILE A 50 6.26 -4.77 5.16
N GLN A 51 7.26 -4.20 5.79
CA GLN A 51 7.54 -4.48 7.19
C GLN A 51 7.39 -3.21 8.03
N LEU A 52 6.23 -3.08 8.66
CA LEU A 52 5.96 -1.92 9.50
C LEU A 52 6.00 -2.33 10.96
N PHE A 53 6.08 -1.33 11.83
CA PHE A 53 6.13 -1.57 13.26
C PHE A 53 5.37 -0.49 14.02
N GLY A 54 4.33 -0.92 14.72
CA GLY A 54 3.52 0.00 15.50
C GLY A 54 2.63 -0.75 16.49
N PRO A 55 2.12 0.00 17.50
CA PRO A 55 1.26 -0.58 18.51
C PRO A 55 -0.14 -0.84 17.96
N GLY A 56 -0.40 -2.11 17.66
CA GLY A 56 -1.69 -2.51 17.12
C GLY A 56 -1.55 -3.00 15.68
N ILE A 57 -0.34 -3.42 15.34
CA ILE A 57 -0.07 -3.93 14.01
C ILE A 57 0.03 -5.45 14.06
N GLN A 58 -0.28 -6.06 12.93
CA GLN A 58 -0.24 -7.51 12.82
C GLN A 58 0.80 -7.94 11.79
N PRO A 59 0.93 -9.28 11.62
CA PRO A 59 1.88 -9.83 10.66
C PRO A 59 1.38 -9.66 9.22
N HIS A 60 0.20 -10.19 8.98
CA HIS A 60 -0.40 -10.10 7.66
C HIS A 60 -1.53 -9.07 7.66
N HIS A 61 -1.13 -7.81 7.65
CA HIS A 61 -2.09 -6.72 7.66
C HIS A 61 -3.00 -6.82 6.43
N CYS A 62 -2.37 -6.76 5.27
CA CYS A 62 -3.10 -6.83 4.02
C CYS A 62 -2.15 -7.37 2.94
N ASP A 63 -2.70 -7.52 1.75
CA ASP A 63 -1.91 -8.02 0.62
C ASP A 63 -2.17 -7.14 -0.61
N LEU A 64 -1.10 -6.56 -1.11
CA LEU A 64 -1.18 -5.70 -2.27
C LEU A 64 -1.00 -6.53 -3.54
N THR A 65 -2.06 -6.60 -4.32
CA THR A 65 -2.03 -7.36 -5.56
C THR A 65 -2.15 -6.42 -6.77
N ASN A 66 -1.13 -6.48 -7.62
CA ASN A 66 -1.11 -5.64 -8.81
C ASN A 66 -1.65 -6.44 -10.00
N MET A 67 -2.87 -6.11 -10.40
CA MET A 67 -3.50 -6.79 -11.51
C MET A 67 -3.83 -5.81 -12.64
N ASP A 68 -2.95 -5.76 -13.62
CA ASP A 68 -3.13 -4.86 -14.75
C ASP A 68 -3.00 -3.41 -14.28
N GLY A 69 -1.79 -3.07 -13.86
CA GLY A 69 -1.52 -1.73 -13.39
C GLY A 69 -2.60 -1.27 -12.40
N VAL A 70 -3.16 -2.23 -11.69
CA VAL A 70 -4.20 -1.94 -10.72
C VAL A 70 -3.87 -2.65 -9.40
N VAL A 71 -4.00 -1.89 -8.31
CA VAL A 71 -3.72 -2.43 -7.00
C VAL A 71 -4.97 -2.30 -6.12
N THR A 72 -5.20 -3.32 -5.30
CA THR A 72 -6.35 -3.34 -4.41
C THR A 72 -5.94 -3.85 -3.04
N VAL A 73 -6.13 -2.98 -2.05
CA VAL A 73 -5.80 -3.33 -0.67
C VAL A 73 -6.76 -4.40 -0.17
N THR A 74 -6.21 -5.58 0.11
CA THR A 74 -7.01 -6.68 0.60
C THR A 74 -6.56 -7.08 2.01
N PRO A 75 -7.40 -6.70 3.00
CA PRO A 75 -7.10 -7.02 4.40
C PRO A 75 -7.37 -8.49 4.69
N ARG A 76 -6.31 -9.19 5.04
CA ARG A 76 -6.40 -10.61 5.35
C ARG A 76 -6.08 -10.86 6.82
N SER A 77 -6.36 -9.86 7.64
CA SER A 77 -6.11 -9.95 9.06
C SER A 77 -7.35 -9.53 9.85
N MET A 78 -7.82 -10.44 10.69
CA MET A 78 -9.00 -10.17 11.50
C MET A 78 -8.64 -9.28 12.70
N ASP A 79 -8.16 -8.09 12.39
CA ASP A 79 -7.79 -7.14 13.42
C ASP A 79 -7.04 -5.97 12.79
N ALA A 80 -6.31 -6.29 11.72
CA ALA A 80 -5.54 -5.27 11.02
C ALA A 80 -6.51 -4.24 10.42
N GLU A 81 -6.43 -3.03 10.95
CA GLU A 81 -7.28 -1.95 10.47
C GLU A 81 -6.64 -1.25 9.27
N THR A 82 -7.43 -1.12 8.22
CA THR A 82 -6.95 -0.47 7.01
C THR A 82 -7.92 0.62 6.57
N TYR A 83 -7.51 1.86 6.78
CA TYR A 83 -8.32 3.01 6.41
C TYR A 83 -7.74 3.73 5.20
N VAL A 84 -8.49 3.71 4.11
CA VAL A 84 -8.07 4.36 2.89
C VAL A 84 -8.69 5.76 2.81
N ASP A 85 -7.94 6.73 3.33
CA ASP A 85 -8.41 8.10 3.32
C ASP A 85 -9.42 8.30 4.46
N GLY A 86 -9.17 7.58 5.55
CA GLY A 86 -10.05 7.68 6.71
C GLY A 86 -11.29 6.81 6.52
N GLN A 87 -11.15 5.78 5.70
CA GLN A 87 -12.25 4.87 5.44
C GLN A 87 -11.78 3.42 5.54
N ARG A 88 -12.31 2.73 6.54
CA ARG A 88 -11.96 1.34 6.76
C ARG A 88 -12.57 0.46 5.68
N ILE A 89 -11.78 -0.51 5.24
CA ILE A 89 -12.23 -1.42 4.20
C ILE A 89 -12.49 -2.80 4.83
N SER A 90 -13.42 -3.52 4.23
CA SER A 90 -13.77 -4.84 4.71
C SER A 90 -13.41 -5.90 3.66
N GLU A 91 -13.15 -5.42 2.46
CA GLU A 91 -12.78 -6.30 1.36
C GLU A 91 -11.72 -5.64 0.48
N THR A 92 -11.40 -6.32 -0.61
CA THR A 92 -10.41 -5.81 -1.55
C THR A 92 -10.84 -4.46 -2.10
N THR A 93 -10.18 -3.42 -1.60
CA THR A 93 -10.48 -2.06 -2.04
C THR A 93 -9.39 -1.55 -3.00
N MET A 94 -9.85 -0.95 -4.08
CA MET A 94 -8.94 -0.42 -5.08
C MET A 94 -8.14 0.76 -4.52
N LEU A 95 -6.97 0.97 -5.11
CA LEU A 95 -6.10 2.06 -4.67
C LEU A 95 -5.91 3.04 -5.84
N GLN A 96 -5.91 4.32 -5.49
CA GLN A 96 -5.74 5.37 -6.49
C GLN A 96 -4.73 6.40 -5.99
N SER A 97 -3.92 6.89 -6.93
CA SER A 97 -2.91 7.88 -6.61
C SER A 97 -3.49 8.93 -5.66
N GLY A 98 -2.73 9.21 -4.61
CA GLY A 98 -3.16 10.19 -3.62
C GLY A 98 -3.77 9.50 -2.40
N MET A 99 -4.69 8.58 -2.66
CA MET A 99 -5.34 7.85 -1.60
C MET A 99 -4.36 7.52 -0.47
N ARG A 100 -4.84 7.67 0.75
CA ARG A 100 -4.02 7.39 1.92
C ARG A 100 -4.16 5.92 2.32
N LEU A 101 -3.13 5.43 3.01
CA LEU A 101 -3.12 4.05 3.45
C LEU A 101 -2.72 4.01 4.93
N GLN A 102 -3.71 3.72 5.76
CA GLN A 102 -3.48 3.64 7.20
C GLN A 102 -3.37 2.18 7.64
N PHE A 103 -2.24 1.88 8.28
CA PHE A 103 -2.00 0.53 8.76
C PHE A 103 -1.81 0.51 10.27
N GLY A 104 -2.93 0.58 10.97
CA GLY A 104 -2.91 0.58 12.42
C GLY A 104 -3.00 2.00 12.99
N THR A 105 -3.77 2.83 12.30
CA THR A 105 -3.95 4.20 12.71
C THR A 105 -2.64 4.76 13.29
N SER A 106 -1.53 4.34 12.69
CA SER A 106 -0.22 4.79 13.13
C SER A 106 0.62 5.21 11.92
N HIS A 107 0.77 4.28 10.99
CA HIS A 107 1.56 4.55 9.80
C HIS A 107 0.61 4.91 8.64
N VAL A 108 0.63 6.19 8.29
CA VAL A 108 -0.21 6.68 7.22
C VAL A 108 0.65 6.95 5.97
N PHE A 109 0.30 6.28 4.89
CA PHE A 109 1.03 6.42 3.65
C PHE A 109 0.10 6.90 2.52
N LYS A 110 0.72 7.36 1.44
CA LYS A 110 -0.03 7.86 0.30
C LYS A 110 0.33 7.02 -0.93
N PHE A 111 -0.70 6.39 -1.49
CA PHE A 111 -0.50 5.56 -2.67
C PHE A 111 -0.38 6.43 -3.94
N VAL A 112 0.61 6.09 -4.74
CA VAL A 112 0.86 6.81 -5.97
C VAL A 112 1.12 5.82 -7.11
N ASP A 113 0.69 6.20 -8.31
CA ASP A 113 0.87 5.37 -9.47
C ASP A 113 1.84 6.03 -10.44
N PRO A 114 3.13 5.62 -10.34
CA PRO A 114 4.16 6.18 -11.20
C PRO A 114 4.06 5.62 -12.61
N SER A 115 3.18 4.64 -12.76
CA SER A 115 2.97 4.03 -14.06
C SER A 115 2.43 5.05 -15.06
N GLY A 116 1.54 5.90 -14.57
CA GLY A 116 0.95 6.93 -15.40
C GLY A 116 -0.40 6.47 -15.96
N PRO A 117 -1.38 7.42 -15.94
CA PRO A 117 -2.71 7.12 -16.44
C PRO A 117 -2.72 7.08 -17.97
N SER A 118 -2.45 5.90 -18.50
CA SER A 118 -2.44 5.70 -19.94
C SER A 118 -3.51 4.70 -20.35
N SER A 119 -4.02 4.90 -21.56
CA SER A 119 -5.06 4.02 -22.08
C SER A 119 -4.47 3.06 -23.11
N GLY A 120 -5.01 1.86 -23.13
CA GLY A 120 -4.55 0.84 -24.06
C GLY A 120 -4.90 -0.56 -23.56
N GLY A 1 2.05 -18.03 -16.49
CA GLY A 1 0.95 -17.61 -17.35
C GLY A 1 1.33 -16.37 -18.16
N SER A 2 0.48 -15.36 -18.06
CA SER A 2 0.72 -14.11 -18.78
C SER A 2 1.56 -13.17 -17.91
N SER A 3 2.66 -12.71 -18.50
CA SER A 3 3.55 -11.81 -17.80
C SER A 3 4.58 -11.23 -18.78
N GLY A 4 4.81 -9.93 -18.65
CA GLY A 4 5.76 -9.24 -19.51
C GLY A 4 6.71 -8.37 -18.69
N SER A 5 7.14 -7.28 -19.31
CA SER A 5 8.04 -6.36 -18.65
C SER A 5 7.25 -5.21 -18.00
N SER A 6 6.41 -4.59 -18.81
CA SER A 6 5.59 -3.49 -18.32
C SER A 6 6.46 -2.24 -18.11
N GLY A 7 7.21 -2.26 -17.03
CA GLY A 7 8.09 -1.14 -16.71
C GLY A 7 8.27 -1.01 -15.20
N PRO A 8 9.55 -1.06 -14.76
CA PRO A 8 9.87 -0.94 -13.34
C PRO A 8 9.73 0.51 -12.88
N GLU A 9 10.00 1.43 -13.79
CA GLU A 9 9.90 2.84 -13.47
C GLU A 9 8.47 3.34 -13.69
N LYS A 10 7.52 2.55 -13.21
CA LYS A 10 6.12 2.89 -13.36
C LYS A 10 5.28 2.01 -12.43
N LEU A 11 5.87 1.70 -11.28
CA LEU A 11 5.19 0.87 -10.30
C LEU A 11 4.67 1.74 -9.15
N PRO A 12 3.48 1.36 -8.63
CA PRO A 12 2.87 2.10 -7.53
C PRO A 12 3.58 1.82 -6.21
N TYR A 13 3.66 2.85 -5.38
CA TYR A 13 4.32 2.73 -4.10
C TYR A 13 3.55 3.49 -3.02
N LEU A 14 3.85 3.16 -1.77
CA LEU A 14 3.20 3.80 -0.64
C LEU A 14 4.20 4.70 0.09
N VAL A 15 3.98 6.00 -0.02
CA VAL A 15 4.85 6.96 0.62
C VAL A 15 4.26 7.34 1.98
N GLU A 16 4.93 6.88 3.03
CA GLU A 16 4.50 7.16 4.39
C GLU A 16 4.21 8.66 4.55
N LEU A 17 3.11 8.94 5.22
CA LEU A 17 2.72 10.33 5.46
C LEU A 17 2.67 10.59 6.97
N SER A 18 2.61 11.87 7.30
CA SER A 18 2.57 12.27 8.71
C SER A 18 1.25 11.82 9.33
N PRO A 19 1.14 12.03 10.67
CA PRO A 19 -0.05 11.65 11.41
C PRO A 19 -1.19 12.63 11.13
N ASP A 20 -0.90 13.61 10.29
CA ASP A 20 -1.89 14.62 9.94
C ASP A 20 -2.35 14.39 8.50
N GLY A 21 -1.52 13.67 7.76
CA GLY A 21 -1.82 13.37 6.36
C GLY A 21 -1.22 14.43 5.43
N SER A 22 -0.24 15.15 5.97
CA SER A 22 0.42 16.19 5.20
C SER A 22 1.93 15.93 5.15
N ASP A 23 2.58 16.59 4.21
CA ASP A 23 4.01 16.44 4.04
C ASP A 23 4.73 17.22 5.15
N SER A 24 5.73 16.56 5.74
CA SER A 24 6.49 17.17 6.81
C SER A 24 7.78 17.78 6.24
N ARG A 25 7.61 18.51 5.15
CA ARG A 25 8.75 19.15 4.50
C ARG A 25 9.97 18.24 4.53
N ASP A 26 9.70 16.95 4.37
CA ASP A 26 10.77 15.96 4.38
C ASP A 26 10.44 14.86 3.36
N LYS A 27 11.39 13.95 3.20
CA LYS A 27 11.20 12.85 2.26
C LYS A 27 10.90 11.57 3.04
N PRO A 28 9.61 11.15 2.98
CA PRO A 28 9.18 9.95 3.67
C PRO A 28 9.66 8.69 2.94
N LYS A 29 9.56 7.57 3.63
CA LYS A 29 9.97 6.30 3.07
C LYS A 29 9.03 5.92 1.92
N LEU A 30 9.55 5.10 1.01
CA LEU A 30 8.76 4.66 -0.13
C LEU A 30 8.84 3.14 -0.23
N TYR A 31 7.83 2.58 -0.89
CA TYR A 31 7.76 1.13 -1.07
C TYR A 31 7.09 0.78 -2.38
N ARG A 32 7.91 0.37 -3.34
CA ARG A 32 7.40 -0.01 -4.65
C ARG A 32 6.67 -1.35 -4.57
N LEU A 33 5.41 -1.33 -4.99
CA LEU A 33 4.59 -2.53 -4.97
C LEU A 33 4.90 -3.36 -6.22
N GLN A 34 6.05 -4.01 -6.20
CA GLN A 34 6.47 -4.84 -7.32
C GLN A 34 5.41 -5.92 -7.60
N LEU A 35 5.38 -6.36 -8.85
CA LEU A 35 4.43 -7.37 -9.27
C LEU A 35 4.30 -8.42 -8.17
N SER A 36 3.17 -9.12 -8.19
CA SER A 36 2.91 -10.15 -7.20
C SER A 36 2.27 -9.54 -5.95
N VAL A 37 1.67 -10.40 -5.15
CA VAL A 37 1.03 -9.95 -3.93
C VAL A 37 2.08 -9.52 -2.92
N THR A 38 1.77 -8.46 -2.18
CA THR A 38 2.69 -7.95 -1.18
C THR A 38 1.99 -7.83 0.18
N GLU A 39 2.31 -8.78 1.05
CA GLU A 39 1.72 -8.80 2.37
C GLU A 39 2.37 -7.73 3.26
N VAL A 40 1.51 -6.93 3.89
CA VAL A 40 1.99 -5.86 4.76
C VAL A 40 1.80 -6.29 6.22
N GLY A 41 2.42 -5.52 7.10
CA GLY A 41 2.34 -5.80 8.52
C GLY A 41 3.72 -5.82 9.17
N THR A 42 3.90 -6.76 10.09
CA THR A 42 5.16 -6.89 10.79
C THR A 42 5.82 -8.23 10.45
N GLU A 43 5.10 -9.02 9.66
CA GLU A 43 5.60 -10.32 9.26
C GLU A 43 6.38 -10.21 7.94
N LYS A 44 7.28 -11.16 7.74
CA LYS A 44 8.09 -11.17 6.53
C LYS A 44 7.77 -12.43 5.72
N PHE A 45 7.60 -12.24 4.42
CA PHE A 45 7.28 -13.34 3.53
C PHE A 45 8.36 -13.49 2.45
N ASP A 46 8.84 -12.35 1.98
CA ASP A 46 9.86 -12.34 0.94
C ASP A 46 10.28 -10.91 0.66
N ASP A 47 11.59 -10.67 0.74
CA ASP A 47 12.12 -9.34 0.50
C ASP A 47 11.40 -8.71 -0.69
N ASN A 48 10.52 -7.77 -0.38
CA ASN A 48 9.77 -7.09 -1.41
C ASN A 48 8.45 -6.60 -0.82
N SER A 49 8.05 -7.22 0.28
CA SER A 49 6.81 -6.86 0.95
C SER A 49 7.04 -5.64 1.84
N ILE A 50 5.97 -5.20 2.49
CA ILE A 50 6.04 -4.04 3.37
C ILE A 50 6.16 -4.52 4.82
N GLN A 51 6.90 -3.75 5.60
CA GLN A 51 7.10 -4.08 7.00
C GLN A 51 6.93 -2.84 7.87
N LEU A 52 5.74 -2.72 8.45
CA LEU A 52 5.43 -1.59 9.31
C LEU A 52 5.47 -2.03 10.77
N PHE A 53 5.86 -1.10 11.63
CA PHE A 53 5.95 -1.38 13.05
C PHE A 53 5.23 -0.31 13.87
N GLY A 54 4.14 -0.72 14.50
CA GLY A 54 3.36 0.20 15.31
C GLY A 54 2.57 -0.56 16.38
N PRO A 55 2.14 0.20 17.43
CA PRO A 55 1.39 -0.39 18.52
C PRO A 55 -0.06 -0.68 18.09
N GLY A 56 -0.30 -1.95 17.78
CA GLY A 56 -1.62 -2.37 17.37
C GLY A 56 -1.58 -2.97 15.96
N ILE A 57 -0.37 -3.08 15.43
CA ILE A 57 -0.19 -3.62 14.10
C ILE A 57 -0.11 -5.15 14.18
N GLN A 58 -0.50 -5.80 13.09
CA GLN A 58 -0.48 -7.25 13.03
C GLN A 58 0.55 -7.72 12.01
N PRO A 59 0.69 -9.07 11.91
CA PRO A 59 1.62 -9.66 10.97
C PRO A 59 1.10 -9.58 9.53
N HIS A 60 -0.05 -10.21 9.32
CA HIS A 60 -0.66 -10.21 8.00
C HIS A 60 -1.75 -9.14 7.95
N HIS A 61 -1.32 -7.90 7.85
CA HIS A 61 -2.25 -6.78 7.78
C HIS A 61 -3.09 -6.88 6.51
N CYS A 62 -2.45 -6.63 5.38
CA CYS A 62 -3.12 -6.69 4.10
C CYS A 62 -2.10 -7.13 3.04
N ASP A 63 -2.61 -7.35 1.84
CA ASP A 63 -1.75 -7.77 0.74
C ASP A 63 -2.04 -6.89 -0.48
N LEU A 64 -0.99 -6.26 -0.97
CA LEU A 64 -1.11 -5.39 -2.13
C LEU A 64 -0.80 -6.19 -3.40
N THR A 65 -1.81 -6.29 -4.26
CA THR A 65 -1.67 -7.02 -5.50
C THR A 65 -1.77 -6.07 -6.70
N ASN A 66 -0.71 -6.05 -7.49
CA ASN A 66 -0.66 -5.19 -8.66
C ASN A 66 -1.18 -5.97 -9.87
N MET A 67 -2.38 -5.61 -10.29
CA MET A 67 -3.00 -6.26 -11.43
C MET A 67 -3.27 -5.25 -12.55
N ASP A 68 -2.45 -5.34 -13.60
CA ASP A 68 -2.58 -4.45 -14.73
C ASP A 68 -2.22 -3.02 -14.31
N GLY A 69 -1.44 -2.94 -13.24
CA GLY A 69 -1.02 -1.65 -12.73
C GLY A 69 -1.89 -1.22 -11.54
N VAL A 70 -3.13 -1.70 -11.55
CA VAL A 70 -4.06 -1.38 -10.49
C VAL A 70 -3.72 -2.19 -9.25
N VAL A 71 -4.02 -1.62 -8.09
CA VAL A 71 -3.75 -2.27 -6.83
C VAL A 71 -5.03 -2.29 -5.98
N THR A 72 -5.18 -3.35 -5.20
CA THR A 72 -6.34 -3.50 -4.34
C THR A 72 -5.91 -3.96 -2.95
N VAL A 73 -6.29 -3.17 -1.95
CA VAL A 73 -5.95 -3.50 -0.58
C VAL A 73 -6.83 -4.66 -0.10
N THR A 74 -6.16 -5.69 0.39
CA THR A 74 -6.87 -6.87 0.87
C THR A 74 -6.45 -7.18 2.31
N PRO A 75 -7.38 -6.85 3.25
CA PRO A 75 -7.12 -7.08 4.67
C PRO A 75 -7.25 -8.57 5.01
N ARG A 76 -6.14 -9.14 5.45
CA ARG A 76 -6.12 -10.55 5.82
C ARG A 76 -5.84 -10.71 7.31
N SER A 77 -6.24 -9.70 8.06
CA SER A 77 -6.04 -9.71 9.50
C SER A 77 -7.34 -9.30 10.21
N MET A 78 -7.80 -10.19 11.08
CA MET A 78 -9.02 -9.94 11.83
C MET A 78 -8.75 -9.02 13.02
N ASP A 79 -8.29 -7.82 12.71
CA ASP A 79 -7.99 -6.85 13.75
C ASP A 79 -7.27 -5.65 13.12
N ALA A 80 -6.48 -5.95 12.09
CA ALA A 80 -5.74 -4.91 11.40
C ALA A 80 -6.71 -3.87 10.84
N GLU A 81 -6.49 -2.63 11.23
CA GLU A 81 -7.34 -1.54 10.79
C GLU A 81 -6.67 -0.80 9.62
N THR A 82 -7.34 -0.84 8.48
CA THR A 82 -6.83 -0.19 7.29
C THR A 82 -7.88 0.75 6.70
N TYR A 83 -7.64 2.04 6.84
CA TYR A 83 -8.56 3.04 6.33
C TYR A 83 -7.97 3.76 5.11
N VAL A 84 -8.67 3.64 3.99
CA VAL A 84 -8.23 4.28 2.76
C VAL A 84 -8.78 5.69 2.69
N ASP A 85 -7.99 6.63 3.20
CA ASP A 85 -8.39 8.03 3.21
C ASP A 85 -9.32 8.29 4.40
N GLY A 86 -9.12 7.50 5.45
CA GLY A 86 -9.92 7.63 6.65
C GLY A 86 -11.18 6.76 6.56
N GLN A 87 -11.20 5.90 5.56
CA GLN A 87 -12.33 5.01 5.35
C GLN A 87 -11.88 3.55 5.46
N ARG A 88 -12.41 2.87 6.46
CA ARG A 88 -12.07 1.47 6.67
C ARG A 88 -12.69 0.60 5.58
N ILE A 89 -12.04 -0.53 5.32
CA ILE A 89 -12.51 -1.45 4.30
C ILE A 89 -12.93 -2.75 4.97
N SER A 90 -13.54 -3.62 4.17
CA SER A 90 -14.01 -4.89 4.66
C SER A 90 -13.79 -5.98 3.60
N GLU A 91 -12.97 -5.64 2.61
CA GLU A 91 -12.67 -6.56 1.53
C GLU A 91 -11.72 -5.92 0.52
N THR A 92 -11.44 -6.66 -0.54
CA THR A 92 -10.55 -6.17 -1.58
C THR A 92 -11.08 -4.85 -2.15
N THR A 93 -10.43 -3.77 -1.73
CA THR A 93 -10.82 -2.44 -2.19
C THR A 93 -9.74 -1.85 -3.09
N MET A 94 -10.17 -1.33 -4.22
CA MET A 94 -9.24 -0.73 -5.17
C MET A 94 -8.53 0.48 -4.56
N LEU A 95 -7.27 0.63 -4.94
CA LEU A 95 -6.46 1.73 -4.43
C LEU A 95 -6.21 2.74 -5.56
N GLN A 96 -6.13 4.00 -5.18
CA GLN A 96 -5.88 5.06 -6.15
C GLN A 96 -4.69 5.92 -5.72
N SER A 97 -4.03 6.49 -6.71
CA SER A 97 -2.87 7.33 -6.44
C SER A 97 -3.29 8.56 -5.63
N GLY A 98 -2.58 8.78 -4.54
CA GLY A 98 -2.87 9.91 -3.68
C GLY A 98 -3.63 9.47 -2.43
N MET A 99 -4.40 8.40 -2.59
CA MET A 99 -5.18 7.87 -1.49
C MET A 99 -4.30 7.56 -0.28
N ARG A 100 -4.84 7.82 0.89
CA ARG A 100 -4.11 7.57 2.13
C ARG A 100 -4.39 6.15 2.63
N LEU A 101 -3.51 5.68 3.51
CA LEU A 101 -3.65 4.35 4.07
C LEU A 101 -3.26 4.39 5.55
N GLN A 102 -4.27 4.30 6.40
CA GLN A 102 -4.04 4.32 7.83
C GLN A 102 -4.08 2.89 8.40
N PHE A 103 -2.91 2.43 8.80
CA PHE A 103 -2.79 1.09 9.36
C PHE A 103 -2.71 1.13 10.88
N GLY A 104 -3.79 0.72 11.51
CA GLY A 104 -3.86 0.70 12.96
C GLY A 104 -3.71 2.12 13.53
N THR A 105 -4.30 3.07 12.82
CA THR A 105 -4.23 4.46 13.24
C THR A 105 -2.87 4.77 13.86
N SER A 106 -1.83 4.45 13.12
CA SER A 106 -0.47 4.69 13.59
C SER A 106 0.44 5.04 12.42
N HIS A 107 0.45 4.15 11.44
CA HIS A 107 1.28 4.35 10.25
C HIS A 107 0.39 4.74 9.07
N VAL A 108 0.52 5.98 8.66
CA VAL A 108 -0.27 6.49 7.54
C VAL A 108 0.62 6.56 6.29
N PHE A 109 0.10 6.04 5.19
CA PHE A 109 0.82 6.05 3.93
C PHE A 109 -0.06 6.55 2.79
N LYS A 110 0.59 6.89 1.69
CA LYS A 110 -0.11 7.39 0.52
C LYS A 110 0.27 6.54 -0.69
N PHE A 111 -0.72 5.88 -1.25
CA PHE A 111 -0.51 5.04 -2.42
C PHE A 111 -0.43 5.88 -3.70
N VAL A 112 0.53 5.52 -4.54
CA VAL A 112 0.72 6.23 -5.79
C VAL A 112 0.94 5.22 -6.93
N ASP A 113 0.61 5.66 -8.14
CA ASP A 113 0.77 4.80 -9.30
C ASP A 113 1.38 5.61 -10.44
N PRO A 114 2.71 5.39 -10.65
CA PRO A 114 3.42 6.09 -11.71
C PRO A 114 3.08 5.52 -13.08
N SER A 115 2.33 4.42 -13.06
CA SER A 115 1.93 3.77 -14.30
C SER A 115 1.04 4.70 -15.11
N GLY A 116 0.25 5.48 -14.40
CA GLY A 116 -0.66 6.43 -15.05
C GLY A 116 -2.12 6.04 -14.83
N PRO A 117 -2.95 7.08 -14.59
CA PRO A 117 -4.37 6.86 -14.36
C PRO A 117 -5.10 6.52 -15.66
N SER A 118 -6.36 6.17 -15.52
CA SER A 118 -7.17 5.82 -16.67
C SER A 118 -8.56 5.37 -16.22
N SER A 119 -9.50 6.31 -16.26
CA SER A 119 -10.87 6.03 -15.87
C SER A 119 -11.84 6.46 -16.97
N GLY A 120 -12.87 5.65 -17.15
CA GLY A 120 -13.88 5.92 -18.17
C GLY A 120 -13.47 5.33 -19.51
N GLY A 1 4.53 -9.95 -32.56
CA GLY A 1 4.10 -10.03 -31.17
C GLY A 1 5.28 -9.88 -30.21
N SER A 2 5.18 -8.88 -29.36
CA SER A 2 6.24 -8.62 -28.39
C SER A 2 5.65 -8.62 -26.98
N SER A 3 5.69 -9.78 -26.35
CA SER A 3 5.17 -9.93 -25.00
C SER A 3 6.30 -9.76 -23.98
N GLY A 4 6.29 -8.63 -23.31
CA GLY A 4 7.30 -8.34 -22.31
C GLY A 4 6.66 -8.03 -20.95
N SER A 5 7.44 -7.41 -20.09
CA SER A 5 6.97 -7.05 -18.76
C SER A 5 6.02 -5.86 -18.84
N SER A 6 5.53 -5.45 -17.68
CA SER A 6 4.61 -4.33 -17.61
C SER A 6 5.38 -3.01 -17.72
N GLY A 7 6.13 -2.71 -16.67
CA GLY A 7 6.92 -1.49 -16.65
C GLY A 7 7.34 -1.14 -15.21
N PRO A 8 8.68 -1.08 -15.00
CA PRO A 8 9.21 -0.75 -13.70
C PRO A 8 9.06 0.74 -13.40
N GLU A 9 8.90 1.51 -14.45
CA GLU A 9 8.74 2.95 -14.32
C GLU A 9 7.27 3.30 -14.08
N LYS A 10 6.48 2.27 -13.83
CA LYS A 10 5.05 2.45 -13.58
C LYS A 10 4.61 1.52 -12.46
N LEU A 11 5.34 1.57 -11.36
CA LEU A 11 5.03 0.73 -10.21
C LEU A 11 4.48 1.61 -9.08
N PRO A 12 3.37 1.12 -8.47
CA PRO A 12 2.73 1.84 -7.38
C PRO A 12 3.55 1.72 -6.09
N TYR A 13 3.67 2.83 -5.40
CA TYR A 13 4.41 2.87 -4.15
C TYR A 13 3.62 3.60 -3.06
N LEU A 14 4.09 3.42 -1.83
CA LEU A 14 3.44 4.05 -0.69
C LEU A 14 4.41 5.02 -0.01
N VAL A 15 4.11 6.30 -0.12
CA VAL A 15 4.96 7.33 0.46
C VAL A 15 4.45 7.65 1.87
N GLU A 16 5.13 7.10 2.86
CA GLU A 16 4.76 7.33 4.25
C GLU A 16 4.40 8.79 4.47
N LEU A 17 3.29 8.99 5.17
CA LEU A 17 2.82 10.34 5.46
C LEU A 17 2.77 10.53 6.98
N SER A 18 2.67 11.79 7.38
CA SER A 18 2.61 12.14 8.79
C SER A 18 1.41 11.46 9.44
N PRO A 19 1.35 11.57 10.79
CA PRO A 19 0.26 10.97 11.55
C PRO A 19 -1.04 11.78 11.38
N ASP A 20 -0.93 12.85 10.59
CA ASP A 20 -2.07 13.71 10.35
C ASP A 20 -2.32 13.80 8.85
N GLY A 21 -1.62 12.96 8.10
CA GLY A 21 -1.75 12.93 6.66
C GLY A 21 -1.09 14.16 6.03
N SER A 22 0.11 14.46 6.52
CA SER A 22 0.86 15.60 6.01
C SER A 22 2.23 15.14 5.54
N ASP A 23 2.87 16.00 4.75
CA ASP A 23 4.19 15.70 4.23
C ASP A 23 5.26 16.34 5.14
N SER A 24 6.03 15.47 5.77
CA SER A 24 7.08 15.91 6.66
C SER A 24 8.04 16.83 5.91
N ARG A 25 8.92 17.48 6.68
CA ARG A 25 9.90 18.38 6.09
C ARG A 25 11.17 17.62 5.73
N ASP A 26 10.96 16.44 5.14
CA ASP A 26 12.07 15.61 4.72
C ASP A 26 11.57 14.53 3.76
N LYS A 27 12.53 13.80 3.20
CA LYS A 27 12.20 12.74 2.26
C LYS A 27 11.45 11.64 3.00
N PRO A 28 10.15 11.46 2.61
CA PRO A 28 9.31 10.44 3.22
C PRO A 28 9.68 9.05 2.72
N LYS A 29 9.38 8.05 3.54
CA LYS A 29 9.68 6.67 3.18
C LYS A 29 8.79 6.26 2.00
N LEU A 30 9.40 5.52 1.08
CA LEU A 30 8.69 5.05 -0.09
C LEU A 30 8.73 3.52 -0.13
N TYR A 31 7.62 2.95 -0.56
CA TYR A 31 7.52 1.50 -0.65
C TYR A 31 6.86 1.07 -1.97
N ARG A 32 7.72 0.76 -2.93
CA ARG A 32 7.25 0.34 -4.24
C ARG A 32 6.60 -1.05 -4.16
N LEU A 33 5.38 -1.12 -4.64
CA LEU A 33 4.64 -2.38 -4.62
C LEU A 33 4.95 -3.16 -5.90
N GLN A 34 5.91 -4.07 -5.79
CA GLN A 34 6.31 -4.88 -6.92
C GLN A 34 5.17 -5.81 -7.33
N LEU A 35 5.43 -6.61 -8.35
CA LEU A 35 4.44 -7.55 -8.85
C LEU A 35 4.24 -8.66 -7.81
N SER A 36 3.11 -9.34 -7.92
CA SER A 36 2.80 -10.43 -7.02
C SER A 36 2.12 -9.88 -5.76
N VAL A 37 1.43 -10.77 -5.05
CA VAL A 37 0.74 -10.39 -3.84
C VAL A 37 1.77 -10.00 -2.77
N THR A 38 1.61 -8.80 -2.24
CA THR A 38 2.51 -8.30 -1.21
C THR A 38 1.77 -8.13 0.11
N GLU A 39 2.07 -9.02 1.05
CA GLU A 39 1.44 -8.98 2.35
C GLU A 39 2.14 -7.95 3.25
N VAL A 40 1.35 -7.01 3.75
CA VAL A 40 1.88 -5.98 4.62
C VAL A 40 1.66 -6.37 6.07
N GLY A 41 2.56 -5.91 6.93
CA GLY A 41 2.46 -6.20 8.35
C GLY A 41 3.86 -6.30 8.98
N THR A 42 3.93 -7.10 10.03
CA THR A 42 5.19 -7.29 10.73
C THR A 42 5.81 -8.63 10.34
N GLU A 43 4.98 -9.50 9.80
CA GLU A 43 5.45 -10.82 9.38
C GLU A 43 5.81 -10.80 7.89
N LYS A 44 6.67 -11.74 7.52
CA LYS A 44 7.11 -11.84 6.14
C LYS A 44 6.48 -13.08 5.50
N PHE A 45 5.53 -12.83 4.61
CA PHE A 45 4.85 -13.92 3.93
C PHE A 45 5.41 -14.11 2.51
N ASP A 46 5.37 -13.04 1.75
CA ASP A 46 5.87 -13.08 0.38
C ASP A 46 7.37 -12.77 0.38
N ASP A 47 7.97 -12.95 -0.78
CA ASP A 47 9.40 -12.70 -0.93
C ASP A 47 9.68 -11.22 -0.65
N ASN A 48 8.94 -10.36 -1.32
CA ASN A 48 9.10 -8.92 -1.16
C ASN A 48 7.85 -8.36 -0.49
N SER A 49 7.61 -8.80 0.74
CA SER A 49 6.45 -8.34 1.49
C SER A 49 6.84 -7.14 2.35
N ILE A 50 5.90 -6.21 2.46
CA ILE A 50 6.12 -5.01 3.26
C ILE A 50 6.16 -5.39 4.75
N GLN A 51 7.20 -4.91 5.42
CA GLN A 51 7.36 -5.18 6.83
C GLN A 51 7.39 -3.88 7.62
N LEU A 52 6.29 -3.63 8.33
CA LEU A 52 6.16 -2.43 9.13
C LEU A 52 6.17 -2.80 10.61
N PHE A 53 6.43 -1.81 11.44
CA PHE A 53 6.47 -2.02 12.88
C PHE A 53 5.78 -0.88 13.62
N GLY A 54 4.74 -1.26 14.37
CA GLY A 54 3.98 -0.28 15.13
C GLY A 54 3.18 -0.96 16.25
N PRO A 55 2.86 -0.15 17.29
CA PRO A 55 2.11 -0.66 18.43
C PRO A 55 0.63 -0.83 18.07
N GLY A 56 0.29 -2.04 17.65
CA GLY A 56 -1.07 -2.36 17.28
C GLY A 56 -1.13 -2.97 15.88
N ILE A 57 0.04 -3.09 15.27
CA ILE A 57 0.13 -3.67 13.93
C ILE A 57 0.13 -5.19 14.03
N GLN A 58 -0.35 -5.82 12.98
CA GLN A 58 -0.41 -7.27 12.93
C GLN A 58 0.55 -7.81 11.87
N PRO A 59 0.63 -9.17 11.81
CA PRO A 59 1.51 -9.82 10.86
C PRO A 59 0.92 -9.76 9.44
N HIS A 60 -0.31 -10.24 9.33
CA HIS A 60 -0.99 -10.25 8.04
C HIS A 60 -2.03 -9.12 8.01
N HIS A 61 -1.53 -7.91 7.81
CA HIS A 61 -2.40 -6.74 7.75
C HIS A 61 -3.29 -6.82 6.50
N CYS A 62 -2.63 -6.83 5.35
CA CYS A 62 -3.34 -6.91 4.08
C CYS A 62 -2.32 -7.26 2.99
N ASP A 63 -2.85 -7.49 1.79
CA ASP A 63 -2.01 -7.84 0.66
C ASP A 63 -2.23 -6.82 -0.46
N LEU A 64 -1.15 -6.57 -1.19
CA LEU A 64 -1.21 -5.62 -2.29
C LEU A 64 -0.81 -6.32 -3.59
N THR A 65 -1.82 -6.64 -4.40
CA THR A 65 -1.59 -7.31 -5.66
C THR A 65 -1.55 -6.29 -6.80
N ASN A 66 -0.39 -6.23 -7.45
CA ASN A 66 -0.21 -5.31 -8.56
C ASN A 66 -0.51 -6.04 -9.87
N MET A 67 -1.64 -5.70 -10.46
CA MET A 67 -2.05 -6.30 -11.72
C MET A 67 -2.18 -5.26 -12.82
N ASP A 68 -1.15 -5.19 -13.66
CA ASP A 68 -1.14 -4.25 -14.75
C ASP A 68 -1.04 -2.82 -14.19
N GLY A 69 -0.59 -2.75 -12.95
CA GLY A 69 -0.45 -1.46 -12.28
C GLY A 69 -1.58 -1.24 -11.27
N VAL A 70 -2.64 -2.01 -11.43
CA VAL A 70 -3.79 -1.91 -10.54
C VAL A 70 -3.45 -2.59 -9.21
N VAL A 71 -3.80 -1.89 -8.13
CA VAL A 71 -3.54 -2.41 -6.80
C VAL A 71 -4.81 -2.30 -5.96
N THR A 72 -5.07 -3.35 -5.20
CA THR A 72 -6.26 -3.37 -4.34
C THR A 72 -5.89 -3.92 -2.96
N VAL A 73 -6.12 -3.08 -1.95
CA VAL A 73 -5.83 -3.46 -0.58
C VAL A 73 -6.81 -4.55 -0.14
N THR A 74 -6.25 -5.62 0.42
CA THR A 74 -7.07 -6.72 0.89
C THR A 74 -6.69 -7.09 2.33
N PRO A 75 -7.58 -6.68 3.28
CA PRO A 75 -7.35 -6.96 4.68
C PRO A 75 -7.63 -8.43 5.00
N ARG A 76 -6.61 -9.09 5.56
CA ARG A 76 -6.74 -10.49 5.91
C ARG A 76 -6.41 -10.69 7.39
N SER A 77 -6.69 -9.65 8.17
CA SER A 77 -6.42 -9.71 9.60
C SER A 77 -7.65 -9.19 10.37
N MET A 78 -8.20 -10.07 11.19
CA MET A 78 -9.36 -9.70 11.99
C MET A 78 -8.96 -8.83 13.18
N ASP A 79 -8.35 -7.70 12.86
CA ASP A 79 -7.92 -6.77 13.89
C ASP A 79 -7.20 -5.59 13.24
N ALA A 80 -6.48 -5.90 12.16
CA ALA A 80 -5.74 -4.88 11.44
C ALA A 80 -6.72 -3.89 10.81
N GLU A 81 -6.59 -2.64 11.21
CA GLU A 81 -7.46 -1.59 10.70
C GLU A 81 -6.85 -0.96 9.45
N THR A 82 -7.64 -0.93 8.39
CA THR A 82 -7.20 -0.35 7.13
C THR A 82 -8.20 0.68 6.63
N TYR A 83 -7.84 1.95 6.83
CA TYR A 83 -8.69 3.04 6.40
C TYR A 83 -8.13 3.73 5.16
N VAL A 84 -8.92 3.72 4.10
CA VAL A 84 -8.51 4.33 2.85
C VAL A 84 -9.12 5.74 2.75
N ASP A 85 -8.36 6.71 3.22
CA ASP A 85 -8.81 8.09 3.19
C ASP A 85 -9.83 8.32 4.32
N GLY A 86 -9.54 7.71 5.46
CA GLY A 86 -10.41 7.84 6.61
C GLY A 86 -11.65 6.95 6.46
N GLN A 87 -11.48 5.86 5.74
CA GLN A 87 -12.56 4.93 5.51
C GLN A 87 -12.06 3.48 5.58
N ARG A 88 -12.53 2.78 6.60
CA ARG A 88 -12.14 1.39 6.80
C ARG A 88 -12.75 0.51 5.72
N ILE A 89 -12.05 -0.58 5.42
CA ILE A 89 -12.51 -1.52 4.41
C ILE A 89 -12.72 -2.89 5.05
N SER A 90 -13.65 -3.65 4.47
CA SER A 90 -13.95 -4.97 4.97
C SER A 90 -13.57 -6.03 3.93
N GLU A 91 -13.36 -5.55 2.71
CA GLU A 91 -12.99 -6.44 1.62
C GLU A 91 -11.98 -5.75 0.69
N THR A 92 -11.62 -6.46 -0.36
CA THR A 92 -10.66 -5.93 -1.33
C THR A 92 -11.15 -4.60 -1.88
N THR A 93 -10.50 -3.53 -1.45
CA THR A 93 -10.86 -2.20 -1.88
C THR A 93 -9.78 -1.64 -2.82
N MET A 94 -10.22 -1.27 -4.01
CA MET A 94 -9.32 -0.72 -5.01
C MET A 94 -8.54 0.48 -4.44
N LEU A 95 -7.30 0.59 -4.87
CA LEU A 95 -6.45 1.68 -4.41
C LEU A 95 -6.29 2.70 -5.55
N GLN A 96 -6.01 3.93 -5.15
CA GLN A 96 -5.84 5.01 -6.11
C GLN A 96 -4.66 5.90 -5.69
N SER A 97 -4.28 6.77 -6.61
CA SER A 97 -3.18 7.69 -6.36
C SER A 97 -3.62 8.79 -5.39
N GLY A 98 -2.82 8.96 -4.34
CA GLY A 98 -3.12 9.96 -3.34
C GLY A 98 -3.78 9.34 -2.11
N MET A 99 -4.60 8.32 -2.36
CA MET A 99 -5.29 7.63 -1.29
C MET A 99 -4.40 7.52 -0.05
N ARG A 100 -5.05 7.61 1.11
CA ARG A 100 -4.34 7.52 2.37
C ARG A 100 -4.45 6.10 2.94
N LEU A 101 -3.30 5.50 3.19
CA LEU A 101 -3.26 4.16 3.73
C LEU A 101 -3.04 4.23 5.25
N GLN A 102 -4.04 3.78 5.99
CA GLN A 102 -3.96 3.79 7.45
C GLN A 102 -3.80 2.36 7.98
N PHE A 103 -2.59 2.07 8.45
CA PHE A 103 -2.29 0.76 8.99
C PHE A 103 -2.13 0.81 10.51
N GLY A 104 -3.27 0.75 11.20
CA GLY A 104 -3.26 0.80 12.66
C GLY A 104 -3.25 2.24 13.16
N THR A 105 -3.86 3.12 12.38
CA THR A 105 -3.93 4.52 12.73
C THR A 105 -2.62 4.97 13.37
N SER A 106 -1.54 4.36 12.92
CA SER A 106 -0.21 4.68 13.44
C SER A 106 0.73 5.05 12.30
N HIS A 107 0.64 4.25 11.24
CA HIS A 107 1.48 4.48 10.07
C HIS A 107 0.60 4.82 8.86
N VAL A 108 0.58 6.11 8.54
CA VAL A 108 -0.21 6.57 7.42
C VAL A 108 0.68 6.66 6.17
N PHE A 109 0.15 6.15 5.07
CA PHE A 109 0.89 6.17 3.82
C PHE A 109 0.02 6.72 2.69
N LYS A 110 0.69 7.06 1.58
CA LYS A 110 -0.02 7.61 0.43
C LYS A 110 0.42 6.84 -0.83
N PHE A 111 -0.54 6.15 -1.41
CA PHE A 111 -0.28 5.37 -2.61
C PHE A 111 -0.33 6.25 -3.85
N VAL A 112 0.70 6.11 -4.69
CA VAL A 112 0.78 6.89 -5.91
C VAL A 112 1.08 5.95 -7.08
N ASP A 113 0.38 6.19 -8.19
CA ASP A 113 0.57 5.39 -9.37
C ASP A 113 1.35 6.19 -10.42
N PRO A 114 2.64 5.83 -10.57
CA PRO A 114 3.51 6.51 -11.54
C PRO A 114 3.18 6.08 -12.97
N SER A 115 2.25 5.13 -13.07
CA SER A 115 1.84 4.63 -14.37
C SER A 115 1.12 5.72 -15.16
N GLY A 116 0.10 6.28 -14.54
CA GLY A 116 -0.67 7.34 -15.17
C GLY A 116 -2.00 6.81 -15.70
N PRO A 117 -3.05 7.67 -15.60
CA PRO A 117 -4.38 7.30 -16.06
C PRO A 117 -4.45 7.34 -17.59
N SER A 118 -4.21 6.17 -18.19
CA SER A 118 -4.25 6.06 -19.64
C SER A 118 -5.39 5.13 -20.06
N SER A 119 -6.11 5.57 -21.09
CA SER A 119 -7.22 4.79 -21.59
C SER A 119 -7.27 4.87 -23.12
N GLY A 120 -7.03 3.73 -23.75
CA GLY A 120 -7.05 3.65 -25.19
C GLY A 120 -6.09 2.56 -25.70
N GLY A 1 1.84 -7.85 -25.54
CA GLY A 1 0.83 -8.85 -25.25
C GLY A 1 -0.44 -8.20 -24.70
N SER A 2 -1.08 -8.91 -23.78
CA SER A 2 -2.31 -8.43 -23.17
C SER A 2 -2.05 -8.06 -21.71
N SER A 3 -1.60 -9.06 -20.96
CA SER A 3 -1.31 -8.86 -19.55
C SER A 3 0.08 -9.40 -19.22
N GLY A 4 0.98 -8.49 -18.91
CA GLY A 4 2.35 -8.85 -18.58
C GLY A 4 3.05 -7.73 -17.81
N SER A 5 4.27 -7.44 -18.23
CA SER A 5 5.05 -6.39 -17.59
C SER A 5 5.43 -5.32 -18.61
N SER A 6 5.52 -4.08 -18.13
CA SER A 6 5.86 -2.96 -18.98
C SER A 6 5.87 -1.67 -18.17
N GLY A 7 7.01 -1.41 -17.55
CA GLY A 7 7.16 -0.21 -16.73
C GLY A 7 7.46 -0.56 -15.28
N PRO A 8 8.78 -0.79 -15.01
CA PRO A 8 9.21 -1.14 -13.66
C PRO A 8 9.20 0.08 -12.75
N GLU A 9 9.73 1.18 -13.27
CA GLU A 9 9.79 2.42 -12.52
C GLU A 9 8.42 3.07 -12.47
N LYS A 10 7.47 2.47 -13.18
CA LYS A 10 6.11 2.98 -13.22
C LYS A 10 5.23 2.12 -12.33
N LEU A 11 5.80 1.67 -11.22
CA LEU A 11 5.07 0.84 -10.28
C LEU A 11 4.56 1.72 -9.13
N PRO A 12 3.40 1.31 -8.57
CA PRO A 12 2.79 2.04 -7.48
C PRO A 12 3.54 1.79 -6.17
N TYR A 13 3.61 2.83 -5.35
CA TYR A 13 4.28 2.74 -4.07
C TYR A 13 3.52 3.50 -2.98
N LEU A 14 3.91 3.24 -1.74
CA LEU A 14 3.28 3.89 -0.61
C LEU A 14 4.27 4.86 0.03
N VAL A 15 3.99 6.15 -0.12
CA VAL A 15 4.84 7.18 0.43
C VAL A 15 4.31 7.59 1.81
N GLU A 16 4.99 7.10 2.85
CA GLU A 16 4.59 7.41 4.21
C GLU A 16 4.26 8.90 4.35
N LEU A 17 3.09 9.17 4.89
CA LEU A 17 2.65 10.53 5.09
C LEU A 17 2.66 10.87 6.58
N SER A 18 2.65 12.15 6.87
CA SER A 18 2.66 12.61 8.25
C SER A 18 1.46 12.05 9.00
N PRO A 19 1.42 12.34 10.33
CA PRO A 19 0.33 11.86 11.17
C PRO A 19 -0.94 12.66 10.92
N ASP A 20 -0.82 13.66 10.05
CA ASP A 20 -1.95 14.51 9.72
C ASP A 20 -2.36 14.26 8.26
N GLY A 21 -1.44 13.68 7.51
CA GLY A 21 -1.69 13.37 6.11
C GLY A 21 -1.10 14.45 5.20
N SER A 22 0.04 14.96 5.62
CA SER A 22 0.73 16.00 4.86
C SER A 22 2.15 15.56 4.52
N ASP A 23 2.74 16.24 3.56
CA ASP A 23 4.10 15.93 3.14
C ASP A 23 5.09 16.81 3.91
N SER A 24 5.64 16.24 4.97
CA SER A 24 6.59 16.97 5.80
C SER A 24 7.72 17.53 4.92
N ARG A 25 8.59 18.31 5.55
CA ARG A 25 9.71 18.91 4.86
C ARG A 25 10.90 17.94 4.85
N ASP A 26 10.64 16.74 4.36
CA ASP A 26 11.69 15.72 4.28
C ASP A 26 11.29 14.66 3.26
N LYS A 27 12.15 13.67 3.12
CA LYS A 27 11.90 12.59 2.17
C LYS A 27 11.40 11.36 2.94
N PRO A 28 10.07 11.08 2.77
CA PRO A 28 9.46 9.94 3.43
C PRO A 28 9.86 8.63 2.75
N LYS A 29 9.65 7.53 3.48
CA LYS A 29 9.98 6.22 2.96
C LYS A 29 9.05 5.88 1.81
N LEU A 30 9.54 5.03 0.91
CA LEU A 30 8.76 4.62 -0.24
C LEU A 30 8.82 3.09 -0.37
N TYR A 31 7.70 2.53 -0.78
CA TYR A 31 7.60 1.08 -0.94
C TYR A 31 6.92 0.73 -2.26
N ARG A 32 7.75 0.39 -3.24
CA ARG A 32 7.25 0.01 -4.55
C ARG A 32 6.55 -1.35 -4.49
N LEU A 33 5.32 -1.36 -4.96
CA LEU A 33 4.54 -2.59 -4.97
C LEU A 33 4.84 -3.37 -6.25
N GLN A 34 5.96 -4.07 -6.24
CA GLN A 34 6.38 -4.85 -7.38
C GLN A 34 5.35 -5.94 -7.67
N LEU A 35 5.35 -6.39 -8.92
CA LEU A 35 4.42 -7.42 -9.34
C LEU A 35 4.29 -8.47 -8.23
N SER A 36 3.17 -9.17 -8.25
CA SER A 36 2.91 -10.20 -7.25
C SER A 36 2.29 -9.57 -6.00
N VAL A 37 1.64 -10.42 -5.21
CA VAL A 37 1.01 -9.96 -3.99
C VAL A 37 2.09 -9.53 -3.00
N THR A 38 1.71 -8.57 -2.16
CA THR A 38 2.63 -8.06 -1.15
C THR A 38 1.93 -7.93 0.20
N GLU A 39 2.24 -8.86 1.09
CA GLU A 39 1.64 -8.86 2.41
C GLU A 39 2.30 -7.79 3.29
N VAL A 40 1.46 -7.00 3.94
CA VAL A 40 1.94 -5.95 4.81
C VAL A 40 1.71 -6.34 6.27
N GLY A 41 2.37 -5.61 7.16
CA GLY A 41 2.24 -5.87 8.58
C GLY A 41 3.61 -5.87 9.27
N THR A 42 3.77 -6.80 10.20
CA THR A 42 5.02 -6.91 10.93
C THR A 42 5.69 -8.26 10.65
N GLU A 43 4.91 -9.14 10.02
CA GLU A 43 5.41 -10.47 9.69
C GLU A 43 6.39 -10.40 8.51
N LYS A 44 7.23 -11.41 8.42
CA LYS A 44 8.21 -11.48 7.36
C LYS A 44 7.80 -12.55 6.35
N PHE A 45 7.53 -12.11 5.13
CA PHE A 45 7.12 -13.01 4.07
C PHE A 45 8.14 -13.02 2.93
N ASP A 46 8.66 -11.83 2.65
CA ASP A 46 9.64 -11.68 1.58
C ASP A 46 10.20 -10.26 1.60
N ASP A 47 11.47 -10.15 1.25
CA ASP A 47 12.13 -8.85 1.23
C ASP A 47 11.24 -7.86 0.50
N ASN A 48 10.49 -8.37 -0.47
CA ASN A 48 9.60 -7.53 -1.25
C ASN A 48 8.44 -7.06 -0.37
N SER A 49 7.94 -7.99 0.43
CA SER A 49 6.83 -7.70 1.33
C SER A 49 7.17 -6.48 2.18
N ILE A 50 6.11 -5.78 2.60
CA ILE A 50 6.28 -4.60 3.42
C ILE A 50 6.34 -5.00 4.89
N GLN A 51 7.06 -4.21 5.67
CA GLN A 51 7.20 -4.47 7.08
C GLN A 51 7.02 -3.18 7.89
N LEU A 52 5.81 -3.01 8.41
CA LEU A 52 5.49 -1.84 9.20
C LEU A 52 5.46 -2.21 10.68
N PHE A 53 5.98 -1.32 11.50
CA PHE A 53 6.02 -1.54 12.94
C PHE A 53 5.22 -0.47 13.68
N GLY A 54 4.24 -0.93 14.43
CA GLY A 54 3.39 -0.03 15.19
C GLY A 54 2.70 -0.76 16.35
N PRO A 55 2.33 0.03 17.39
CA PRO A 55 1.66 -0.53 18.56
C PRO A 55 0.20 -0.87 18.25
N GLY A 56 0.01 -2.08 17.73
CA GLY A 56 -1.32 -2.54 17.39
C GLY A 56 -1.34 -3.18 15.99
N ILE A 57 -0.21 -3.07 15.31
CA ILE A 57 -0.08 -3.63 13.98
C ILE A 57 -0.01 -5.16 14.08
N GLN A 58 -0.54 -5.82 13.06
CA GLN A 58 -0.54 -7.26 13.02
C GLN A 58 0.46 -7.76 11.98
N PRO A 59 0.60 -9.11 11.91
CA PRO A 59 1.51 -9.73 10.96
C PRO A 59 0.94 -9.69 9.54
N HIS A 60 -0.26 -10.24 9.42
CA HIS A 60 -0.93 -10.27 8.13
C HIS A 60 -1.99 -9.17 8.07
N HIS A 61 -1.51 -7.94 7.88
CA HIS A 61 -2.41 -6.80 7.80
C HIS A 61 -3.26 -6.89 6.53
N CYS A 62 -2.59 -6.74 5.40
CA CYS A 62 -3.27 -6.81 4.11
C CYS A 62 -2.24 -7.17 3.05
N ASP A 63 -2.73 -7.32 1.82
CA ASP A 63 -1.86 -7.67 0.71
C ASP A 63 -2.10 -6.69 -0.44
N LEU A 64 -1.03 -6.39 -1.16
CA LEU A 64 -1.11 -5.48 -2.28
C LEU A 64 -0.72 -6.21 -3.57
N THR A 65 -1.71 -6.44 -4.41
CA THR A 65 -1.48 -7.13 -5.67
C THR A 65 -1.58 -6.15 -6.84
N ASN A 66 -0.53 -6.12 -7.63
CA ASN A 66 -0.48 -5.24 -8.78
C ASN A 66 -1.03 -5.97 -10.01
N MET A 67 -2.20 -5.52 -10.45
CA MET A 67 -2.84 -6.14 -11.61
C MET A 67 -3.00 -5.12 -12.74
N ASP A 68 -2.12 -5.23 -13.72
CA ASP A 68 -2.15 -4.34 -14.87
C ASP A 68 -1.91 -2.91 -14.40
N GLY A 69 -1.20 -2.80 -13.28
CA GLY A 69 -0.90 -1.50 -12.71
C GLY A 69 -1.84 -1.16 -11.56
N VAL A 70 -3.04 -1.73 -11.63
CA VAL A 70 -4.04 -1.51 -10.61
C VAL A 70 -3.70 -2.32 -9.36
N VAL A 71 -4.01 -1.76 -8.21
CA VAL A 71 -3.74 -2.43 -6.96
C VAL A 71 -5.01 -2.41 -6.09
N THR A 72 -5.18 -3.49 -5.33
CA THR A 72 -6.34 -3.60 -4.46
C THR A 72 -5.91 -4.09 -3.08
N VAL A 73 -6.19 -3.25 -2.09
CA VAL A 73 -5.84 -3.57 -0.71
C VAL A 73 -6.76 -4.69 -0.21
N THR A 74 -6.13 -5.76 0.26
CA THR A 74 -6.88 -6.90 0.77
C THR A 74 -6.43 -7.22 2.20
N PRO A 75 -7.30 -6.84 3.17
CA PRO A 75 -7.01 -7.08 4.57
C PRO A 75 -7.22 -8.55 4.92
N ARG A 76 -6.16 -9.17 5.41
CA ARG A 76 -6.23 -10.58 5.78
C ARG A 76 -5.95 -10.73 7.28
N SER A 77 -6.43 -9.75 8.04
CA SER A 77 -6.25 -9.77 9.48
C SER A 77 -7.57 -9.44 10.18
N MET A 78 -7.79 -10.08 11.32
CA MET A 78 -9.00 -9.86 12.08
C MET A 78 -8.77 -8.84 13.19
N ASP A 79 -8.38 -7.64 12.78
CA ASP A 79 -8.11 -6.58 13.73
C ASP A 79 -7.34 -5.46 13.04
N ALA A 80 -6.57 -5.85 12.03
CA ALA A 80 -5.78 -4.91 11.27
C ALA A 80 -6.69 -3.86 10.65
N GLU A 81 -6.67 -2.68 11.26
CA GLU A 81 -7.50 -1.58 10.77
C GLU A 81 -6.79 -0.85 9.63
N THR A 82 -7.44 -0.88 8.47
CA THR A 82 -6.89 -0.22 7.30
C THR A 82 -7.90 0.76 6.71
N TYR A 83 -7.67 2.04 7.00
CA TYR A 83 -8.55 3.08 6.50
C TYR A 83 -7.94 3.79 5.29
N VAL A 84 -8.59 3.60 4.15
CA VAL A 84 -8.13 4.20 2.91
C VAL A 84 -8.70 5.63 2.80
N ASP A 85 -7.92 6.57 3.31
CA ASP A 85 -8.33 7.97 3.26
C ASP A 85 -9.37 8.22 4.37
N GLY A 86 -9.23 7.47 5.45
CA GLY A 86 -10.14 7.60 6.57
C GLY A 86 -11.37 6.69 6.38
N GLN A 87 -11.23 5.75 5.47
CA GLN A 87 -12.32 4.82 5.19
C GLN A 87 -11.84 3.39 5.38
N ARG A 88 -12.39 2.75 6.40
CA ARG A 88 -12.04 1.36 6.70
C ARG A 88 -12.69 0.41 5.69
N ILE A 89 -11.86 -0.42 5.10
CA ILE A 89 -12.34 -1.38 4.12
C ILE A 89 -12.69 -2.70 4.82
N SER A 90 -13.39 -3.55 4.09
CA SER A 90 -13.79 -4.84 4.63
C SER A 90 -13.53 -5.94 3.60
N GLU A 91 -12.79 -5.58 2.56
CA GLU A 91 -12.47 -6.52 1.51
C GLU A 91 -11.63 -5.84 0.43
N THR A 92 -11.34 -6.60 -0.62
CA THR A 92 -10.55 -6.09 -1.72
C THR A 92 -11.10 -4.75 -2.20
N THR A 93 -10.41 -3.68 -1.79
CA THR A 93 -10.83 -2.34 -2.16
C THR A 93 -9.78 -1.69 -3.06
N MET A 94 -10.22 -1.33 -4.27
CA MET A 94 -9.33 -0.71 -5.23
C MET A 94 -8.68 0.55 -4.65
N LEU A 95 -7.40 0.70 -4.93
CA LEU A 95 -6.65 1.85 -4.44
C LEU A 95 -6.40 2.83 -5.59
N GLN A 96 -6.34 4.10 -5.25
CA GLN A 96 -6.11 5.13 -6.24
C GLN A 96 -4.99 6.07 -5.79
N SER A 97 -4.11 6.39 -6.72
CA SER A 97 -2.99 7.27 -6.43
C SER A 97 -3.47 8.48 -5.64
N GLY A 98 -2.76 8.77 -4.56
CA GLY A 98 -3.10 9.89 -3.71
C GLY A 98 -3.81 9.43 -2.43
N MET A 99 -4.60 8.39 -2.58
CA MET A 99 -5.33 7.83 -1.45
C MET A 99 -4.39 7.52 -0.29
N ARG A 100 -4.88 7.78 0.92
CA ARG A 100 -4.09 7.54 2.11
C ARG A 100 -4.34 6.12 2.63
N LEU A 101 -3.45 5.69 3.52
CA LEU A 101 -3.56 4.36 4.09
C LEU A 101 -3.13 4.40 5.56
N GLN A 102 -4.10 4.22 6.44
CA GLN A 102 -3.84 4.24 7.86
C GLN A 102 -3.87 2.82 8.43
N PHE A 103 -2.69 2.31 8.74
CA PHE A 103 -2.57 0.96 9.27
C PHE A 103 -2.56 1.00 10.81
N GLY A 104 -3.70 0.63 11.38
CA GLY A 104 -3.83 0.60 12.83
C GLY A 104 -4.34 1.95 13.35
N THR A 105 -3.38 2.80 13.73
CA THR A 105 -3.71 4.11 14.25
C THR A 105 -2.45 4.85 14.67
N SER A 106 -1.54 5.01 13.71
CA SER A 106 -0.29 5.69 13.96
C SER A 106 0.50 5.86 12.66
N HIS A 107 0.45 4.82 11.85
CA HIS A 107 1.15 4.84 10.57
C HIS A 107 0.16 5.17 9.46
N VAL A 108 0.49 6.22 8.72
CA VAL A 108 -0.36 6.66 7.62
C VAL A 108 0.50 6.84 6.37
N PHE A 109 0.18 6.05 5.35
CA PHE A 109 0.90 6.12 4.09
C PHE A 109 0.01 6.63 2.96
N LYS A 110 0.63 6.84 1.81
CA LYS A 110 -0.09 7.32 0.65
C LYS A 110 0.29 6.49 -0.58
N PHE A 111 -0.71 5.81 -1.13
CA PHE A 111 -0.48 4.97 -2.29
C PHE A 111 -0.43 5.82 -3.58
N VAL A 112 0.46 5.43 -4.47
CA VAL A 112 0.61 6.14 -5.73
C VAL A 112 0.78 5.14 -6.86
N ASP A 113 0.41 5.56 -8.06
CA ASP A 113 0.51 4.70 -9.22
C ASP A 113 1.12 5.50 -10.38
N PRO A 114 2.45 5.33 -10.59
CA PRO A 114 3.14 6.02 -11.66
C PRO A 114 2.82 5.41 -13.01
N SER A 115 2.02 4.35 -12.98
CA SER A 115 1.63 3.65 -14.20
C SER A 115 0.75 4.57 -15.05
N GLY A 116 -0.11 5.32 -14.37
CA GLY A 116 -1.01 6.23 -15.04
C GLY A 116 -2.24 5.50 -15.58
N PRO A 117 -3.42 6.18 -15.45
CA PRO A 117 -4.67 5.60 -15.91
C PRO A 117 -4.76 5.63 -17.43
N SER A 118 -5.84 5.05 -17.94
CA SER A 118 -6.07 5.00 -19.37
C SER A 118 -7.56 5.02 -19.67
N SER A 119 -8.24 4.00 -19.18
CA SER A 119 -9.68 3.90 -19.37
C SER A 119 -10.42 4.94 -18.53
N GLY A 120 -10.17 4.86 -17.23
CA GLY A 120 -10.80 5.79 -16.30
C GLY A 120 -9.90 6.04 -15.09
N GLY A 1 0.79 -19.96 -20.36
CA GLY A 1 1.69 -18.89 -19.97
C GLY A 1 1.52 -17.67 -20.85
N SER A 2 1.17 -16.56 -20.22
CA SER A 2 0.96 -15.31 -20.94
C SER A 2 1.85 -14.21 -20.34
N SER A 3 2.33 -13.34 -21.21
CA SER A 3 3.18 -12.25 -20.78
C SER A 3 2.33 -11.00 -20.48
N GLY A 4 2.87 -10.16 -19.63
CA GLY A 4 2.18 -8.93 -19.26
C GLY A 4 2.88 -7.70 -19.84
N SER A 5 3.45 -6.91 -18.95
CA SER A 5 4.15 -5.70 -19.36
C SER A 5 5.45 -5.54 -18.55
N SER A 6 6.33 -4.72 -19.08
CA SER A 6 7.60 -4.47 -18.42
C SER A 6 7.73 -3.00 -18.05
N GLY A 7 7.48 -2.72 -16.78
CA GLY A 7 7.55 -1.36 -16.27
C GLY A 7 7.82 -1.34 -14.77
N PRO A 8 9.12 -1.24 -14.42
CA PRO A 8 9.52 -1.21 -13.02
C PRO A 8 9.21 0.15 -12.39
N GLU A 9 9.55 1.20 -13.13
CA GLU A 9 9.31 2.56 -12.65
C GLU A 9 7.82 2.87 -12.67
N LYS A 10 7.06 1.93 -13.21
CA LYS A 10 5.62 2.09 -13.30
C LYS A 10 4.94 1.21 -12.25
N LEU A 11 5.56 1.14 -11.08
CA LEU A 11 5.03 0.34 -10.00
C LEU A 11 4.47 1.26 -8.91
N PRO A 12 3.33 0.81 -8.31
CA PRO A 12 2.68 1.59 -7.26
C PRO A 12 3.47 1.48 -5.95
N TYR A 13 3.64 2.62 -5.31
CA TYR A 13 4.36 2.68 -4.05
C TYR A 13 3.55 3.42 -2.99
N LEU A 14 4.02 3.31 -1.74
CA LEU A 14 3.35 3.98 -0.64
C LEU A 14 4.29 5.00 -0.02
N VAL A 15 3.95 6.26 -0.20
CA VAL A 15 4.75 7.35 0.34
C VAL A 15 4.24 7.73 1.73
N GLU A 16 4.97 7.29 2.74
CA GLU A 16 4.59 7.57 4.11
C GLU A 16 4.22 9.05 4.27
N LEU A 17 3.08 9.28 4.90
CA LEU A 17 2.60 10.63 5.12
C LEU A 17 2.55 10.91 6.62
N SER A 18 2.49 12.20 6.95
CA SER A 18 2.43 12.61 8.34
C SER A 18 1.34 11.82 9.08
N PRO A 19 1.27 12.07 10.42
CA PRO A 19 0.28 11.40 11.24
C PRO A 19 -1.12 11.97 11.01
N ASP A 20 -1.17 13.01 10.19
CA ASP A 20 -2.43 13.66 9.88
C ASP A 20 -2.77 13.42 8.40
N GLY A 21 -1.76 13.00 7.66
CA GLY A 21 -1.94 12.74 6.25
C GLY A 21 -1.45 13.92 5.40
N SER A 22 -0.34 14.50 5.84
CA SER A 22 0.24 15.63 5.14
C SER A 22 1.68 15.34 4.76
N ASP A 23 2.21 16.14 3.85
CA ASP A 23 3.58 15.97 3.40
C ASP A 23 4.52 16.67 4.39
N SER A 24 5.18 15.87 5.20
CA SER A 24 6.11 16.38 6.19
C SER A 24 7.13 17.30 5.50
N ARG A 25 7.94 17.95 6.34
CA ARG A 25 8.96 18.84 5.83
C ARG A 25 10.26 18.09 5.57
N ASP A 26 10.14 16.97 4.86
CA ASP A 26 11.29 16.15 4.54
C ASP A 26 10.86 15.01 3.63
N LYS A 27 11.84 14.37 3.02
CA LYS A 27 11.58 13.26 2.12
C LYS A 27 10.98 12.10 2.93
N PRO A 28 9.68 11.81 2.64
CA PRO A 28 8.99 10.73 3.33
C PRO A 28 9.43 9.37 2.80
N LYS A 29 9.24 8.35 3.61
CA LYS A 29 9.61 7.00 3.24
C LYS A 29 8.71 6.53 2.10
N LEU A 30 9.25 5.63 1.29
CA LEU A 30 8.51 5.09 0.17
C LEU A 30 8.50 3.57 0.25
N TYR A 31 7.56 2.97 -0.47
CA TYR A 31 7.43 1.53 -0.48
C TYR A 31 6.75 1.05 -1.76
N ARG A 32 7.57 0.64 -2.73
CA ARG A 32 7.05 0.16 -4.00
C ARG A 32 6.41 -1.22 -3.82
N LEU A 33 5.25 -1.37 -4.44
CA LEU A 33 4.53 -2.63 -4.37
C LEU A 33 4.83 -3.46 -5.61
N GLN A 34 5.98 -4.12 -5.58
CA GLN A 34 6.41 -4.95 -6.69
C GLN A 34 5.25 -5.85 -7.14
N LEU A 35 5.32 -6.25 -8.40
CA LEU A 35 4.29 -7.11 -8.97
C LEU A 35 4.08 -8.32 -8.04
N SER A 36 3.00 -9.05 -8.32
CA SER A 36 2.67 -10.22 -7.53
C SER A 36 1.86 -9.80 -6.30
N VAL A 37 2.08 -10.52 -5.21
CA VAL A 37 1.38 -10.24 -3.97
C VAL A 37 2.31 -9.51 -3.01
N THR A 38 1.77 -8.47 -2.38
CA THR A 38 2.55 -7.68 -1.44
C THR A 38 1.78 -7.53 -0.12
N GLU A 39 2.10 -8.42 0.81
CA GLU A 39 1.45 -8.38 2.11
C GLU A 39 2.26 -7.52 3.08
N VAL A 40 1.55 -6.61 3.75
CA VAL A 40 2.19 -5.72 4.70
C VAL A 40 1.93 -6.25 6.12
N GLY A 41 2.67 -5.67 7.06
CA GLY A 41 2.54 -6.06 8.45
C GLY A 41 3.92 -6.26 9.09
N THR A 42 3.95 -7.10 10.11
CA THR A 42 5.18 -7.38 10.82
C THR A 42 5.69 -8.79 10.47
N GLU A 43 5.18 -9.31 9.37
CA GLU A 43 5.56 -10.63 8.92
C GLU A 43 6.27 -10.54 7.57
N LYS A 44 7.00 -11.61 7.25
CA LYS A 44 7.74 -11.66 6.00
C LYS A 44 7.34 -12.94 5.24
N PHE A 45 6.53 -12.75 4.22
CA PHE A 45 6.07 -13.86 3.40
C PHE A 45 7.09 -14.21 2.32
N ASP A 46 7.61 -13.16 1.69
CA ASP A 46 8.60 -13.34 0.64
C ASP A 46 9.11 -11.97 0.19
N ASP A 47 10.43 -11.86 0.12
CA ASP A 47 11.06 -10.62 -0.29
C ASP A 47 10.25 -10.00 -1.44
N ASN A 48 9.54 -8.93 -1.10
CA ASN A 48 8.72 -8.24 -2.09
C ASN A 48 7.57 -7.52 -1.39
N SER A 49 7.25 -8.00 -0.21
CA SER A 49 6.18 -7.41 0.58
C SER A 49 6.74 -6.29 1.47
N ILE A 50 5.85 -5.71 2.26
CA ILE A 50 6.24 -4.63 3.16
C ILE A 50 6.23 -5.15 4.60
N GLN A 51 7.14 -4.60 5.39
CA GLN A 51 7.26 -4.99 6.79
C GLN A 51 7.27 -3.76 7.68
N LEU A 52 6.11 -3.45 8.24
CA LEU A 52 5.99 -2.30 9.11
C LEU A 52 5.95 -2.77 10.57
N PHE A 53 6.35 -1.89 11.46
CA PHE A 53 6.38 -2.20 12.88
C PHE A 53 5.77 -1.06 13.70
N GLY A 54 4.69 -1.37 14.39
CA GLY A 54 4.02 -0.38 15.22
C GLY A 54 3.15 -1.05 16.28
N PRO A 55 2.80 -0.26 17.33
CA PRO A 55 1.97 -0.77 18.42
C PRO A 55 0.52 -0.91 17.98
N GLY A 56 0.18 -2.11 17.54
CA GLY A 56 -1.18 -2.39 17.09
C GLY A 56 -1.18 -3.01 15.69
N ILE A 57 0.03 -3.15 15.13
CA ILE A 57 0.18 -3.72 13.81
C ILE A 57 0.18 -5.24 13.92
N GLN A 58 -0.24 -5.89 12.84
CA GLN A 58 -0.28 -7.33 12.80
C GLN A 58 0.69 -7.87 11.74
N PRO A 59 0.74 -9.22 11.63
CA PRO A 59 1.62 -9.86 10.67
C PRO A 59 1.07 -9.73 9.25
N HIS A 60 -0.13 -10.28 9.07
CA HIS A 60 -0.78 -10.23 7.76
C HIS A 60 -1.86 -9.15 7.76
N HIS A 61 -1.40 -7.91 7.66
CA HIS A 61 -2.31 -6.78 7.65
C HIS A 61 -3.25 -6.88 6.44
N CYS A 62 -2.68 -6.64 5.27
CA CYS A 62 -3.45 -6.70 4.04
C CYS A 62 -2.49 -7.01 2.89
N ASP A 63 -3.06 -7.53 1.81
CA ASP A 63 -2.27 -7.86 0.64
C ASP A 63 -2.39 -6.73 -0.39
N LEU A 64 -1.34 -6.59 -1.19
CA LEU A 64 -1.31 -5.56 -2.21
C LEU A 64 -0.91 -6.19 -3.55
N THR A 65 -1.91 -6.63 -4.29
CA THR A 65 -1.67 -7.24 -5.58
C THR A 65 -1.76 -6.20 -6.69
N ASN A 66 -0.65 -6.07 -7.43
CA ASN A 66 -0.59 -5.12 -8.51
C ASN A 66 -0.88 -5.84 -9.84
N MET A 67 -1.97 -5.41 -10.47
CA MET A 67 -2.37 -6.00 -11.73
C MET A 67 -2.37 -4.96 -12.84
N ASP A 68 -1.27 -4.91 -13.58
CA ASP A 68 -1.14 -3.96 -14.67
C ASP A 68 -0.99 -2.54 -14.10
N GLY A 69 -0.89 -2.48 -12.78
CA GLY A 69 -0.75 -1.20 -12.10
C GLY A 69 -1.83 -1.02 -11.04
N VAL A 70 -2.94 -1.72 -11.24
CA VAL A 70 -4.05 -1.66 -10.30
C VAL A 70 -3.69 -2.42 -9.03
N VAL A 71 -4.01 -1.81 -7.90
CA VAL A 71 -3.72 -2.42 -6.61
C VAL A 71 -5.00 -2.43 -5.77
N THR A 72 -5.21 -3.55 -5.08
CA THR A 72 -6.38 -3.70 -4.23
C THR A 72 -5.97 -4.18 -2.84
N VAL A 73 -6.36 -3.40 -1.85
CA VAL A 73 -6.06 -3.72 -0.47
C VAL A 73 -7.06 -4.75 0.05
N THR A 74 -6.54 -5.90 0.47
CA THR A 74 -7.38 -6.95 0.99
C THR A 74 -6.99 -7.29 2.43
N PRO A 75 -7.85 -6.85 3.37
CA PRO A 75 -7.61 -7.10 4.78
C PRO A 75 -7.90 -8.56 5.15
N ARG A 76 -6.84 -9.28 5.52
CA ARG A 76 -6.98 -10.67 5.88
C ARG A 76 -7.33 -10.79 7.36
N SER A 77 -7.11 -9.71 8.09
CA SER A 77 -7.39 -9.69 9.51
C SER A 77 -8.26 -8.47 9.86
N MET A 78 -9.26 -8.71 10.68
CA MET A 78 -10.16 -7.65 11.10
C MET A 78 -9.46 -6.66 12.05
N ASP A 79 -8.68 -7.23 12.95
CA ASP A 79 -7.95 -6.42 13.92
C ASP A 79 -7.12 -5.38 13.17
N ALA A 80 -6.52 -5.81 12.07
CA ALA A 80 -5.70 -4.92 11.26
C ALA A 80 -6.58 -3.81 10.68
N GLU A 81 -6.55 -2.67 11.35
CA GLU A 81 -7.34 -1.53 10.90
C GLU A 81 -6.71 -0.91 9.66
N THR A 82 -7.43 -1.03 8.54
CA THR A 82 -6.96 -0.49 7.28
C THR A 82 -7.96 0.53 6.73
N TYR A 83 -7.56 1.80 6.79
CA TYR A 83 -8.42 2.86 6.29
C TYR A 83 -7.79 3.54 5.07
N VAL A 84 -8.54 3.50 3.97
CA VAL A 84 -8.08 4.10 2.74
C VAL A 84 -8.69 5.50 2.59
N ASP A 85 -7.96 6.48 3.09
CA ASP A 85 -8.42 7.86 3.02
C ASP A 85 -9.38 8.13 4.18
N GLY A 86 -9.06 7.55 5.32
CA GLY A 86 -9.89 7.73 6.50
C GLY A 86 -11.16 6.89 6.40
N GLN A 87 -11.13 5.91 5.50
CA GLN A 87 -12.27 5.03 5.30
C GLN A 87 -11.84 3.57 5.40
N ARG A 88 -12.40 2.89 6.38
CA ARG A 88 -12.08 1.49 6.60
C ARG A 88 -12.72 0.63 5.51
N ILE A 89 -12.09 -0.52 5.27
CA ILE A 89 -12.58 -1.43 4.26
C ILE A 89 -12.91 -2.78 4.91
N SER A 90 -13.84 -3.50 4.31
CA SER A 90 -14.24 -4.79 4.82
C SER A 90 -13.87 -5.89 3.81
N GLU A 91 -13.62 -5.46 2.58
CA GLU A 91 -13.26 -6.39 1.53
C GLU A 91 -12.21 -5.76 0.61
N THR A 92 -11.87 -6.50 -0.44
CA THR A 92 -10.88 -6.03 -1.40
C THR A 92 -11.29 -4.67 -1.96
N THR A 93 -10.56 -3.64 -1.55
CA THR A 93 -10.85 -2.29 -2.01
C THR A 93 -9.71 -1.78 -2.89
N MET A 94 -10.08 -1.39 -4.11
CA MET A 94 -9.10 -0.89 -5.06
C MET A 94 -8.43 0.38 -4.53
N LEU A 95 -7.13 0.47 -4.77
CA LEU A 95 -6.36 1.61 -4.33
C LEU A 95 -6.05 2.51 -5.53
N GLN A 96 -5.94 3.80 -5.24
CA GLN A 96 -5.65 4.78 -6.28
C GLN A 96 -4.52 5.70 -5.84
N SER A 97 -4.03 6.48 -6.80
CA SER A 97 -2.94 7.40 -6.52
C SER A 97 -3.47 8.60 -5.72
N GLY A 98 -2.76 8.89 -4.63
CA GLY A 98 -3.14 10.00 -3.77
C GLY A 98 -3.86 9.49 -2.51
N MET A 99 -4.48 8.32 -2.65
CA MET A 99 -5.20 7.72 -1.55
C MET A 99 -4.27 7.47 -0.37
N ARG A 100 -4.82 7.68 0.82
CA ARG A 100 -4.06 7.48 2.04
C ARG A 100 -4.18 6.03 2.52
N LEU A 101 -3.20 5.61 3.31
CA LEU A 101 -3.19 4.26 3.83
C LEU A 101 -2.86 4.30 5.33
N GLN A 102 -3.80 3.80 6.12
CA GLN A 102 -3.63 3.77 7.56
C GLN A 102 -3.59 2.32 8.06
N PHE A 103 -2.40 1.89 8.43
CA PHE A 103 -2.21 0.53 8.93
C PHE A 103 -2.18 0.52 10.46
N GLY A 104 -3.36 0.45 11.05
CA GLY A 104 -3.47 0.42 12.50
C GLY A 104 -4.06 1.73 13.03
N THR A 105 -3.16 2.62 13.44
CA THR A 105 -3.58 3.90 13.96
C THR A 105 -2.36 4.71 14.43
N SER A 106 -1.44 4.92 13.50
CA SER A 106 -0.23 5.67 13.81
C SER A 106 0.60 5.85 12.54
N HIS A 107 0.62 4.81 11.72
CA HIS A 107 1.36 4.85 10.48
C HIS A 107 0.42 5.14 9.32
N VAL A 108 0.68 6.24 8.63
CA VAL A 108 -0.14 6.63 7.50
C VAL A 108 0.73 6.71 6.25
N PHE A 109 0.19 6.19 5.15
CA PHE A 109 0.91 6.19 3.89
C PHE A 109 0.02 6.74 2.76
N LYS A 110 0.63 6.87 1.59
CA LYS A 110 -0.09 7.37 0.44
C LYS A 110 0.33 6.57 -0.81
N PHE A 111 -0.63 5.86 -1.37
CA PHE A 111 -0.36 5.06 -2.55
C PHE A 111 -0.37 5.93 -3.81
N VAL A 112 0.61 5.67 -4.66
CA VAL A 112 0.73 6.41 -5.91
C VAL A 112 0.99 5.44 -7.06
N ASP A 113 0.56 5.84 -8.24
CA ASP A 113 0.74 5.02 -9.43
C ASP A 113 1.57 5.79 -10.46
N PRO A 114 2.86 5.39 -10.58
CA PRO A 114 3.76 6.03 -11.51
C PRO A 114 3.46 5.58 -12.94
N SER A 115 2.57 4.62 -13.06
CA SER A 115 2.19 4.09 -14.36
C SER A 115 1.71 5.23 -15.26
N GLY A 116 0.90 6.10 -14.68
CA GLY A 116 0.37 7.24 -15.41
C GLY A 116 -1.09 6.99 -15.82
N PRO A 117 -1.88 8.09 -15.80
CA PRO A 117 -3.28 8.00 -16.17
C PRO A 117 -3.45 7.87 -17.69
N SER A 118 -4.58 7.30 -18.08
CA SER A 118 -4.87 7.10 -19.49
C SER A 118 -6.34 7.43 -19.77
N SER A 119 -7.21 6.70 -19.08
CA SER A 119 -8.64 6.89 -19.26
C SER A 119 -9.35 6.79 -17.90
N GLY A 120 -9.28 7.88 -17.14
CA GLY A 120 -9.90 7.92 -15.84
C GLY A 120 -11.00 8.99 -15.79
N GLY A 1 -6.55 -10.22 -19.08
CA GLY A 1 -5.60 -9.14 -18.91
C GLY A 1 -4.47 -9.54 -17.99
N SER A 2 -3.25 -9.46 -18.51
CA SER A 2 -2.08 -9.81 -17.74
C SER A 2 -0.82 -9.57 -18.58
N SER A 3 0.25 -9.17 -17.88
CA SER A 3 1.51 -8.89 -18.54
C SER A 3 2.64 -8.82 -17.51
N GLY A 4 3.86 -8.88 -18.01
CA GLY A 4 5.02 -8.82 -17.13
C GLY A 4 5.99 -7.71 -17.58
N SER A 5 6.58 -7.06 -16.59
CA SER A 5 7.51 -5.99 -16.86
C SER A 5 8.62 -5.98 -15.81
N SER A 6 9.73 -5.32 -16.16
CA SER A 6 10.85 -5.23 -15.25
C SER A 6 11.29 -3.77 -15.09
N GLY A 7 10.76 -3.14 -14.06
CA GLY A 7 11.08 -1.75 -13.80
C GLY A 7 10.26 -1.22 -12.61
N PRO A 8 11.00 -0.80 -11.55
CA PRO A 8 10.35 -0.26 -10.36
C PRO A 8 9.83 1.15 -10.60
N GLU A 9 10.26 1.72 -11.72
CA GLU A 9 9.85 3.06 -12.09
C GLU A 9 8.56 3.02 -12.90
N LYS A 10 7.69 2.08 -12.54
CA LYS A 10 6.41 1.93 -13.23
C LYS A 10 5.49 1.06 -12.38
N LEU A 11 5.71 1.11 -11.08
CA LEU A 11 4.91 0.33 -10.15
C LEU A 11 4.39 1.25 -9.05
N PRO A 12 3.24 0.82 -8.45
CA PRO A 12 2.63 1.60 -7.37
C PRO A 12 3.41 1.44 -6.07
N TYR A 13 3.63 2.56 -5.41
CA TYR A 13 4.36 2.57 -4.15
C TYR A 13 3.58 3.31 -3.07
N LEU A 14 4.03 3.13 -1.83
CA LEU A 14 3.39 3.79 -0.70
C LEU A 14 4.39 4.72 -0.03
N VAL A 15 4.15 6.01 -0.18
CA VAL A 15 5.02 7.01 0.41
C VAL A 15 4.48 7.41 1.79
N GLU A 16 5.17 6.95 2.82
CA GLU A 16 4.78 7.24 4.18
C GLU A 16 4.49 8.73 4.33
N LEU A 17 3.39 9.02 5.02
CA LEU A 17 2.99 10.40 5.25
C LEU A 17 2.96 10.67 6.75
N SER A 18 2.94 11.95 7.09
CA SER A 18 2.91 12.37 8.48
C SER A 18 1.72 11.72 9.19
N PRO A 19 1.66 11.95 10.52
CA PRO A 19 0.59 11.40 11.33
C PRO A 19 -0.72 12.17 11.11
N ASP A 20 -0.62 13.22 10.30
CA ASP A 20 -1.77 14.03 10.00
C ASP A 20 -2.14 13.87 8.52
N GLY A 21 -1.21 13.28 7.78
CA GLY A 21 -1.42 13.05 6.36
C GLY A 21 -0.91 14.22 5.53
N SER A 22 0.22 14.77 5.98
CA SER A 22 0.83 15.89 5.28
C SER A 22 2.28 15.55 4.90
N ASP A 23 2.81 16.34 4.00
CA ASP A 23 4.18 16.14 3.53
C ASP A 23 5.12 17.05 4.32
N SER A 24 5.73 16.47 5.35
CA SER A 24 6.66 17.21 6.19
C SER A 24 7.80 17.78 5.34
N ARG A 25 8.65 18.54 6.00
CA ARG A 25 9.78 19.14 5.32
C ARG A 25 10.97 18.18 5.31
N ASP A 26 10.72 16.98 4.80
CA ASP A 26 11.76 15.97 4.72
C ASP A 26 11.38 14.94 3.64
N LYS A 27 12.18 13.89 3.58
CA LYS A 27 11.95 12.84 2.60
C LYS A 27 11.36 11.61 3.30
N PRO A 28 10.05 11.36 3.03
CA PRO A 28 9.37 10.23 3.63
C PRO A 28 9.79 8.92 2.98
N LYS A 29 9.61 7.84 3.72
CA LYS A 29 9.97 6.52 3.22
C LYS A 29 9.02 6.14 2.08
N LEU A 30 9.52 5.27 1.22
CA LEU A 30 8.74 4.81 0.08
C LEU A 30 8.60 3.28 0.14
N TYR A 31 7.37 2.83 0.04
CA TYR A 31 7.09 1.40 0.08
C TYR A 31 6.56 0.91 -1.26
N ARG A 32 7.47 0.75 -2.20
CA ARG A 32 7.10 0.29 -3.53
C ARG A 32 6.30 -1.00 -3.44
N LEU A 33 5.16 -0.99 -4.11
CA LEU A 33 4.28 -2.16 -4.11
C LEU A 33 4.62 -3.04 -5.33
N GLN A 34 5.80 -3.63 -5.27
CA GLN A 34 6.24 -4.49 -6.35
C GLN A 34 5.07 -5.29 -6.93
N LEU A 35 5.15 -5.55 -8.22
CA LEU A 35 4.11 -6.30 -8.90
C LEU A 35 3.69 -7.49 -8.04
N SER A 36 2.60 -8.12 -8.45
CA SER A 36 2.09 -9.28 -7.72
C SER A 36 1.58 -8.85 -6.34
N VAL A 37 1.11 -9.83 -5.60
CA VAL A 37 0.60 -9.58 -4.26
C VAL A 37 1.75 -9.13 -3.35
N THR A 38 1.41 -8.27 -2.40
CA THR A 38 2.40 -7.76 -1.47
C THR A 38 1.84 -7.73 -0.05
N GLU A 39 2.30 -8.68 0.76
CA GLU A 39 1.85 -8.77 2.13
C GLU A 39 2.39 -7.60 2.95
N VAL A 40 1.54 -7.10 3.83
CA VAL A 40 1.91 -5.98 4.68
C VAL A 40 1.72 -6.37 6.15
N GLY A 41 2.49 -5.72 7.01
CA GLY A 41 2.41 -5.99 8.44
C GLY A 41 3.81 -6.04 9.06
N THR A 42 3.94 -6.89 10.07
CA THR A 42 5.22 -7.05 10.76
C THR A 42 5.82 -8.42 10.45
N GLU A 43 5.28 -9.06 9.42
CA GLU A 43 5.75 -10.37 9.02
C GLU A 43 6.42 -10.29 7.64
N LYS A 44 7.30 -11.24 7.40
CA LYS A 44 8.01 -11.29 6.13
C LYS A 44 7.54 -12.51 5.34
N PHE A 45 6.59 -12.26 4.45
CA PHE A 45 6.04 -13.32 3.62
C PHE A 45 6.88 -13.51 2.36
N ASP A 46 7.01 -12.44 1.59
CA ASP A 46 7.78 -12.48 0.36
C ASP A 46 9.15 -11.84 0.60
N ASP A 47 10.03 -12.00 -0.37
CA ASP A 47 11.37 -11.45 -0.28
C ASP A 47 11.28 -9.93 -0.38
N ASN A 48 10.33 -9.47 -1.18
CA ASN A 48 10.14 -8.04 -1.37
C ASN A 48 8.75 -7.65 -0.87
N SER A 49 8.51 -7.91 0.40
CA SER A 49 7.22 -7.58 1.00
C SER A 49 7.34 -6.31 1.84
N ILE A 50 6.20 -5.89 2.38
CA ILE A 50 6.17 -4.69 3.20
C ILE A 50 6.30 -5.08 4.67
N GLN A 51 7.00 -4.24 5.42
CA GLN A 51 7.20 -4.48 6.83
C GLN A 51 6.96 -3.21 7.64
N LEU A 52 5.77 -3.11 8.21
CA LEU A 52 5.40 -1.95 9.00
C LEU A 52 5.58 -2.28 10.49
N PHE A 53 5.86 -1.24 11.26
CA PHE A 53 6.05 -1.41 12.69
C PHE A 53 5.32 -0.30 13.46
N GLY A 54 4.31 -0.71 14.22
CA GLY A 54 3.55 0.23 15.02
C GLY A 54 2.80 -0.49 16.15
N PRO A 55 2.39 0.31 17.16
CA PRO A 55 1.66 -0.23 18.30
C PRO A 55 0.22 -0.56 17.92
N GLY A 56 -0.01 -1.82 17.60
CA GLY A 56 -1.34 -2.27 17.23
C GLY A 56 -1.33 -2.92 15.84
N ILE A 57 -0.13 -3.01 15.28
CA ILE A 57 0.03 -3.61 13.96
C ILE A 57 0.08 -5.13 14.10
N GLN A 58 -0.34 -5.80 13.03
CA GLN A 58 -0.35 -7.25 13.02
C GLN A 58 0.66 -7.78 12.00
N PRO A 59 0.74 -9.13 11.92
CA PRO A 59 1.67 -9.77 11.00
C PRO A 59 1.15 -9.70 9.56
N HIS A 60 -0.03 -10.27 9.36
CA HIS A 60 -0.64 -10.27 8.05
C HIS A 60 -1.75 -9.21 7.99
N HIS A 61 -1.34 -7.97 7.87
CA HIS A 61 -2.28 -6.87 7.80
C HIS A 61 -3.16 -7.01 6.56
N CYS A 62 -2.53 -6.83 5.41
CA CYS A 62 -3.24 -6.93 4.14
C CYS A 62 -2.23 -7.31 3.06
N ASP A 63 -2.75 -7.46 1.85
CA ASP A 63 -1.90 -7.83 0.71
C ASP A 63 -2.27 -6.94 -0.48
N LEU A 64 -1.27 -6.22 -0.97
CA LEU A 64 -1.48 -5.34 -2.11
C LEU A 64 -1.29 -6.13 -3.40
N THR A 65 -2.40 -6.37 -4.08
CA THR A 65 -2.37 -7.11 -5.32
C THR A 65 -2.30 -6.15 -6.51
N ASN A 66 -1.12 -6.08 -7.11
CA ASN A 66 -0.91 -5.20 -8.25
C ASN A 66 -1.21 -5.98 -9.54
N MET A 67 -2.30 -5.58 -10.19
CA MET A 67 -2.71 -6.23 -11.43
C MET A 67 -2.62 -5.25 -12.60
N ASP A 68 -1.50 -5.33 -13.31
CA ASP A 68 -1.27 -4.47 -14.46
C ASP A 68 -1.06 -3.04 -13.97
N GLY A 69 -0.96 -2.90 -12.66
CA GLY A 69 -0.74 -1.58 -12.07
C GLY A 69 -1.80 -1.29 -11.00
N VAL A 70 -2.96 -1.92 -11.17
CA VAL A 70 -4.05 -1.73 -10.24
C VAL A 70 -3.74 -2.47 -8.94
N VAL A 71 -3.81 -1.73 -7.84
CA VAL A 71 -3.54 -2.30 -6.53
C VAL A 71 -4.83 -2.30 -5.70
N THR A 72 -5.04 -3.40 -5.00
CA THR A 72 -6.22 -3.54 -4.16
C THR A 72 -5.83 -4.04 -2.77
N VAL A 73 -6.14 -3.22 -1.78
CA VAL A 73 -5.83 -3.56 -0.40
C VAL A 73 -6.80 -4.65 0.09
N THR A 74 -6.23 -5.80 0.42
CA THR A 74 -7.03 -6.92 0.90
C THR A 74 -6.67 -7.25 2.34
N PRO A 75 -7.58 -6.84 3.26
CA PRO A 75 -7.36 -7.09 4.68
C PRO A 75 -7.62 -8.56 5.02
N ARG A 76 -6.56 -9.25 5.43
CA ARG A 76 -6.66 -10.65 5.79
C ARG A 76 -6.32 -10.85 7.26
N SER A 77 -6.70 -9.87 8.06
CA SER A 77 -6.45 -9.91 9.50
C SER A 77 -7.73 -9.59 10.26
N MET A 78 -7.83 -10.17 11.45
CA MET A 78 -8.99 -9.95 12.30
C MET A 78 -8.71 -8.90 13.37
N ASP A 79 -8.36 -7.70 12.90
CA ASP A 79 -8.05 -6.61 13.80
C ASP A 79 -7.29 -5.52 13.04
N ALA A 80 -6.55 -5.96 12.03
CA ALA A 80 -5.77 -5.05 11.21
C ALA A 80 -6.71 -4.04 10.55
N GLU A 81 -6.71 -2.83 11.09
CA GLU A 81 -7.54 -1.77 10.57
C GLU A 81 -6.85 -1.07 9.40
N THR A 82 -7.54 -1.04 8.27
CA THR A 82 -7.01 -0.41 7.08
C THR A 82 -8.00 0.60 6.52
N TYR A 83 -7.73 1.87 6.79
CA TYR A 83 -8.59 2.94 6.32
C TYR A 83 -7.99 3.63 5.09
N VAL A 84 -8.70 3.50 3.98
CA VAL A 84 -8.25 4.10 2.73
C VAL A 84 -8.77 5.54 2.64
N ASP A 85 -7.96 6.46 3.13
CA ASP A 85 -8.34 7.86 3.11
C ASP A 85 -9.33 8.14 4.24
N GLY A 86 -9.17 7.38 5.31
CA GLY A 86 -10.03 7.54 6.47
C GLY A 86 -11.31 6.71 6.31
N GLN A 87 -11.18 5.60 5.60
CA GLN A 87 -12.30 4.71 5.37
C GLN A 87 -11.85 3.25 5.42
N ARG A 88 -12.30 2.57 6.47
CA ARG A 88 -11.95 1.17 6.66
C ARG A 88 -12.63 0.31 5.60
N ILE A 89 -11.91 -0.72 5.17
CA ILE A 89 -12.44 -1.63 4.16
C ILE A 89 -12.73 -2.99 4.80
N SER A 90 -13.62 -3.72 4.15
CA SER A 90 -14.00 -5.04 4.65
C SER A 90 -13.54 -6.12 3.67
N GLU A 91 -13.33 -5.70 2.43
CA GLU A 91 -12.89 -6.62 1.40
C GLU A 91 -11.89 -5.93 0.46
N THR A 92 -11.50 -6.65 -0.58
CA THR A 92 -10.57 -6.13 -1.55
C THR A 92 -11.06 -4.78 -2.10
N THR A 93 -10.38 -3.72 -1.68
CA THR A 93 -10.75 -2.39 -2.12
C THR A 93 -9.64 -1.79 -2.99
N MET A 94 -10.01 -1.44 -4.21
CA MET A 94 -9.06 -0.85 -5.14
C MET A 94 -8.45 0.43 -4.58
N LEU A 95 -7.16 0.60 -4.83
CA LEU A 95 -6.45 1.78 -4.36
C LEU A 95 -6.22 2.74 -5.52
N GLN A 96 -6.33 4.02 -5.22
CA GLN A 96 -6.14 5.05 -6.23
C GLN A 96 -5.01 5.99 -5.83
N SER A 97 -4.30 6.48 -6.83
CA SER A 97 -3.19 7.38 -6.59
C SER A 97 -3.68 8.63 -5.83
N GLY A 98 -3.01 8.91 -4.74
CA GLY A 98 -3.36 10.06 -3.91
C GLY A 98 -3.99 9.62 -2.59
N MET A 99 -4.77 8.55 -2.68
CA MET A 99 -5.44 8.02 -1.50
C MET A 99 -4.43 7.71 -0.39
N ARG A 100 -4.89 7.88 0.84
CA ARG A 100 -4.05 7.63 2.00
C ARG A 100 -4.17 6.18 2.44
N LEU A 101 -3.23 5.77 3.28
CA LEU A 101 -3.22 4.40 3.79
C LEU A 101 -2.94 4.42 5.29
N GLN A 102 -3.93 4.00 6.05
CA GLN A 102 -3.80 3.97 7.50
C GLN A 102 -3.83 2.52 8.00
N PHE A 103 -2.69 2.08 8.50
CA PHE A 103 -2.57 0.73 9.02
C PHE A 103 -2.37 0.73 10.54
N GLY A 104 -3.49 0.79 11.24
CA GLY A 104 -3.45 0.81 12.70
C GLY A 104 -3.36 2.24 13.23
N THR A 105 -3.95 3.16 12.48
CA THR A 105 -3.93 4.56 12.86
C THR A 105 -2.58 4.93 13.46
N SER A 106 -1.53 4.29 12.95
CA SER A 106 -0.19 4.55 13.43
C SER A 106 0.70 5.00 12.27
N HIS A 107 0.80 4.15 11.26
CA HIS A 107 1.61 4.45 10.10
C HIS A 107 0.70 4.84 8.93
N VAL A 108 0.94 6.04 8.42
CA VAL A 108 0.15 6.55 7.30
C VAL A 108 1.01 6.57 6.05
N PHE A 109 0.40 6.18 4.94
CA PHE A 109 1.10 6.15 3.67
C PHE A 109 0.21 6.66 2.53
N LYS A 110 0.84 7.04 1.44
CA LYS A 110 0.13 7.55 0.28
C LYS A 110 0.49 6.72 -0.94
N PHE A 111 -0.52 6.07 -1.51
CA PHE A 111 -0.31 5.25 -2.69
C PHE A 111 -0.38 6.08 -3.96
N VAL A 112 0.59 5.85 -4.83
CA VAL A 112 0.66 6.57 -6.09
C VAL A 112 0.95 5.59 -7.23
N ASP A 113 0.35 5.86 -8.38
CA ASP A 113 0.53 5.01 -9.55
C ASP A 113 1.32 5.78 -10.60
N PRO A 114 2.64 5.43 -10.71
CA PRO A 114 3.51 6.08 -11.69
C PRO A 114 3.21 5.58 -13.11
N SER A 115 2.63 4.40 -13.16
CA SER A 115 2.29 3.79 -14.45
C SER A 115 1.61 4.81 -15.34
N GLY A 116 0.59 5.46 -14.78
CA GLY A 116 -0.17 6.46 -15.52
C GLY A 116 -1.65 6.07 -15.63
N PRO A 117 -2.53 7.10 -15.56
CA PRO A 117 -3.95 6.87 -15.66
C PRO A 117 -4.37 6.56 -17.10
N SER A 118 -3.97 5.38 -17.56
CA SER A 118 -4.29 4.96 -18.90
C SER A 118 -5.69 4.33 -18.94
N SER A 119 -6.41 4.61 -20.02
CA SER A 119 -7.75 4.08 -20.18
C SER A 119 -8.15 4.13 -21.66
N GLY A 120 -7.70 3.12 -22.40
CA GLY A 120 -8.00 3.04 -23.82
C GLY A 120 -6.76 3.32 -24.66
N GLY A 1 -3.02 -16.30 -18.81
CA GLY A 1 -2.27 -15.69 -17.73
C GLY A 1 -2.86 -14.32 -17.36
N SER A 2 -2.32 -13.75 -16.30
CA SER A 2 -2.78 -12.45 -15.83
C SER A 2 -1.60 -11.49 -15.72
N SER A 3 -1.33 -10.80 -16.82
CA SER A 3 -0.23 -9.85 -16.87
C SER A 3 -0.24 -9.10 -18.19
N GLY A 4 0.23 -7.85 -18.14
CA GLY A 4 0.27 -7.03 -19.34
C GLY A 4 0.61 -5.58 -18.99
N SER A 5 1.88 -5.36 -18.67
CA SER A 5 2.34 -4.03 -18.31
C SER A 5 3.86 -3.94 -18.45
N SER A 6 4.55 -4.77 -17.67
CA SER A 6 6.00 -4.79 -17.70
C SER A 6 6.55 -3.37 -17.62
N GLY A 7 6.63 -2.87 -16.39
CA GLY A 7 7.14 -1.53 -16.17
C GLY A 7 7.60 -1.36 -14.72
N PRO A 8 8.92 -1.61 -14.50
CA PRO A 8 9.50 -1.48 -13.18
C PRO A 8 9.69 -0.02 -12.80
N GLU A 9 9.78 0.82 -13.83
CA GLU A 9 9.95 2.25 -13.61
C GLU A 9 8.60 2.96 -13.59
N LYS A 10 7.57 2.18 -13.28
CA LYS A 10 6.22 2.72 -13.22
C LYS A 10 5.36 1.82 -12.34
N LEU A 11 5.86 1.57 -11.14
CA LEU A 11 5.15 0.73 -10.20
C LEU A 11 4.59 1.60 -9.06
N PRO A 12 3.43 1.17 -8.53
CA PRO A 12 2.79 1.90 -7.44
C PRO A 12 3.52 1.67 -6.12
N TYR A 13 3.62 2.75 -5.35
CA TYR A 13 4.29 2.68 -4.06
C TYR A 13 3.52 3.44 -2.99
N LEU A 14 3.91 3.24 -1.74
CA LEU A 14 3.26 3.90 -0.63
C LEU A 14 4.28 4.81 0.07
N VAL A 15 3.98 6.10 0.08
CA VAL A 15 4.85 7.07 0.70
C VAL A 15 4.25 7.49 2.05
N GLU A 16 4.90 7.02 3.12
CA GLU A 16 4.43 7.33 4.46
C GLU A 16 4.16 8.83 4.59
N LEU A 17 3.03 9.13 5.22
CA LEU A 17 2.63 10.52 5.41
C LEU A 17 2.60 10.82 6.91
N SER A 18 2.59 12.11 7.22
CA SER A 18 2.55 12.55 8.61
C SER A 18 1.35 11.95 9.32
N PRO A 19 1.32 12.15 10.67
CA PRO A 19 0.23 11.62 11.48
C PRO A 19 -1.05 12.45 11.28
N ASP A 20 -0.93 13.45 10.42
CA ASP A 20 -2.07 14.32 10.14
C ASP A 20 -2.55 14.07 8.71
N GLY A 21 -1.69 13.43 7.94
CA GLY A 21 -2.01 13.13 6.56
C GLY A 21 -1.46 14.20 5.61
N SER A 22 -0.33 14.76 6.01
CA SER A 22 0.32 15.80 5.22
C SER A 22 1.75 15.39 4.89
N ASP A 23 2.31 16.08 3.90
CA ASP A 23 3.68 15.80 3.48
C ASP A 23 4.62 16.84 4.09
N SER A 24 5.23 16.44 5.21
CA SER A 24 6.16 17.31 5.91
C SER A 24 7.27 17.76 4.96
N ARG A 25 8.17 18.56 5.49
CA ARG A 25 9.29 19.06 4.71
C ARG A 25 10.48 18.12 4.82
N ASP A 26 10.23 16.85 4.50
CA ASP A 26 11.27 15.84 4.56
C ASP A 26 10.96 14.74 3.55
N LYS A 27 11.85 13.76 3.50
CA LYS A 27 11.69 12.65 2.58
C LYS A 27 11.25 11.40 3.36
N PRO A 28 9.94 11.07 3.21
CA PRO A 28 9.38 9.92 3.89
C PRO A 28 9.83 8.61 3.22
N LYS A 29 9.57 7.51 3.92
CA LYS A 29 9.94 6.20 3.40
C LYS A 29 9.10 5.89 2.16
N LEU A 30 9.65 5.03 1.31
CA LEU A 30 8.96 4.64 0.09
C LEU A 30 8.96 3.12 -0.02
N TYR A 31 7.96 2.61 -0.74
CA TYR A 31 7.83 1.17 -0.93
C TYR A 31 7.17 0.86 -2.26
N ARG A 32 7.99 0.38 -3.19
CA ARG A 32 7.49 0.04 -4.52
C ARG A 32 6.79 -1.33 -4.49
N LEU A 33 5.53 -1.32 -4.92
CA LEU A 33 4.75 -2.54 -4.95
C LEU A 33 5.06 -3.31 -6.23
N GLN A 34 6.19 -4.00 -6.21
CA GLN A 34 6.61 -4.78 -7.36
C GLN A 34 5.56 -5.85 -7.69
N LEU A 35 5.61 -6.33 -8.92
CA LEU A 35 4.68 -7.35 -9.37
C LEU A 35 4.50 -8.38 -8.26
N SER A 36 3.37 -9.07 -8.32
CA SER A 36 3.05 -10.08 -7.33
C SER A 36 2.39 -9.45 -6.11
N VAL A 37 1.74 -10.29 -5.32
CA VAL A 37 1.06 -9.82 -4.12
C VAL A 37 2.10 -9.37 -3.09
N THR A 38 1.74 -8.34 -2.34
CA THR A 38 2.62 -7.80 -1.33
C THR A 38 1.93 -7.77 0.03
N GLU A 39 2.31 -8.72 0.88
CA GLU A 39 1.72 -8.81 2.20
C GLU A 39 2.33 -7.74 3.12
N VAL A 40 1.46 -6.91 3.66
CA VAL A 40 1.88 -5.84 4.56
C VAL A 40 1.62 -6.26 6.00
N GLY A 41 2.41 -5.69 6.90
CA GLY A 41 2.26 -6.00 8.32
C GLY A 41 3.63 -5.98 9.01
N THR A 42 3.74 -6.82 10.04
CA THR A 42 4.97 -6.91 10.79
C THR A 42 5.67 -8.25 10.52
N GLU A 43 4.92 -9.15 9.91
CA GLU A 43 5.45 -10.48 9.59
C GLU A 43 6.36 -10.39 8.37
N LYS A 44 7.17 -11.43 8.22
CA LYS A 44 8.09 -11.50 7.09
C LYS A 44 7.69 -12.65 6.16
N PHE A 45 7.02 -12.28 5.07
CA PHE A 45 6.57 -13.26 4.11
C PHE A 45 7.63 -13.49 3.02
N ASP A 46 8.28 -12.40 2.64
CA ASP A 46 9.31 -12.47 1.62
C ASP A 46 10.30 -11.32 1.82
N ASP A 47 11.20 -11.17 0.86
CA ASP A 47 12.21 -10.12 0.93
C ASP A 47 11.61 -8.81 0.42
N ASN A 48 10.68 -8.94 -0.52
CA ASN A 48 10.03 -7.78 -1.09
C ASN A 48 8.64 -7.61 -0.46
N SER A 49 8.64 -7.44 0.85
CA SER A 49 7.40 -7.27 1.60
C SER A 49 7.48 -6.03 2.47
N ILE A 50 6.32 -5.44 2.71
CA ILE A 50 6.24 -4.24 3.54
C ILE A 50 6.23 -4.64 5.01
N GLN A 51 7.15 -4.04 5.76
CA GLN A 51 7.27 -4.33 7.18
C GLN A 51 6.97 -3.07 7.99
N LEU A 52 5.74 -3.00 8.49
CA LEU A 52 5.32 -1.86 9.29
C LEU A 52 5.43 -2.21 10.77
N PHE A 53 5.80 -1.22 11.56
CA PHE A 53 5.94 -1.42 12.99
C PHE A 53 5.28 -0.27 13.76
N GLY A 54 4.22 -0.63 14.49
CA GLY A 54 3.49 0.35 15.27
C GLY A 54 2.74 -0.31 16.42
N PRO A 55 2.32 0.52 17.40
CA PRO A 55 1.59 0.03 18.56
C PRO A 55 0.14 -0.31 18.17
N GLY A 56 -0.02 -1.46 17.53
CA GLY A 56 -1.33 -1.92 17.13
C GLY A 56 -1.31 -2.43 15.68
N ILE A 57 -0.26 -3.18 15.37
CA ILE A 57 -0.11 -3.73 14.04
C ILE A 57 -0.06 -5.26 14.12
N GLN A 58 -0.49 -5.89 13.04
CA GLN A 58 -0.51 -7.34 12.98
C GLN A 58 0.50 -7.85 11.95
N PRO A 59 0.61 -9.20 11.86
CA PRO A 59 1.52 -9.81 10.92
C PRO A 59 0.99 -9.72 9.49
N HIS A 60 -0.19 -10.28 9.29
CA HIS A 60 -0.82 -10.26 7.98
C HIS A 60 -1.90 -9.18 7.94
N HIS A 61 -1.44 -7.94 7.82
CA HIS A 61 -2.35 -6.81 7.76
C HIS A 61 -3.22 -6.91 6.50
N CYS A 62 -2.58 -6.68 5.37
CA CYS A 62 -3.27 -6.73 4.09
C CYS A 62 -2.24 -7.06 3.00
N ASP A 63 -2.75 -7.25 1.79
CA ASP A 63 -1.90 -7.57 0.66
C ASP A 63 -2.13 -6.55 -0.45
N LEU A 64 -1.09 -6.35 -1.26
CA LEU A 64 -1.17 -5.40 -2.36
C LEU A 64 -0.80 -6.12 -3.66
N THR A 65 -1.84 -6.44 -4.43
CA THR A 65 -1.63 -7.12 -5.70
C THR A 65 -1.71 -6.12 -6.86
N ASN A 66 -0.61 -6.06 -7.60
CA ASN A 66 -0.54 -5.16 -8.74
C ASN A 66 -0.97 -5.90 -10.00
N MET A 67 -2.16 -5.56 -10.47
CA MET A 67 -2.71 -6.18 -11.67
C MET A 67 -2.95 -5.14 -12.76
N ASP A 68 -2.11 -5.19 -13.78
CA ASP A 68 -2.22 -4.26 -14.89
C ASP A 68 -1.98 -2.83 -14.38
N GLY A 69 -1.33 -2.74 -13.24
CA GLY A 69 -1.02 -1.45 -12.64
C GLY A 69 -1.99 -1.15 -11.50
N VAL A 70 -3.19 -1.72 -11.60
CA VAL A 70 -4.20 -1.51 -10.59
C VAL A 70 -3.87 -2.34 -9.35
N VAL A 71 -4.13 -1.75 -8.19
CA VAL A 71 -3.86 -2.42 -6.93
C VAL A 71 -5.11 -2.37 -6.05
N THR A 72 -5.29 -3.42 -5.27
CA THR A 72 -6.44 -3.51 -4.38
C THR A 72 -6.00 -4.00 -2.99
N VAL A 73 -6.24 -3.16 -2.01
CA VAL A 73 -5.88 -3.50 -0.64
C VAL A 73 -6.83 -4.59 -0.12
N THR A 74 -6.22 -5.66 0.37
CA THR A 74 -6.99 -6.77 0.90
C THR A 74 -6.51 -7.13 2.31
N PRO A 75 -7.37 -6.79 3.30
CA PRO A 75 -7.05 -7.07 4.70
C PRO A 75 -7.22 -8.56 5.01
N ARG A 76 -6.14 -9.15 5.50
CA ARG A 76 -6.16 -10.57 5.84
C ARG A 76 -6.61 -10.76 7.28
N SER A 77 -6.58 -9.67 8.02
CA SER A 77 -6.99 -9.71 9.42
C SER A 77 -7.94 -8.53 9.72
N MET A 78 -9.00 -8.85 10.44
CA MET A 78 -9.98 -7.84 10.80
C MET A 78 -9.42 -6.86 11.83
N ASP A 79 -8.70 -7.41 12.79
CA ASP A 79 -8.10 -6.61 13.84
C ASP A 79 -7.23 -5.52 13.20
N ALA A 80 -6.63 -5.87 12.08
CA ALA A 80 -5.77 -4.94 11.37
C ALA A 80 -6.63 -3.81 10.78
N GLU A 81 -6.64 -2.69 11.49
CA GLU A 81 -7.42 -1.53 11.07
C GLU A 81 -6.76 -0.89 9.83
N THR A 82 -7.50 -0.90 8.74
CA THR A 82 -7.02 -0.33 7.50
C THR A 82 -8.03 0.67 6.94
N TYR A 83 -7.68 1.94 7.02
CA TYR A 83 -8.55 2.99 6.53
C TYR A 83 -7.92 3.70 5.32
N VAL A 84 -8.63 3.64 4.21
CA VAL A 84 -8.16 4.27 2.98
C VAL A 84 -8.77 5.66 2.86
N ASP A 85 -8.04 6.64 3.39
CA ASP A 85 -8.51 8.02 3.35
C ASP A 85 -9.53 8.25 4.47
N GLY A 86 -9.25 7.64 5.60
CA GLY A 86 -10.13 7.76 6.75
C GLY A 86 -11.36 6.87 6.60
N GLN A 87 -11.29 5.96 5.63
CA GLN A 87 -12.38 5.05 5.37
C GLN A 87 -11.91 3.59 5.52
N ARG A 88 -12.52 2.90 6.47
CA ARG A 88 -12.17 1.52 6.72
C ARG A 88 -12.74 0.62 5.62
N ILE A 89 -12.07 -0.51 5.41
CA ILE A 89 -12.51 -1.45 4.40
C ILE A 89 -12.88 -2.78 5.07
N SER A 90 -13.39 -3.69 4.26
CA SER A 90 -13.80 -4.99 4.76
C SER A 90 -13.54 -6.06 3.69
N GLU A 91 -12.70 -5.71 2.73
CA GLU A 91 -12.38 -6.62 1.65
C GLU A 91 -11.54 -5.91 0.59
N THR A 92 -11.28 -6.63 -0.50
CA THR A 92 -10.49 -6.08 -1.59
C THR A 92 -11.08 -4.76 -2.05
N THR A 93 -10.42 -3.67 -1.66
CA THR A 93 -10.87 -2.35 -2.04
C THR A 93 -9.85 -1.68 -2.98
N MET A 94 -10.34 -1.29 -4.15
CA MET A 94 -9.50 -0.65 -5.14
C MET A 94 -8.77 0.55 -4.53
N LEU A 95 -7.53 0.74 -5.00
CA LEU A 95 -6.72 1.84 -4.51
C LEU A 95 -6.41 2.79 -5.67
N GLN A 96 -6.41 4.07 -5.35
CA GLN A 96 -6.15 5.09 -6.35
C GLN A 96 -4.98 5.98 -5.91
N SER A 97 -4.10 6.26 -6.87
CA SER A 97 -2.94 7.09 -6.60
C SER A 97 -3.35 8.33 -5.77
N GLY A 98 -2.63 8.53 -4.68
CA GLY A 98 -2.91 9.66 -3.81
C GLY A 98 -3.62 9.20 -2.53
N MET A 99 -4.54 8.27 -2.71
CA MET A 99 -5.30 7.74 -1.58
C MET A 99 -4.38 7.45 -0.39
N ARG A 100 -4.92 7.71 0.79
CA ARG A 100 -4.16 7.48 2.02
C ARG A 100 -4.37 6.05 2.53
N LEU A 101 -3.50 5.65 3.44
CA LEU A 101 -3.59 4.32 4.01
C LEU A 101 -3.15 4.37 5.48
N GLN A 102 -4.12 4.21 6.36
CA GLN A 102 -3.84 4.22 7.79
C GLN A 102 -3.73 2.80 8.33
N PHE A 103 -2.55 2.47 8.81
CA PHE A 103 -2.29 1.15 9.35
C PHE A 103 -2.09 1.21 10.87
N GLY A 104 -3.14 0.81 11.59
CA GLY A 104 -3.10 0.82 13.04
C GLY A 104 -3.21 2.24 13.58
N THR A 105 -4.02 3.04 12.90
CA THR A 105 -4.22 4.42 13.30
C THR A 105 -2.92 5.01 13.85
N SER A 106 -1.84 4.71 13.17
CA SER A 106 -0.53 5.20 13.57
C SER A 106 0.36 5.40 12.35
N HIS A 107 0.36 4.39 11.49
CA HIS A 107 1.16 4.43 10.27
C HIS A 107 0.26 4.81 9.08
N VAL A 108 0.42 6.06 8.65
CA VAL A 108 -0.37 6.56 7.52
C VAL A 108 0.53 6.64 6.29
N PHE A 109 0.04 6.08 5.20
CA PHE A 109 0.78 6.08 3.96
C PHE A 109 -0.10 6.57 2.80
N LYS A 110 0.55 6.84 1.67
CA LYS A 110 -0.16 7.32 0.49
C LYS A 110 0.24 6.45 -0.71
N PHE A 111 -0.75 5.76 -1.24
CA PHE A 111 -0.52 4.89 -2.38
C PHE A 111 -0.48 5.71 -3.68
N VAL A 112 0.46 5.34 -4.53
CA VAL A 112 0.62 6.03 -5.81
C VAL A 112 0.74 4.99 -6.93
N ASP A 113 0.40 5.42 -8.13
CA ASP A 113 0.47 4.55 -9.29
C ASP A 113 1.10 5.31 -10.46
N PRO A 114 2.43 5.12 -10.63
CA PRO A 114 3.15 5.78 -11.70
C PRO A 114 2.86 5.12 -13.05
N SER A 115 2.02 4.09 -13.00
CA SER A 115 1.65 3.37 -14.20
C SER A 115 0.85 4.28 -15.13
N GLY A 116 -0.02 5.08 -14.53
CA GLY A 116 -0.84 5.99 -15.29
C GLY A 116 -2.32 5.60 -15.21
N PRO A 117 -3.19 6.64 -15.05
CA PRO A 117 -4.62 6.41 -14.95
C PRO A 117 -5.21 6.08 -16.32
N SER A 118 -6.31 5.33 -16.29
CA SER A 118 -6.98 4.93 -17.52
C SER A 118 -5.97 4.33 -18.49
N SER A 119 -6.49 3.90 -19.63
CA SER A 119 -5.64 3.29 -20.65
C SER A 119 -6.35 3.34 -22.01
N GLY A 120 -7.54 2.77 -22.04
CA GLY A 120 -8.33 2.73 -23.26
C GLY A 120 -9.73 2.14 -23.01
N GLY A 1 11.82 -12.72 -21.43
CA GLY A 1 10.76 -11.89 -22.00
C GLY A 1 9.38 -12.47 -21.65
N SER A 2 8.38 -11.61 -21.76
CA SER A 2 7.02 -12.02 -21.47
C SER A 2 6.04 -11.26 -22.36
N SER A 3 4.94 -11.94 -22.67
CA SER A 3 3.92 -11.34 -23.52
C SER A 3 3.15 -10.27 -22.75
N GLY A 4 3.40 -9.02 -23.12
CA GLY A 4 2.75 -7.90 -22.47
C GLY A 4 3.66 -6.67 -22.44
N SER A 5 3.51 -5.89 -21.39
CA SER A 5 4.32 -4.69 -21.22
C SER A 5 5.21 -4.83 -19.99
N SER A 6 6.36 -4.15 -20.06
CA SER A 6 7.31 -4.19 -18.96
C SER A 6 7.62 -2.78 -18.48
N GLY A 7 6.94 -2.38 -17.41
CA GLY A 7 7.13 -1.05 -16.86
C GLY A 7 7.25 -1.12 -15.33
N PRO A 8 8.40 -1.67 -14.87
CA PRO A 8 8.64 -1.80 -13.44
C PRO A 8 9.03 -0.45 -12.83
N GLU A 9 9.41 0.47 -13.70
CA GLU A 9 9.81 1.79 -13.26
C GLU A 9 8.57 2.68 -13.10
N LYS A 10 7.41 2.08 -13.31
CA LYS A 10 6.15 2.80 -13.19
C LYS A 10 5.18 1.98 -12.33
N LEU A 11 5.68 1.54 -11.19
CA LEU A 11 4.88 0.75 -10.27
C LEU A 11 4.38 1.64 -9.14
N PRO A 12 3.22 1.22 -8.54
CA PRO A 12 2.63 1.97 -7.45
C PRO A 12 3.42 1.77 -6.16
N TYR A 13 3.55 2.85 -5.40
CA TYR A 13 4.27 2.79 -4.14
C TYR A 13 3.54 3.60 -3.05
N LEU A 14 3.97 3.38 -1.82
CA LEU A 14 3.36 4.08 -0.69
C LEU A 14 4.41 4.96 -0.03
N VAL A 15 4.09 6.25 0.05
CA VAL A 15 4.98 7.22 0.66
C VAL A 15 4.43 7.65 2.01
N GLU A 16 5.00 7.09 3.06
CA GLU A 16 4.58 7.40 4.41
C GLU A 16 4.24 8.89 4.53
N LEU A 17 3.13 9.17 5.21
CA LEU A 17 2.69 10.54 5.39
C LEU A 17 2.68 10.86 6.89
N SER A 18 2.55 12.15 7.18
CA SER A 18 2.52 12.60 8.57
C SER A 18 1.24 12.12 9.25
N PRO A 19 1.20 12.33 10.59
CA PRO A 19 0.05 11.91 11.37
C PRO A 19 -1.13 12.86 11.16
N ASP A 20 -0.89 13.88 10.34
CA ASP A 20 -1.92 14.86 10.03
C ASP A 20 -2.29 14.77 8.55
N GLY A 21 -1.65 13.82 7.88
CA GLY A 21 -1.90 13.61 6.46
C GLY A 21 -1.18 14.68 5.62
N SER A 22 0.07 14.91 5.97
CA SER A 22 0.87 15.90 5.26
C SER A 22 2.12 15.23 4.68
N ASP A 23 2.61 15.81 3.59
CA ASP A 23 3.79 15.28 2.92
C ASP A 23 4.80 16.42 2.71
N SER A 24 5.26 16.98 3.81
CA SER A 24 6.22 18.07 3.76
C SER A 24 6.91 18.22 5.11
N ARG A 25 8.23 18.11 5.08
CA ARG A 25 9.01 18.23 6.29
C ARG A 25 10.32 17.45 6.16
N ASP A 26 10.32 16.50 5.23
CA ASP A 26 11.50 15.68 4.99
C ASP A 26 11.19 14.68 3.87
N LYS A 27 12.03 13.65 3.80
CA LYS A 27 11.86 12.63 2.78
C LYS A 27 11.33 11.35 3.44
N PRO A 28 10.01 11.08 3.17
CA PRO A 28 9.37 9.91 3.73
C PRO A 28 9.82 8.64 2.99
N LYS A 29 9.65 7.51 3.67
CA LYS A 29 10.02 6.23 3.09
C LYS A 29 9.08 5.90 1.93
N LEU A 30 9.59 5.08 1.02
CA LEU A 30 8.82 4.69 -0.15
C LEU A 30 8.85 3.16 -0.28
N TYR A 31 7.75 2.61 -0.76
CA TYR A 31 7.63 1.17 -0.95
C TYR A 31 6.89 0.85 -2.24
N ARG A 32 7.67 0.46 -3.24
CA ARG A 32 7.11 0.10 -4.54
C ARG A 32 6.39 -1.25 -4.46
N LEU A 33 5.21 -1.29 -5.06
CA LEU A 33 4.42 -2.51 -5.07
C LEU A 33 4.65 -3.26 -6.37
N GLN A 34 5.76 -3.97 -6.43
CA GLN A 34 6.10 -4.73 -7.62
C GLN A 34 5.08 -5.84 -7.86
N LEU A 35 4.98 -6.25 -9.12
CA LEU A 35 4.04 -7.30 -9.48
C LEU A 35 4.23 -8.49 -8.55
N SER A 36 3.23 -8.71 -7.71
CA SER A 36 3.26 -9.80 -6.76
C SER A 36 2.35 -9.49 -5.57
N VAL A 37 2.40 -10.38 -4.58
CA VAL A 37 1.59 -10.22 -3.39
C VAL A 37 2.45 -9.66 -2.26
N THR A 38 2.19 -8.40 -1.93
CA THR A 38 2.94 -7.74 -0.87
C THR A 38 2.09 -7.64 0.40
N GLU A 39 2.47 -8.44 1.38
CA GLU A 39 1.76 -8.45 2.65
C GLU A 39 2.31 -7.36 3.59
N VAL A 40 1.40 -6.54 4.07
CA VAL A 40 1.77 -5.46 4.97
C VAL A 40 1.53 -5.89 6.42
N GLY A 41 2.38 -5.40 7.30
CA GLY A 41 2.27 -5.73 8.71
C GLY A 41 3.66 -5.83 9.36
N THR A 42 3.79 -6.84 10.22
CA THR A 42 5.06 -7.07 10.90
C THR A 42 5.63 -8.43 10.52
N GLU A 43 5.14 -8.95 9.41
CA GLU A 43 5.60 -10.24 8.93
C GLU A 43 6.25 -10.09 7.55
N LYS A 44 6.87 -11.18 7.11
CA LYS A 44 7.55 -11.18 5.82
C LYS A 44 7.01 -12.33 4.97
N PHE A 45 6.79 -12.04 3.70
CA PHE A 45 6.28 -13.05 2.78
C PHE A 45 7.04 -13.01 1.45
N ASP A 46 6.97 -11.86 0.79
CA ASP A 46 7.64 -11.67 -0.48
C ASP A 46 9.06 -11.16 -0.24
N ASP A 47 9.80 -11.03 -1.33
CA ASP A 47 11.17 -10.55 -1.25
C ASP A 47 11.17 -9.07 -0.87
N ASN A 48 10.26 -8.33 -1.51
CA ASN A 48 10.14 -6.91 -1.25
C ASN A 48 8.75 -6.62 -0.65
N SER A 49 8.55 -7.13 0.56
CA SER A 49 7.29 -6.93 1.25
C SER A 49 7.37 -5.69 2.15
N ILE A 50 6.23 -5.32 2.69
CA ILE A 50 6.16 -4.16 3.57
C ILE A 50 6.14 -4.63 5.03
N GLN A 51 7.17 -4.24 5.75
CA GLN A 51 7.28 -4.61 7.15
C GLN A 51 7.28 -3.36 8.03
N LEU A 52 6.14 -3.11 8.64
CA LEU A 52 5.99 -1.96 9.51
C LEU A 52 5.91 -2.43 10.98
N PHE A 53 6.06 -1.47 11.88
CA PHE A 53 6.00 -1.78 13.30
C PHE A 53 5.26 -0.69 14.06
N GLY A 54 4.20 -1.11 14.76
CA GLY A 54 3.40 -0.18 15.52
C GLY A 54 2.59 -0.92 16.59
N PRO A 55 2.16 -0.14 17.62
CA PRO A 55 1.38 -0.71 18.71
C PRO A 55 -0.06 -0.98 18.26
N GLY A 56 -0.29 -2.21 17.84
CA GLY A 56 -1.61 -2.61 17.39
C GLY A 56 -1.56 -3.21 15.98
N ILE A 57 -0.35 -3.25 15.44
CA ILE A 57 -0.14 -3.78 14.10
C ILE A 57 -0.09 -5.31 14.17
N GLN A 58 -0.47 -5.93 13.07
CA GLN A 58 -0.48 -7.38 12.99
C GLN A 58 0.55 -7.87 11.96
N PRO A 59 0.64 -9.22 11.83
CA PRO A 59 1.58 -9.82 10.88
C PRO A 59 1.06 -9.68 9.45
N HIS A 60 -0.11 -10.26 9.21
CA HIS A 60 -0.71 -10.21 7.90
C HIS A 60 -1.80 -9.15 7.87
N HIS A 61 -1.36 -7.90 7.80
CA HIS A 61 -2.29 -6.78 7.76
C HIS A 61 -3.15 -6.86 6.50
N CYS A 62 -2.49 -6.78 5.36
CA CYS A 62 -3.19 -6.85 4.08
C CYS A 62 -2.16 -7.13 2.99
N ASP A 63 -2.67 -7.45 1.81
CA ASP A 63 -1.80 -7.74 0.67
C ASP A 63 -2.06 -6.71 -0.43
N LEU A 64 -0.97 -6.27 -1.03
CA LEU A 64 -1.05 -5.29 -2.11
C LEU A 64 -0.60 -5.93 -3.41
N THR A 65 -1.58 -6.47 -4.14
CA THR A 65 -1.29 -7.12 -5.41
C THR A 65 -1.45 -6.13 -6.56
N ASN A 66 -0.46 -6.12 -7.43
CA ASN A 66 -0.48 -5.23 -8.58
C ASN A 66 -0.86 -6.03 -9.84
N MET A 67 -2.06 -5.74 -10.33
CA MET A 67 -2.55 -6.41 -11.52
C MET A 67 -2.83 -5.41 -12.65
N ASP A 68 -1.92 -5.38 -13.60
CA ASP A 68 -2.05 -4.47 -14.74
C ASP A 68 -2.08 -3.03 -14.23
N GLY A 69 -1.11 -2.72 -13.38
CA GLY A 69 -1.01 -1.38 -12.81
C GLY A 69 -2.22 -1.07 -11.92
N VAL A 70 -2.76 -2.13 -11.31
CA VAL A 70 -3.90 -1.98 -10.44
C VAL A 70 -3.60 -2.64 -9.10
N VAL A 71 -3.84 -1.89 -8.03
CA VAL A 71 -3.60 -2.39 -6.69
C VAL A 71 -4.90 -2.32 -5.89
N THR A 72 -5.12 -3.37 -5.09
CA THR A 72 -6.31 -3.44 -4.27
C THR A 72 -5.96 -3.96 -2.87
N VAL A 73 -6.23 -3.11 -1.88
CA VAL A 73 -5.94 -3.48 -0.49
C VAL A 73 -6.90 -4.59 -0.07
N THR A 74 -6.31 -5.70 0.37
CA THR A 74 -7.09 -6.84 0.81
C THR A 74 -6.70 -7.24 2.24
N PRO A 75 -7.60 -6.91 3.20
CA PRO A 75 -7.35 -7.23 4.59
C PRO A 75 -7.56 -8.72 4.87
N ARG A 76 -6.54 -9.32 5.45
CA ARG A 76 -6.60 -10.74 5.77
C ARG A 76 -6.33 -10.96 7.26
N SER A 77 -6.56 -9.91 8.05
CA SER A 77 -6.34 -9.98 9.48
C SER A 77 -7.55 -9.40 10.21
N MET A 78 -8.18 -10.25 11.01
CA MET A 78 -9.35 -9.84 11.78
C MET A 78 -8.93 -8.99 12.98
N ASP A 79 -8.36 -7.83 12.67
CA ASP A 79 -7.92 -6.91 13.71
C ASP A 79 -7.18 -5.73 13.08
N ALA A 80 -6.48 -6.04 11.99
CA ALA A 80 -5.72 -5.02 11.28
C ALA A 80 -6.69 -4.00 10.70
N GLU A 81 -6.62 -2.78 11.23
CA GLU A 81 -7.47 -1.71 10.77
C GLU A 81 -6.86 -1.02 9.55
N THR A 82 -7.60 -1.06 8.45
CA THR A 82 -7.13 -0.45 7.21
C THR A 82 -8.13 0.62 6.74
N TYR A 83 -7.71 1.86 6.84
CA TYR A 83 -8.54 2.97 6.42
C TYR A 83 -7.95 3.70 5.21
N VAL A 84 -8.70 3.66 4.12
CA VAL A 84 -8.25 4.30 2.89
C VAL A 84 -8.80 5.73 2.84
N ASP A 85 -8.00 6.66 3.36
CA ASP A 85 -8.39 8.06 3.38
C ASP A 85 -9.36 8.29 4.54
N GLY A 86 -9.12 7.58 5.63
CA GLY A 86 -9.97 7.70 6.81
C GLY A 86 -11.23 6.84 6.67
N GLN A 87 -11.21 5.97 5.67
CA GLN A 87 -12.34 5.09 5.42
C GLN A 87 -11.90 3.62 5.50
N ARG A 88 -12.48 2.94 6.48
CA ARG A 88 -12.15 1.53 6.69
C ARG A 88 -12.76 0.68 5.57
N ILE A 89 -12.12 -0.45 5.30
CA ILE A 89 -12.58 -1.35 4.27
C ILE A 89 -13.04 -2.66 4.92
N SER A 90 -13.67 -3.50 4.10
CA SER A 90 -14.16 -4.78 4.57
C SER A 90 -13.90 -5.86 3.52
N GLU A 91 -13.07 -5.51 2.56
CA GLU A 91 -12.73 -6.45 1.49
C GLU A 91 -11.81 -5.76 0.46
N THR A 92 -11.54 -6.48 -0.60
CA THR A 92 -10.68 -5.97 -1.67
C THR A 92 -11.21 -4.62 -2.16
N THR A 93 -10.57 -3.56 -1.69
CA THR A 93 -10.96 -2.22 -2.07
C THR A 93 -9.90 -1.59 -2.97
N MET A 94 -10.31 -1.26 -4.19
CA MET A 94 -9.40 -0.66 -5.15
C MET A 94 -8.71 0.58 -4.55
N LEU A 95 -7.45 0.73 -4.90
CA LEU A 95 -6.67 1.85 -4.41
C LEU A 95 -6.39 2.81 -5.56
N GLN A 96 -6.35 4.09 -5.22
CA GLN A 96 -6.10 5.13 -6.21
C GLN A 96 -4.91 5.99 -5.79
N SER A 97 -4.14 6.41 -6.79
CA SER A 97 -2.98 7.25 -6.53
C SER A 97 -3.38 8.47 -5.71
N GLY A 98 -2.66 8.68 -4.62
CA GLY A 98 -2.93 9.81 -3.75
C GLY A 98 -3.59 9.35 -2.45
N MET A 99 -4.53 8.43 -2.60
CA MET A 99 -5.26 7.91 -1.46
C MET A 99 -4.32 7.62 -0.30
N ARG A 100 -4.85 7.77 0.91
CA ARG A 100 -4.06 7.53 2.11
C ARG A 100 -4.16 6.06 2.53
N LEU A 101 -3.19 5.64 3.32
CA LEU A 101 -3.17 4.27 3.79
C LEU A 101 -2.91 4.25 5.31
N GLN A 102 -3.92 3.80 6.04
CA GLN A 102 -3.81 3.73 7.48
C GLN A 102 -3.65 2.28 7.94
N PHE A 103 -2.57 2.03 8.66
CA PHE A 103 -2.30 0.70 9.17
C PHE A 103 -2.25 0.69 10.70
N GLY A 104 -3.44 0.68 11.29
CA GLY A 104 -3.56 0.67 12.74
C GLY A 104 -3.51 2.09 13.30
N THR A 105 -4.08 3.02 12.55
CA THR A 105 -4.11 4.41 12.96
C THR A 105 -2.78 4.80 13.63
N SER A 106 -1.69 4.47 12.95
CA SER A 106 -0.37 4.78 13.47
C SER A 106 0.58 5.10 12.31
N HIS A 107 0.57 4.22 11.32
CA HIS A 107 1.43 4.41 10.16
C HIS A 107 0.57 4.80 8.94
N VAL A 108 0.52 6.09 8.69
CA VAL A 108 -0.25 6.61 7.57
C VAL A 108 0.66 6.74 6.35
N PHE A 109 0.16 6.23 5.22
CA PHE A 109 0.92 6.29 3.98
C PHE A 109 0.05 6.81 2.84
N LYS A 110 0.68 7.02 1.69
CA LYS A 110 -0.02 7.51 0.52
C LYS A 110 0.37 6.65 -0.68
N PHE A 111 -0.64 5.95 -1.21
CA PHE A 111 -0.43 5.09 -2.36
C PHE A 111 -0.42 5.90 -3.66
N VAL A 112 0.46 5.49 -4.57
CA VAL A 112 0.58 6.16 -5.85
C VAL A 112 0.65 5.12 -6.97
N ASP A 113 0.30 5.57 -8.17
CA ASP A 113 0.33 4.68 -9.32
C ASP A 113 0.95 5.42 -10.51
N PRO A 114 2.29 5.24 -10.66
CA PRO A 114 3.02 5.88 -11.74
C PRO A 114 2.74 5.18 -13.07
N SER A 115 2.10 4.02 -12.98
CA SER A 115 1.76 3.25 -14.17
C SER A 115 0.85 4.07 -15.08
N GLY A 116 -0.05 4.82 -14.45
CA GLY A 116 -0.99 5.65 -15.19
C GLY A 116 -1.98 4.78 -15.98
N PRO A 117 -3.27 5.23 -15.95
CA PRO A 117 -4.32 4.51 -16.64
C PRO A 117 -4.23 4.74 -18.15
N SER A 118 -3.39 3.94 -18.79
CA SER A 118 -3.20 4.04 -20.23
C SER A 118 -4.36 3.35 -20.95
N SER A 119 -4.52 2.07 -20.67
CA SER A 119 -5.58 1.29 -21.28
C SER A 119 -5.82 0.01 -20.48
N GLY A 120 -7.02 -0.08 -19.92
CA GLY A 120 -7.39 -1.25 -19.13
C GLY A 120 -8.22 -2.23 -19.96
N GLY A 1 0.30 -14.80 -14.65
CA GLY A 1 -0.12 -13.44 -14.93
C GLY A 1 0.31 -13.01 -16.33
N SER A 2 1.17 -12.00 -16.36
CA SER A 2 1.66 -11.49 -17.63
C SER A 2 3.12 -11.04 -17.48
N SER A 3 4.02 -12.00 -17.63
CA SER A 3 5.44 -11.70 -17.52
C SER A 3 5.73 -11.04 -16.16
N GLY A 4 7.02 -10.91 -15.88
CA GLY A 4 7.44 -10.30 -14.63
C GLY A 4 7.48 -8.77 -14.75
N SER A 5 8.19 -8.15 -13.81
CA SER A 5 8.31 -6.71 -13.81
C SER A 5 8.48 -6.19 -15.24
N SER A 6 7.63 -5.23 -15.59
CA SER A 6 7.68 -4.64 -16.91
C SER A 6 7.50 -3.13 -16.82
N GLY A 7 8.40 -2.50 -16.07
CA GLY A 7 8.37 -1.05 -15.89
C GLY A 7 8.35 -0.70 -14.41
N PRO A 8 9.57 -0.48 -13.86
CA PRO A 8 9.71 -0.12 -12.45
C PRO A 8 9.31 1.34 -12.22
N GLU A 9 9.29 2.10 -13.31
CA GLU A 9 8.92 3.50 -13.24
C GLU A 9 7.40 3.66 -13.32
N LYS A 10 6.72 2.53 -13.29
CA LYS A 10 5.26 2.53 -13.35
C LYS A 10 4.71 1.56 -12.32
N LEU A 11 5.26 1.67 -11.10
CA LEU A 11 4.82 0.81 -10.02
C LEU A 11 4.24 1.67 -8.90
N PRO A 12 3.10 1.18 -8.34
CA PRO A 12 2.43 1.90 -7.26
C PRO A 12 3.19 1.73 -5.94
N TYR A 13 3.26 2.81 -5.19
CA TYR A 13 3.94 2.81 -3.91
C TYR A 13 3.22 3.69 -2.89
N LEU A 14 3.59 3.50 -1.63
CA LEU A 14 2.99 4.27 -0.55
C LEU A 14 4.03 5.20 0.06
N VAL A 15 3.67 6.46 0.19
CA VAL A 15 4.56 7.45 0.75
C VAL A 15 4.03 7.88 2.12
N GLU A 16 4.85 7.65 3.14
CA GLU A 16 4.48 8.01 4.49
C GLU A 16 4.02 9.47 4.55
N LEU A 17 2.86 9.66 5.15
CA LEU A 17 2.29 11.00 5.28
C LEU A 17 2.17 11.35 6.76
N SER A 18 2.02 12.65 7.01
CA SER A 18 1.88 13.13 8.37
C SER A 18 0.70 12.43 9.07
N PRO A 19 0.60 12.66 10.40
CA PRO A 19 -0.46 12.06 11.19
C PRO A 19 -1.79 12.77 10.93
N ASP A 20 -1.73 13.80 10.09
CA ASP A 20 -2.91 14.57 9.76
C ASP A 20 -3.27 14.34 8.28
N GLY A 21 -2.30 13.81 7.55
CA GLY A 21 -2.50 13.54 6.13
C GLY A 21 -1.82 14.62 5.28
N SER A 22 -0.57 14.91 5.63
CA SER A 22 0.19 15.91 4.90
C SER A 22 1.49 15.28 4.38
N ASP A 23 2.08 15.96 3.41
CA ASP A 23 3.32 15.50 2.81
C ASP A 23 4.42 16.54 3.06
N SER A 24 5.43 16.12 3.82
CA SER A 24 6.54 16.99 4.13
C SER A 24 7.48 16.31 5.13
N ARG A 25 8.25 17.13 5.82
CA ARG A 25 9.19 16.62 6.81
C ARG A 25 10.26 15.77 6.13
N ASP A 26 11.16 16.44 5.44
CA ASP A 26 12.24 15.77 4.73
C ASP A 26 11.65 14.67 3.85
N LYS A 27 12.54 13.99 3.14
CA LYS A 27 12.13 12.91 2.26
C LYS A 27 11.55 11.76 3.09
N PRO A 28 10.22 11.55 2.92
CA PRO A 28 9.54 10.48 3.65
C PRO A 28 9.88 9.11 3.06
N LYS A 29 9.57 8.08 3.84
CA LYS A 29 9.83 6.72 3.41
C LYS A 29 8.94 6.38 2.22
N LEU A 30 9.43 5.46 1.39
CA LEU A 30 8.68 5.04 0.22
C LEU A 30 8.62 3.51 0.18
N TYR A 31 7.55 3.01 -0.41
CA TYR A 31 7.36 1.57 -0.53
C TYR A 31 6.69 1.21 -1.84
N ARG A 32 7.46 0.56 -2.71
CA ARG A 32 6.96 0.15 -4.00
C ARG A 32 6.30 -1.23 -3.91
N LEU A 33 5.21 -1.38 -4.64
CA LEU A 33 4.47 -2.62 -4.65
C LEU A 33 4.85 -3.43 -5.89
N GLN A 34 5.99 -4.12 -5.79
CA GLN A 34 6.48 -4.92 -6.89
C GLN A 34 5.44 -5.99 -7.26
N LEU A 35 5.56 -6.47 -8.50
CA LEU A 35 4.65 -7.49 -8.99
C LEU A 35 4.44 -8.54 -7.90
N SER A 36 3.38 -9.33 -8.08
CA SER A 36 3.05 -10.37 -7.13
C SER A 36 2.22 -9.80 -5.98
N VAL A 37 2.37 -10.40 -4.81
CA VAL A 37 1.63 -9.96 -3.64
C VAL A 37 2.61 -9.36 -2.63
N THR A 38 2.08 -8.52 -1.76
CA THR A 38 2.88 -7.87 -0.74
C THR A 38 2.12 -7.83 0.59
N GLU A 39 2.47 -8.77 1.45
CA GLU A 39 1.83 -8.86 2.75
C GLU A 39 2.42 -7.81 3.70
N VAL A 40 1.54 -6.91 4.15
CA VAL A 40 1.95 -5.85 5.05
C VAL A 40 1.64 -6.26 6.49
N GLY A 41 2.27 -5.56 7.42
CA GLY A 41 2.07 -5.84 8.83
C GLY A 41 3.40 -5.85 9.59
N THR A 42 3.61 -6.91 10.35
CA THR A 42 4.83 -7.05 11.12
C THR A 42 5.53 -8.36 10.80
N GLU A 43 4.98 -9.06 9.82
CA GLU A 43 5.53 -10.34 9.40
C GLU A 43 6.09 -10.24 7.99
N LYS A 44 7.11 -11.05 7.73
CA LYS A 44 7.74 -11.06 6.41
C LYS A 44 7.35 -12.33 5.67
N PHE A 45 6.55 -12.15 4.63
CA PHE A 45 6.09 -13.27 3.83
C PHE A 45 6.86 -13.35 2.50
N ASP A 46 6.54 -12.41 1.62
CA ASP A 46 7.18 -12.36 0.32
C ASP A 46 8.61 -11.85 0.49
N ASP A 47 9.21 -11.50 -0.65
CA ASP A 47 10.58 -11.00 -0.64
C ASP A 47 10.55 -9.47 -0.51
N ASN A 48 9.57 -8.87 -1.15
CA ASN A 48 9.42 -7.42 -1.11
C ASN A 48 8.13 -7.07 -0.38
N SER A 49 8.07 -7.49 0.87
CA SER A 49 6.90 -7.22 1.69
C SER A 49 7.18 -6.06 2.65
N ILE A 50 6.11 -5.38 3.02
CA ILE A 50 6.23 -4.24 3.92
C ILE A 50 6.15 -4.74 5.37
N GLN A 51 7.14 -4.36 6.14
CA GLN A 51 7.20 -4.76 7.54
C GLN A 51 7.21 -3.52 8.44
N LEU A 52 6.04 -3.20 8.97
CA LEU A 52 5.90 -2.05 9.85
C LEU A 52 5.82 -2.53 11.29
N PHE A 53 5.88 -1.57 12.20
CA PHE A 53 5.81 -1.87 13.63
C PHE A 53 5.09 -0.77 14.39
N GLY A 54 3.96 -1.13 14.96
CA GLY A 54 3.16 -0.18 15.73
C GLY A 54 2.19 -0.91 16.66
N PRO A 55 1.65 -0.14 17.63
CA PRO A 55 0.70 -0.69 18.59
C PRO A 55 -0.67 -0.90 17.95
N GLY A 56 -1.00 -2.16 17.74
CA GLY A 56 -2.27 -2.51 17.13
C GLY A 56 -2.08 -3.05 15.71
N ILE A 57 -0.86 -3.46 15.43
CA ILE A 57 -0.52 -3.99 14.12
C ILE A 57 -0.47 -5.52 14.19
N GLN A 58 -0.75 -6.14 13.05
CA GLN A 58 -0.72 -7.60 12.98
C GLN A 58 0.33 -8.06 11.96
N PRO A 59 0.43 -9.40 11.82
CA PRO A 59 1.40 -9.99 10.89
C PRO A 59 0.92 -9.82 9.44
N HIS A 60 -0.25 -10.39 9.17
CA HIS A 60 -0.82 -10.33 7.83
C HIS A 60 -1.91 -9.25 7.80
N HIS A 61 -1.47 -8.00 7.78
CA HIS A 61 -2.39 -6.89 7.75
C HIS A 61 -3.25 -6.96 6.49
N CYS A 62 -2.60 -6.73 5.35
CA CYS A 62 -3.29 -6.77 4.07
C CYS A 62 -2.27 -7.12 2.99
N ASP A 63 -2.79 -7.44 1.81
CA ASP A 63 -1.94 -7.80 0.69
C ASP A 63 -2.09 -6.75 -0.40
N LEU A 64 -0.96 -6.41 -1.02
CA LEU A 64 -0.95 -5.43 -2.09
C LEU A 64 -0.49 -6.09 -3.38
N THR A 65 -1.46 -6.59 -4.13
CA THR A 65 -1.18 -7.25 -5.39
C THR A 65 -1.30 -6.26 -6.55
N ASN A 66 -0.52 -6.51 -7.60
CA ASN A 66 -0.54 -5.66 -8.77
C ASN A 66 -0.98 -6.47 -9.98
N MET A 67 -2.21 -6.21 -10.40
CA MET A 67 -2.78 -6.92 -11.54
C MET A 67 -3.15 -5.93 -12.66
N ASP A 68 -2.25 -5.82 -13.62
CA ASP A 68 -2.47 -4.92 -14.74
C ASP A 68 -2.45 -3.47 -14.25
N GLY A 69 -1.36 -3.12 -13.56
CA GLY A 69 -1.21 -1.78 -13.03
C GLY A 69 -2.35 -1.45 -12.06
N VAL A 70 -2.99 -2.49 -11.56
CA VAL A 70 -4.09 -2.31 -10.63
C VAL A 70 -3.71 -2.92 -9.27
N VAL A 71 -4.06 -2.19 -8.22
CA VAL A 71 -3.76 -2.64 -6.87
C VAL A 71 -5.00 -2.44 -5.98
N THR A 72 -5.27 -3.44 -5.16
CA THR A 72 -6.40 -3.37 -4.26
C THR A 72 -6.02 -3.90 -2.88
N VAL A 73 -6.14 -3.03 -1.89
CA VAL A 73 -5.81 -3.39 -0.52
C VAL A 73 -6.81 -4.43 -0.02
N THR A 74 -6.29 -5.61 0.29
CA THR A 74 -7.12 -6.69 0.77
C THR A 74 -6.72 -7.08 2.20
N PRO A 75 -7.59 -6.69 3.17
CA PRO A 75 -7.33 -6.99 4.57
C PRO A 75 -7.59 -8.46 4.88
N ARG A 76 -6.51 -9.17 5.20
CA ARG A 76 -6.61 -10.58 5.51
C ARG A 76 -7.11 -10.78 6.95
N SER A 77 -6.93 -9.74 7.75
CA SER A 77 -7.37 -9.78 9.14
C SER A 77 -8.25 -8.57 9.45
N MET A 78 -9.37 -8.85 10.09
CA MET A 78 -10.32 -7.80 10.44
C MET A 78 -9.73 -6.89 11.53
N ASP A 79 -8.96 -7.51 12.42
CA ASP A 79 -8.34 -6.76 13.50
C ASP A 79 -7.42 -5.68 12.92
N ALA A 80 -6.76 -6.05 11.83
CA ALA A 80 -5.84 -5.14 11.17
C ALA A 80 -6.64 -3.99 10.56
N GLU A 81 -6.66 -2.87 11.28
CA GLU A 81 -7.38 -1.69 10.82
C GLU A 81 -6.72 -1.12 9.57
N THR A 82 -7.49 -1.09 8.50
CA THR A 82 -6.98 -0.56 7.24
C THR A 82 -7.93 0.52 6.68
N TYR A 83 -7.49 1.76 6.83
CA TYR A 83 -8.28 2.88 6.36
C TYR A 83 -7.68 3.49 5.09
N VAL A 84 -8.44 3.39 4.01
CA VAL A 84 -7.99 3.91 2.72
C VAL A 84 -8.53 5.33 2.55
N ASP A 85 -7.74 6.30 2.97
CA ASP A 85 -8.12 7.70 2.86
C ASP A 85 -9.06 8.05 4.01
N GLY A 86 -8.80 7.45 5.16
CA GLY A 86 -9.61 7.69 6.34
C GLY A 86 -10.92 6.90 6.28
N GLN A 87 -10.87 5.80 5.55
CA GLN A 87 -12.03 4.95 5.40
C GLN A 87 -11.64 3.47 5.53
N ARG A 88 -12.17 2.84 6.56
CA ARG A 88 -11.89 1.43 6.80
C ARG A 88 -12.58 0.56 5.75
N ILE A 89 -11.81 -0.38 5.22
CA ILE A 89 -12.33 -1.28 4.20
C ILE A 89 -12.66 -2.63 4.85
N SER A 90 -13.60 -3.34 4.24
CA SER A 90 -14.00 -4.64 4.74
C SER A 90 -13.63 -5.73 3.74
N GLU A 91 -13.40 -5.30 2.50
CA GLU A 91 -13.03 -6.22 1.45
C GLU A 91 -12.01 -5.58 0.51
N THR A 92 -11.67 -6.32 -0.53
CA THR A 92 -10.70 -5.83 -1.51
C THR A 92 -11.13 -4.46 -2.05
N THR A 93 -10.44 -3.44 -1.59
CA THR A 93 -10.73 -2.09 -2.03
C THR A 93 -9.64 -1.57 -2.96
N MET A 94 -10.07 -0.96 -4.06
CA MET A 94 -9.14 -0.42 -5.03
C MET A 94 -8.37 0.77 -4.45
N LEU A 95 -7.15 0.95 -4.95
CA LEU A 95 -6.32 2.04 -4.50
C LEU A 95 -6.18 3.08 -5.61
N GLN A 96 -6.32 4.34 -5.23
CA GLN A 96 -6.22 5.43 -6.18
C GLN A 96 -5.13 6.42 -5.74
N SER A 97 -4.38 6.90 -6.73
CA SER A 97 -3.32 7.85 -6.46
C SER A 97 -3.81 8.94 -5.50
N GLY A 98 -3.04 9.14 -4.45
CA GLY A 98 -3.39 10.15 -3.46
C GLY A 98 -3.96 9.51 -2.20
N MET A 99 -4.78 8.49 -2.40
CA MET A 99 -5.39 7.78 -1.30
C MET A 99 -4.36 7.49 -0.19
N ARG A 100 -4.83 7.57 1.04
CA ARG A 100 -3.97 7.32 2.19
C ARG A 100 -4.15 5.89 2.67
N LEU A 101 -3.02 5.24 2.93
CA LEU A 101 -3.04 3.87 3.41
C LEU A 101 -2.59 3.83 4.87
N GLN A 102 -3.56 3.60 5.74
CA GLN A 102 -3.30 3.54 7.17
C GLN A 102 -3.37 2.09 7.67
N PHE A 103 -2.25 1.64 8.24
CA PHE A 103 -2.18 0.29 8.76
C PHE A 103 -2.15 0.28 10.28
N GLY A 104 -3.34 0.34 10.86
CA GLY A 104 -3.46 0.34 12.32
C GLY A 104 -3.81 1.73 12.84
N THR A 105 -2.77 2.49 13.16
CA THR A 105 -2.96 3.84 13.68
C THR A 105 -1.61 4.45 14.05
N SER A 106 -0.73 4.51 13.06
CA SER A 106 0.59 5.07 13.28
C SER A 106 1.32 5.23 11.94
N HIS A 107 1.16 4.22 11.10
CA HIS A 107 1.79 4.23 9.79
C HIS A 107 0.77 4.64 8.72
N VAL A 108 1.00 5.83 8.17
CA VAL A 108 0.10 6.34 7.14
C VAL A 108 0.92 6.67 5.89
N PHE A 109 0.57 5.99 4.80
CA PHE A 109 1.24 6.20 3.53
C PHE A 109 0.28 6.69 2.46
N LYS A 110 0.84 7.31 1.44
CA LYS A 110 0.04 7.84 0.34
C LYS A 110 0.33 7.04 -0.92
N PHE A 111 -0.70 6.37 -1.42
CA PHE A 111 -0.57 5.56 -2.63
C PHE A 111 -0.57 6.45 -3.88
N VAL A 112 0.46 6.27 -4.69
CA VAL A 112 0.59 7.03 -5.92
C VAL A 112 0.86 6.08 -7.08
N ASP A 113 0.33 6.44 -8.24
CA ASP A 113 0.50 5.64 -9.44
C ASP A 113 1.42 6.38 -10.41
N PRO A 114 2.70 5.94 -10.45
CA PRO A 114 3.68 6.55 -11.34
C PRO A 114 3.45 6.11 -12.79
N SER A 115 2.49 5.21 -12.96
CA SER A 115 2.16 4.71 -14.28
C SER A 115 1.63 5.85 -15.16
N GLY A 116 0.79 6.67 -14.56
CA GLY A 116 0.22 7.80 -15.28
C GLY A 116 -1.32 7.70 -15.32
N PRO A 117 -1.98 8.88 -15.22
CA PRO A 117 -3.43 8.93 -15.25
C PRO A 117 -3.96 8.70 -16.67
N SER A 118 -4.03 7.44 -17.04
CA SER A 118 -4.52 7.07 -18.36
C SER A 118 -3.63 7.71 -19.43
N SER A 119 -2.52 7.04 -19.72
CA SER A 119 -1.60 7.53 -20.73
C SER A 119 -2.36 8.02 -21.95
N GLY A 120 -1.99 9.21 -22.41
CA GLY A 120 -2.63 9.79 -23.57
C GLY A 120 -2.90 11.29 -23.36
N GLY A 1 -8.47 -11.61 -22.88
CA GLY A 1 -7.38 -10.87 -22.30
C GLY A 1 -6.08 -11.10 -23.08
N SER A 2 -5.56 -10.02 -23.62
CA SER A 2 -4.32 -10.08 -24.39
C SER A 2 -3.43 -8.88 -24.06
N SER A 3 -3.98 -7.70 -24.27
CA SER A 3 -3.25 -6.48 -24.00
C SER A 3 -2.44 -6.62 -22.72
N GLY A 4 -1.40 -5.81 -22.61
CA GLY A 4 -0.53 -5.84 -21.45
C GLY A 4 0.45 -4.67 -21.46
N SER A 5 1.17 -4.52 -20.36
CA SER A 5 2.15 -3.46 -20.23
C SER A 5 3.39 -3.97 -19.50
N SER A 6 4.44 -3.17 -19.56
CA SER A 6 5.69 -3.52 -18.92
C SER A 6 6.50 -2.26 -18.59
N GLY A 7 6.42 -1.87 -17.33
CA GLY A 7 7.13 -0.68 -16.88
C GLY A 7 7.42 -0.76 -15.37
N PRO A 8 8.68 -1.15 -15.05
CA PRO A 8 9.10 -1.27 -13.66
C PRO A 8 9.33 0.12 -13.04
N GLU A 9 9.60 1.08 -13.91
CA GLU A 9 9.84 2.44 -13.46
C GLU A 9 8.52 3.22 -13.38
N LYS A 10 7.43 2.47 -13.40
CA LYS A 10 6.11 3.06 -13.34
C LYS A 10 5.19 2.17 -12.50
N LEU A 11 5.70 1.80 -11.33
CA LEU A 11 4.94 0.96 -10.42
C LEU A 11 4.41 1.81 -9.26
N PRO A 12 3.27 1.35 -8.68
CA PRO A 12 2.66 2.05 -7.57
C PRO A 12 3.44 1.81 -6.28
N TYR A 13 3.55 2.87 -5.49
CA TYR A 13 4.28 2.79 -4.23
C TYR A 13 3.55 3.58 -3.13
N LEU A 14 3.98 3.35 -1.90
CA LEU A 14 3.38 4.02 -0.76
C LEU A 14 4.42 4.93 -0.11
N VAL A 15 4.12 6.22 -0.14
CA VAL A 15 5.02 7.21 0.43
C VAL A 15 4.48 7.63 1.80
N GLU A 16 5.14 7.15 2.84
CA GLU A 16 4.75 7.47 4.20
C GLU A 16 4.39 8.96 4.31
N LEU A 17 3.26 9.22 4.94
CA LEU A 17 2.79 10.57 5.13
C LEU A 17 2.89 10.96 6.60
N SER A 18 2.85 12.26 6.85
CA SER A 18 2.94 12.77 8.20
C SER A 18 1.86 12.13 9.08
N PRO A 19 1.97 12.39 10.41
CA PRO A 19 1.01 11.84 11.36
C PRO A 19 -0.32 12.60 11.28
N ASP A 20 -0.37 13.57 10.39
CA ASP A 20 -1.56 14.37 10.21
C ASP A 20 -2.14 14.11 8.81
N GLY A 21 -1.32 13.47 7.98
CA GLY A 21 -1.74 13.15 6.62
C GLY A 21 -1.18 14.18 5.64
N SER A 22 0.05 14.59 5.90
CA SER A 22 0.71 15.56 5.04
C SER A 22 2.00 14.98 4.48
N ASP A 23 2.40 15.50 3.33
CA ASP A 23 3.62 15.04 2.68
C ASP A 23 4.75 16.03 2.96
N SER A 24 5.64 15.64 3.86
CA SER A 24 6.77 16.49 4.22
C SER A 24 7.68 15.73 5.18
N ARG A 25 8.44 16.50 5.95
CA ARG A 25 9.36 15.93 6.92
C ARG A 25 10.45 15.12 6.19
N ASP A 26 11.32 15.85 5.50
CA ASP A 26 12.40 15.21 4.77
C ASP A 26 11.82 14.11 3.86
N LYS A 27 12.71 13.48 3.13
CA LYS A 27 12.30 12.41 2.22
C LYS A 27 11.75 11.24 3.04
N PRO A 28 10.43 10.99 2.87
CA PRO A 28 9.76 9.92 3.58
C PRO A 28 10.12 8.56 2.97
N LYS A 29 9.77 7.51 3.69
CA LYS A 29 10.04 6.16 3.23
C LYS A 29 9.19 5.86 2.00
N LEU A 30 9.71 4.97 1.16
CA LEU A 30 9.02 4.60 -0.05
C LEU A 30 8.98 3.07 -0.16
N TYR A 31 7.97 2.58 -0.89
CA TYR A 31 7.82 1.15 -1.08
C TYR A 31 7.09 0.85 -2.39
N ARG A 32 7.86 0.40 -3.37
CA ARG A 32 7.30 0.07 -4.66
C ARG A 32 6.51 -1.23 -4.59
N LEU A 33 5.32 -1.20 -5.19
CA LEU A 33 4.47 -2.37 -5.20
C LEU A 33 4.62 -3.11 -6.53
N GLN A 34 5.72 -3.85 -6.63
CA GLN A 34 6.00 -4.61 -7.83
C GLN A 34 5.00 -5.75 -7.99
N LEU A 35 4.80 -6.15 -9.23
CA LEU A 35 3.87 -7.23 -9.53
C LEU A 35 4.11 -8.39 -8.56
N SER A 36 3.15 -8.56 -7.66
CA SER A 36 3.24 -9.63 -6.67
C SER A 36 2.33 -9.32 -5.49
N VAL A 37 2.45 -10.14 -4.45
CA VAL A 37 1.64 -9.97 -3.26
C VAL A 37 2.53 -9.46 -2.12
N THR A 38 2.29 -8.22 -1.73
CA THR A 38 3.06 -7.62 -0.65
C THR A 38 2.27 -7.67 0.65
N GLU A 39 2.64 -8.62 1.49
CA GLU A 39 2.00 -8.78 2.78
C GLU A 39 2.40 -7.66 3.74
N VAL A 40 1.44 -6.79 4.03
CA VAL A 40 1.69 -5.68 4.93
C VAL A 40 1.40 -6.11 6.37
N GLY A 41 2.14 -5.52 7.28
CA GLY A 41 1.98 -5.83 8.70
C GLY A 41 3.30 -5.65 9.45
N THR A 42 3.57 -6.57 10.35
CA THR A 42 4.78 -6.53 11.15
C THR A 42 5.60 -7.80 10.96
N GLU A 43 5.08 -8.67 10.09
CA GLU A 43 5.75 -9.94 9.81
C GLU A 43 6.29 -9.94 8.37
N LYS A 44 7.24 -10.81 8.14
CA LYS A 44 7.84 -10.93 6.82
C LYS A 44 7.29 -12.17 6.12
N PHE A 45 6.93 -11.98 4.86
CA PHE A 45 6.40 -13.07 4.06
C PHE A 45 7.03 -13.12 2.67
N ASP A 46 6.94 -11.99 1.98
CA ASP A 46 7.50 -11.88 0.65
C ASP A 46 8.78 -11.05 0.70
N ASP A 47 9.67 -11.32 -0.24
CA ASP A 47 10.94 -10.61 -0.32
C ASP A 47 10.66 -9.10 -0.41
N ASN A 48 9.61 -8.78 -1.16
CA ASN A 48 9.23 -7.39 -1.34
C ASN A 48 7.91 -7.12 -0.60
N SER A 49 7.98 -7.23 0.72
CA SER A 49 6.81 -7.00 1.55
C SER A 49 7.04 -5.79 2.47
N ILE A 50 5.93 -5.19 2.89
CA ILE A 50 6.00 -4.04 3.76
C ILE A 50 5.96 -4.50 5.22
N GLN A 51 6.84 -3.91 6.01
CA GLN A 51 6.90 -4.26 7.43
C GLN A 51 6.85 -2.99 8.29
N LEU A 52 5.69 -2.77 8.88
CA LEU A 52 5.49 -1.60 9.73
C LEU A 52 5.47 -2.04 11.20
N PHE A 53 5.53 -1.05 12.07
CA PHE A 53 5.52 -1.31 13.51
C PHE A 53 4.72 -0.25 14.25
N GLY A 54 3.61 -0.69 14.82
CA GLY A 54 2.74 0.21 15.56
C GLY A 54 1.89 -0.55 16.57
N PRO A 55 1.37 0.20 17.59
CA PRO A 55 0.54 -0.40 18.61
C PRO A 55 -0.86 -0.71 18.08
N GLY A 56 -1.06 -1.98 17.73
CA GLY A 56 -2.34 -2.43 17.20
C GLY A 56 -2.18 -3.02 15.80
N ILE A 57 -0.92 -3.15 15.39
CA ILE A 57 -0.62 -3.72 14.08
C ILE A 57 -0.50 -5.24 14.20
N GLN A 58 -0.80 -5.91 13.09
CA GLN A 58 -0.72 -7.35 13.06
C GLN A 58 0.35 -7.82 12.07
N PRO A 59 0.51 -9.16 11.99
CA PRO A 59 1.50 -9.74 11.09
C PRO A 59 1.04 -9.65 9.63
N HIS A 60 -0.10 -10.28 9.37
CA HIS A 60 -0.67 -10.29 8.03
C HIS A 60 -1.78 -9.25 7.95
N HIS A 61 -1.38 -7.99 7.85
CA HIS A 61 -2.33 -6.90 7.76
C HIS A 61 -3.15 -7.05 6.48
N CYS A 62 -2.49 -6.81 5.36
CA CYS A 62 -3.15 -6.91 4.06
C CYS A 62 -2.09 -7.25 3.02
N ASP A 63 -2.55 -7.44 1.79
CA ASP A 63 -1.66 -7.77 0.69
C ASP A 63 -1.93 -6.83 -0.48
N LEU A 64 -0.88 -6.14 -0.90
CA LEU A 64 -0.98 -5.21 -2.01
C LEU A 64 -0.59 -5.92 -3.30
N THR A 65 -1.60 -6.33 -4.05
CA THR A 65 -1.37 -7.01 -5.31
C THR A 65 -1.58 -6.05 -6.49
N ASN A 66 -0.63 -6.09 -7.41
CA ASN A 66 -0.69 -5.23 -8.58
C ASN A 66 -1.13 -6.05 -9.78
N MET A 67 -2.34 -5.79 -10.24
CA MET A 67 -2.88 -6.49 -11.40
C MET A 67 -3.20 -5.52 -12.53
N ASP A 68 -2.28 -5.48 -13.50
CA ASP A 68 -2.45 -4.61 -14.65
C ASP A 68 -2.54 -3.15 -14.17
N GLY A 69 -1.46 -2.70 -13.55
CA GLY A 69 -1.39 -1.35 -13.05
C GLY A 69 -2.57 -1.05 -12.11
N VAL A 70 -3.06 -2.11 -11.48
CA VAL A 70 -4.18 -1.98 -10.57
C VAL A 70 -3.81 -2.62 -9.22
N VAL A 71 -4.06 -1.87 -8.16
CA VAL A 71 -3.77 -2.36 -6.82
C VAL A 71 -5.04 -2.32 -5.97
N THR A 72 -5.21 -3.36 -5.17
CA THR A 72 -6.38 -3.46 -4.31
C THR A 72 -5.97 -3.97 -2.93
N VAL A 73 -6.23 -3.13 -1.93
CA VAL A 73 -5.90 -3.49 -0.56
C VAL A 73 -6.83 -4.60 -0.09
N THR A 74 -6.22 -5.71 0.30
CA THR A 74 -6.97 -6.86 0.77
C THR A 74 -6.54 -7.23 2.18
N PRO A 75 -7.44 -6.93 3.16
CA PRO A 75 -7.16 -7.23 4.56
C PRO A 75 -7.32 -8.72 4.85
N ARG A 76 -6.24 -9.31 5.33
CA ARG A 76 -6.26 -10.73 5.66
C ARG A 76 -6.04 -10.94 7.16
N SER A 77 -6.41 -9.93 7.92
CA SER A 77 -6.27 -9.98 9.37
C SER A 77 -7.55 -9.49 10.04
N MET A 78 -8.14 -10.38 10.83
CA MET A 78 -9.37 -10.06 11.53
C MET A 78 -9.08 -9.16 12.74
N ASP A 79 -8.56 -7.98 12.45
CA ASP A 79 -8.23 -7.03 13.51
C ASP A 79 -7.47 -5.85 12.90
N ALA A 80 -6.68 -6.16 11.88
CA ALA A 80 -5.88 -5.14 11.21
C ALA A 80 -6.82 -4.13 10.55
N GLU A 81 -6.82 -2.92 11.09
CA GLU A 81 -7.66 -1.87 10.56
C GLU A 81 -6.94 -1.12 9.44
N THR A 82 -7.58 -1.10 8.28
CA THR A 82 -7.00 -0.42 7.12
C THR A 82 -7.96 0.65 6.60
N TYR A 83 -7.66 1.89 6.96
CA TYR A 83 -8.48 3.01 6.54
C TYR A 83 -7.87 3.73 5.34
N VAL A 84 -8.54 3.64 4.21
CA VAL A 84 -8.07 4.26 3.00
C VAL A 84 -8.59 5.70 2.93
N ASP A 85 -7.79 6.61 3.46
CA ASP A 85 -8.14 8.02 3.47
C ASP A 85 -9.10 8.28 4.63
N GLY A 86 -9.01 7.43 5.63
CA GLY A 86 -9.86 7.56 6.81
C GLY A 86 -11.14 6.73 6.66
N GLN A 87 -11.05 5.73 5.79
CA GLN A 87 -12.19 4.86 5.55
C GLN A 87 -11.76 3.39 5.62
N ARG A 88 -12.22 2.71 6.66
CA ARG A 88 -11.89 1.31 6.85
C ARG A 88 -12.58 0.46 5.79
N ILE A 89 -11.87 -0.57 5.35
CA ILE A 89 -12.41 -1.47 4.33
C ILE A 89 -12.81 -2.78 5.00
N SER A 90 -13.42 -3.65 4.19
CA SER A 90 -13.86 -4.95 4.69
C SER A 90 -13.60 -6.03 3.62
N GLU A 91 -12.80 -5.67 2.65
CA GLU A 91 -12.46 -6.58 1.57
C GLU A 91 -11.60 -5.89 0.51
N THR A 92 -11.33 -6.62 -0.55
CA THR A 92 -10.52 -6.08 -1.64
C THR A 92 -11.09 -4.74 -2.12
N THR A 93 -10.40 -3.67 -1.72
CA THR A 93 -10.83 -2.34 -2.10
C THR A 93 -9.76 -1.67 -2.99
N MET A 94 -10.20 -1.28 -4.17
CA MET A 94 -9.31 -0.64 -5.12
C MET A 94 -8.60 0.55 -4.48
N LEU A 95 -7.40 0.82 -4.97
CA LEU A 95 -6.60 1.92 -4.46
C LEU A 95 -6.37 2.94 -5.58
N GLN A 96 -6.28 4.20 -5.18
CA GLN A 96 -6.06 5.28 -6.14
C GLN A 96 -4.88 6.13 -5.70
N SER A 97 -4.15 6.63 -6.69
CA SER A 97 -2.99 7.47 -6.43
C SER A 97 -3.39 8.66 -5.57
N GLY A 98 -2.64 8.87 -4.50
CA GLY A 98 -2.91 9.98 -3.60
C GLY A 98 -3.59 9.48 -2.32
N MET A 99 -4.45 8.49 -2.49
CA MET A 99 -5.16 7.92 -1.35
C MET A 99 -4.21 7.63 -0.19
N ARG A 100 -4.69 7.92 1.01
CA ARG A 100 -3.90 7.70 2.21
C ARG A 100 -4.12 6.28 2.73
N LEU A 101 -3.04 5.68 3.19
CA LEU A 101 -3.11 4.32 3.72
C LEU A 101 -2.81 4.36 5.22
N GLN A 102 -3.83 4.00 6.00
CA GLN A 102 -3.69 3.99 7.45
C GLN A 102 -3.92 2.58 7.99
N PHE A 103 -2.89 2.04 8.62
CA PHE A 103 -2.97 0.70 9.19
C PHE A 103 -2.90 0.76 10.71
N GLY A 104 -4.08 0.63 11.33
CA GLY A 104 -4.16 0.65 12.77
C GLY A 104 -3.88 2.06 13.32
N THR A 105 -4.30 3.05 12.54
CA THR A 105 -4.10 4.43 12.93
C THR A 105 -2.73 4.62 13.59
N SER A 106 -1.71 4.12 12.90
CA SER A 106 -0.35 4.23 13.41
C SER A 106 0.60 4.62 12.28
N HIS A 107 0.59 3.81 11.22
CA HIS A 107 1.44 4.07 10.07
C HIS A 107 0.58 4.55 8.89
N VAL A 108 0.69 5.84 8.62
CA VAL A 108 -0.06 6.44 7.52
C VAL A 108 0.84 6.53 6.29
N PHE A 109 0.28 6.10 5.17
CA PHE A 109 1.01 6.13 3.91
C PHE A 109 0.16 6.73 2.79
N LYS A 110 0.77 6.84 1.62
CA LYS A 110 0.08 7.40 0.47
C LYS A 110 0.42 6.57 -0.77
N PHE A 111 -0.59 5.89 -1.28
CA PHE A 111 -0.41 5.06 -2.47
C PHE A 111 -0.39 5.90 -3.73
N VAL A 112 0.46 5.51 -4.66
CA VAL A 112 0.59 6.21 -5.92
C VAL A 112 0.63 5.21 -7.07
N ASP A 113 0.25 5.69 -8.25
CA ASP A 113 0.24 4.84 -9.43
C ASP A 113 0.87 5.60 -10.60
N PRO A 114 2.20 5.38 -10.77
CA PRO A 114 2.94 6.04 -11.84
C PRO A 114 2.62 5.40 -13.19
N SER A 115 1.84 4.33 -13.14
CA SER A 115 1.46 3.61 -14.34
C SER A 115 0.61 4.50 -15.24
N GLY A 116 -0.24 5.29 -14.59
CA GLY A 116 -1.12 6.19 -15.31
C GLY A 116 -2.19 5.42 -16.09
N PRO A 117 -3.44 5.96 -16.03
CA PRO A 117 -4.56 5.33 -16.72
C PRO A 117 -4.48 5.57 -18.23
N SER A 118 -4.68 4.50 -18.98
CA SER A 118 -4.64 4.59 -20.43
C SER A 118 -5.96 5.15 -20.96
N SER A 119 -7.04 4.47 -20.60
CA SER A 119 -8.37 4.89 -21.03
C SER A 119 -8.45 4.85 -22.56
N GLY A 120 -9.41 4.06 -23.04
CA GLY A 120 -9.61 3.93 -24.48
C GLY A 120 -10.34 2.63 -24.80
N GLY A 1 -5.95 -11.57 -23.97
CA GLY A 1 -7.27 -11.00 -23.71
C GLY A 1 -7.17 -9.52 -23.32
N SER A 2 -6.76 -9.30 -22.07
CA SER A 2 -6.62 -7.95 -21.56
C SER A 2 -5.18 -7.46 -21.79
N SER A 3 -5.08 -6.21 -22.22
CA SER A 3 -3.78 -5.61 -22.46
C SER A 3 -3.17 -5.13 -21.16
N GLY A 4 -1.90 -4.74 -21.24
CA GLY A 4 -1.19 -4.26 -20.07
C GLY A 4 0.03 -3.43 -20.48
N SER A 5 0.85 -3.11 -19.48
CA SER A 5 2.05 -2.32 -19.72
C SER A 5 3.26 -3.02 -19.12
N SER A 6 4.41 -2.36 -19.22
CA SER A 6 5.64 -2.90 -18.68
C SER A 6 6.63 -1.77 -18.42
N GLY A 7 7.04 -1.66 -17.16
CA GLY A 7 7.99 -0.63 -16.76
C GLY A 7 8.09 -0.55 -15.23
N PRO A 8 9.35 -0.62 -14.74
CA PRO A 8 9.59 -0.55 -13.31
C PRO A 8 9.44 0.89 -12.79
N GLU A 9 9.48 1.83 -13.72
CA GLU A 9 9.34 3.22 -13.38
C GLU A 9 7.86 3.62 -13.34
N LYS A 10 7.01 2.62 -13.53
CA LYS A 10 5.58 2.85 -13.51
C LYS A 10 4.93 1.93 -12.47
N LEU A 11 5.64 1.75 -11.37
CA LEU A 11 5.14 0.91 -10.30
C LEU A 11 4.63 1.79 -9.15
N PRO A 12 3.44 1.40 -8.62
CA PRO A 12 2.83 2.15 -7.52
C PRO A 12 3.55 1.86 -6.21
N TYR A 13 3.70 2.92 -5.42
CA TYR A 13 4.37 2.81 -4.14
C TYR A 13 3.59 3.55 -3.04
N LEU A 14 3.94 3.24 -1.80
CA LEU A 14 3.29 3.87 -0.67
C LEU A 14 4.30 4.75 0.07
N VAL A 15 4.11 6.05 -0.05
CA VAL A 15 4.98 7.01 0.60
C VAL A 15 4.40 7.38 1.96
N GLU A 16 5.12 6.97 3.01
CA GLU A 16 4.69 7.26 4.37
C GLU A 16 4.38 8.75 4.53
N LEU A 17 3.19 9.02 5.05
CA LEU A 17 2.78 10.39 5.27
C LEU A 17 2.76 10.69 6.77
N SER A 18 2.71 11.99 7.08
CA SER A 18 2.70 12.41 8.47
C SER A 18 1.49 11.82 9.19
N PRO A 19 1.44 12.05 10.53
CA PRO A 19 0.34 11.56 11.33
C PRO A 19 -0.93 12.38 11.12
N ASP A 20 -0.81 13.36 10.23
CA ASP A 20 -1.94 14.22 9.92
C ASP A 20 -2.21 14.16 8.42
N GLY A 21 -1.75 13.09 7.80
CA GLY A 21 -1.94 12.91 6.37
C GLY A 21 -1.23 14.01 5.57
N SER A 22 0.02 14.24 5.94
CA SER A 22 0.81 15.26 5.27
C SER A 22 2.09 14.64 4.71
N ASP A 23 2.72 15.37 3.81
CA ASP A 23 3.95 14.90 3.18
C ASP A 23 5.14 15.59 3.84
N SER A 24 4.84 16.39 4.85
CA SER A 24 5.87 17.11 5.58
C SER A 24 6.80 17.82 4.59
N ARG A 25 7.80 18.49 5.16
CA ARG A 25 8.77 19.21 4.34
C ARG A 25 10.05 18.39 4.19
N ASP A 26 9.89 17.08 4.32
CA ASP A 26 11.02 16.17 4.20
C ASP A 26 10.71 15.11 3.14
N LYS A 27 11.63 14.16 3.01
CA LYS A 27 11.46 13.09 2.04
C LYS A 27 11.15 11.79 2.80
N PRO A 28 9.85 11.40 2.74
CA PRO A 28 9.40 10.18 3.40
C PRO A 28 9.86 8.94 2.63
N LYS A 29 9.78 7.80 3.31
CA LYS A 29 10.17 6.54 2.70
C LYS A 29 9.19 6.20 1.57
N LEU A 30 9.68 5.40 0.63
CA LEU A 30 8.87 4.99 -0.50
C LEU A 30 8.88 3.47 -0.61
N TYR A 31 7.69 2.89 -0.63
CA TYR A 31 7.56 1.45 -0.74
C TYR A 31 6.94 1.05 -2.08
N ARG A 32 7.80 0.57 -2.97
CA ARG A 32 7.35 0.16 -4.29
C ARG A 32 6.59 -1.17 -4.20
N LEU A 33 5.50 -1.25 -4.95
CA LEU A 33 4.68 -2.44 -4.96
C LEU A 33 4.95 -3.23 -6.24
N GLN A 34 5.73 -4.28 -6.11
CA GLN A 34 6.07 -5.12 -7.25
C GLN A 34 4.85 -5.90 -7.72
N LEU A 35 5.03 -6.64 -8.80
CA LEU A 35 3.96 -7.44 -9.35
C LEU A 35 3.58 -8.55 -8.37
N SER A 36 2.38 -9.08 -8.54
CA SER A 36 1.89 -10.14 -7.68
C SER A 36 1.21 -9.54 -6.45
N VAL A 37 1.39 -10.22 -5.33
CA VAL A 37 0.80 -9.77 -4.08
C VAL A 37 1.90 -9.35 -3.12
N THR A 38 1.56 -8.42 -2.24
CA THR A 38 2.52 -7.92 -1.26
C THR A 38 1.88 -7.85 0.12
N GLU A 39 2.20 -8.85 0.93
CA GLU A 39 1.66 -8.92 2.28
C GLU A 39 2.32 -7.86 3.17
N VAL A 40 1.48 -7.09 3.84
CA VAL A 40 1.97 -6.05 4.73
C VAL A 40 1.80 -6.48 6.18
N GLY A 41 2.42 -5.73 7.07
CA GLY A 41 2.33 -6.03 8.49
C GLY A 41 3.72 -5.99 9.14
N THR A 42 3.88 -6.81 10.16
CA THR A 42 5.14 -6.88 10.88
C THR A 42 5.88 -8.17 10.52
N GLU A 43 5.15 -9.08 9.91
CA GLU A 43 5.73 -10.35 9.51
C GLU A 43 6.17 -10.30 8.05
N LYS A 44 7.12 -11.18 7.72
CA LYS A 44 7.64 -11.24 6.36
C LYS A 44 7.00 -12.43 5.63
N PHE A 45 6.54 -12.15 4.41
CA PHE A 45 5.92 -13.18 3.60
C PHE A 45 6.64 -13.33 2.27
N ASP A 46 6.61 -12.26 1.48
CA ASP A 46 7.26 -12.26 0.18
C ASP A 46 8.69 -11.73 0.33
N ASP A 47 9.32 -11.52 -0.82
CA ASP A 47 10.68 -11.02 -0.84
C ASP A 47 10.67 -9.50 -0.70
N ASN A 48 9.66 -8.89 -1.32
CA ASN A 48 9.52 -7.45 -1.28
C ASN A 48 8.20 -7.09 -0.61
N SER A 49 8.07 -7.50 0.65
CA SER A 49 6.86 -7.23 1.40
C SER A 49 7.04 -5.96 2.24
N ILE A 50 5.91 -5.38 2.63
CA ILE A 50 5.93 -4.17 3.43
C ILE A 50 5.93 -4.54 4.92
N GLN A 51 6.92 -4.02 5.63
CA GLN A 51 7.04 -4.29 7.05
C GLN A 51 6.83 -3.01 7.85
N LEU A 52 5.73 -2.99 8.61
CA LEU A 52 5.40 -1.84 9.42
C LEU A 52 5.50 -2.22 10.90
N PHE A 53 5.79 -1.22 11.72
CA PHE A 53 5.92 -1.43 13.15
C PHE A 53 5.18 -0.34 13.93
N GLY A 54 4.22 -0.79 14.72
CA GLY A 54 3.43 0.14 15.53
C GLY A 54 2.54 -0.62 16.52
N PRO A 55 2.10 0.12 17.57
CA PRO A 55 1.25 -0.48 18.59
C PRO A 55 -0.18 -0.66 18.08
N GLY A 56 -0.48 -1.89 17.71
CA GLY A 56 -1.80 -2.21 17.19
C GLY A 56 -1.71 -2.83 15.80
N ILE A 57 -0.49 -3.04 15.36
CA ILE A 57 -0.25 -3.62 14.04
C ILE A 57 -0.17 -5.15 14.17
N GLN A 58 -0.53 -5.82 13.09
CA GLN A 58 -0.51 -7.26 13.06
C GLN A 58 0.53 -7.77 12.06
N PRO A 59 0.67 -9.12 12.00
CA PRO A 59 1.62 -9.74 11.10
C PRO A 59 1.11 -9.69 9.65
N HIS A 60 -0.09 -10.21 9.46
CA HIS A 60 -0.70 -10.24 8.14
C HIS A 60 -1.81 -9.18 8.08
N HIS A 61 -1.40 -7.95 7.92
CA HIS A 61 -2.35 -6.84 7.84
C HIS A 61 -3.19 -6.99 6.57
N CYS A 62 -2.53 -6.81 5.43
CA CYS A 62 -3.21 -6.92 4.15
C CYS A 62 -2.16 -7.24 3.08
N ASP A 63 -2.66 -7.56 1.90
CA ASP A 63 -1.77 -7.89 0.78
C ASP A 63 -2.12 -7.01 -0.41
N LEU A 64 -1.10 -6.33 -0.94
CA LEU A 64 -1.29 -5.46 -2.07
C LEU A 64 -1.06 -6.25 -3.36
N THR A 65 -2.11 -6.37 -4.15
CA THR A 65 -2.03 -7.10 -5.40
C THR A 65 -1.97 -6.12 -6.58
N ASN A 66 -0.77 -5.95 -7.11
CA ASN A 66 -0.57 -5.05 -8.23
C ASN A 66 -0.84 -5.80 -9.54
N MET A 67 -1.98 -5.48 -10.14
CA MET A 67 -2.36 -6.12 -11.39
C MET A 67 -2.52 -5.08 -12.51
N ASP A 68 -1.70 -5.26 -13.54
CA ASP A 68 -1.74 -4.35 -14.67
C ASP A 68 -1.48 -2.93 -14.19
N GLY A 69 -0.92 -2.83 -12.99
CA GLY A 69 -0.62 -1.54 -12.40
C GLY A 69 -1.61 -1.21 -11.28
N VAL A 70 -2.81 -1.73 -11.41
CA VAL A 70 -3.84 -1.50 -10.43
C VAL A 70 -3.55 -2.32 -9.18
N VAL A 71 -3.81 -1.71 -8.03
CA VAL A 71 -3.58 -2.37 -6.76
C VAL A 71 -4.88 -2.42 -5.96
N THR A 72 -5.01 -3.48 -5.17
CA THR A 72 -6.20 -3.66 -4.36
C THR A 72 -5.81 -4.13 -2.94
N VAL A 73 -6.19 -3.33 -1.97
CA VAL A 73 -5.90 -3.65 -0.57
C VAL A 73 -6.78 -4.82 -0.13
N THR A 74 -6.12 -5.85 0.37
CA THR A 74 -6.81 -7.04 0.82
C THR A 74 -6.44 -7.35 2.28
N PRO A 75 -7.37 -7.00 3.20
CA PRO A 75 -7.15 -7.23 4.62
C PRO A 75 -7.33 -8.70 4.97
N ARG A 76 -6.27 -9.28 5.53
CA ARG A 76 -6.29 -10.68 5.91
C ARG A 76 -5.97 -10.82 7.40
N SER A 77 -6.41 -9.84 8.17
CA SER A 77 -6.18 -9.85 9.60
C SER A 77 -7.46 -9.52 10.35
N MET A 78 -7.67 -10.22 11.45
CA MET A 78 -8.86 -10.00 12.26
C MET A 78 -8.60 -8.97 13.35
N ASP A 79 -8.28 -7.76 12.92
CA ASP A 79 -8.01 -6.67 13.83
C ASP A 79 -7.27 -5.55 13.09
N ALA A 80 -6.52 -5.95 12.08
CA ALA A 80 -5.78 -4.99 11.28
C ALA A 80 -6.74 -4.00 10.64
N GLU A 81 -6.69 -2.77 11.17
CA GLU A 81 -7.55 -1.71 10.66
C GLU A 81 -6.89 -1.02 9.47
N THR A 82 -7.63 -0.98 8.37
CA THR A 82 -7.13 -0.34 7.15
C THR A 82 -8.15 0.68 6.64
N TYR A 83 -7.81 1.94 6.84
CA TYR A 83 -8.68 3.03 6.40
C TYR A 83 -8.07 3.76 5.21
N VAL A 84 -8.78 3.70 4.08
CA VAL A 84 -8.31 4.36 2.87
C VAL A 84 -8.82 5.79 2.86
N ASP A 85 -7.98 6.68 3.38
CA ASP A 85 -8.33 8.09 3.43
C ASP A 85 -9.52 8.29 4.37
N GLY A 86 -9.45 7.63 5.51
CA GLY A 86 -10.50 7.72 6.50
C GLY A 86 -11.70 6.86 6.10
N GLN A 87 -11.41 5.79 5.37
CA GLN A 87 -12.43 4.87 4.92
C GLN A 87 -11.99 3.43 5.11
N ARG A 88 -12.56 2.78 6.11
CA ARG A 88 -12.22 1.40 6.41
C ARG A 88 -12.73 0.48 5.29
N ILE A 89 -12.02 -0.62 5.11
CA ILE A 89 -12.39 -1.59 4.09
C ILE A 89 -12.79 -2.90 4.76
N SER A 90 -13.55 -3.70 4.02
CA SER A 90 -14.02 -4.98 4.53
C SER A 90 -13.75 -6.08 3.50
N GLU A 91 -13.04 -5.69 2.45
CA GLU A 91 -12.72 -6.63 1.39
C GLU A 91 -11.79 -5.97 0.36
N THR A 92 -11.46 -6.74 -0.67
CA THR A 92 -10.59 -6.25 -1.72
C THR A 92 -11.08 -4.89 -2.22
N THR A 93 -10.39 -3.85 -1.80
CA THR A 93 -10.75 -2.49 -2.19
C THR A 93 -9.64 -1.88 -3.05
N MET A 94 -10.02 -1.42 -4.22
CA MET A 94 -9.08 -0.80 -5.15
C MET A 94 -8.46 0.46 -4.53
N LEU A 95 -7.19 0.67 -4.86
CA LEU A 95 -6.48 1.84 -4.35
C LEU A 95 -6.19 2.79 -5.51
N GLN A 96 -6.22 4.08 -5.19
CA GLN A 96 -5.96 5.11 -6.20
C GLN A 96 -4.81 6.02 -5.73
N SER A 97 -4.00 6.41 -6.69
CA SER A 97 -2.86 7.28 -6.40
C SER A 97 -3.35 8.53 -5.67
N GLY A 98 -2.69 8.81 -4.55
CA GLY A 98 -3.04 9.97 -3.75
C GLY A 98 -3.82 9.56 -2.50
N MET A 99 -4.35 8.34 -2.55
CA MET A 99 -5.12 7.82 -1.43
C MET A 99 -4.22 7.49 -0.25
N ARG A 100 -4.74 7.74 0.94
CA ARG A 100 -3.99 7.48 2.16
C ARG A 100 -4.24 6.04 2.64
N LEU A 101 -3.36 5.58 3.52
CA LEU A 101 -3.47 4.24 4.06
C LEU A 101 -3.09 4.25 5.53
N GLN A 102 -4.10 4.12 6.38
CA GLN A 102 -3.88 4.12 7.81
C GLN A 102 -3.87 2.68 8.35
N PHE A 103 -2.69 2.20 8.68
CA PHE A 103 -2.54 0.85 9.20
C PHE A 103 -2.50 0.86 10.72
N GLY A 104 -3.68 0.78 11.32
CA GLY A 104 -3.78 0.78 12.77
C GLY A 104 -4.23 2.14 13.30
N THR A 105 -3.25 2.97 13.64
CA THR A 105 -3.53 4.29 14.16
C THR A 105 -2.24 4.99 14.57
N SER A 106 -1.33 5.10 13.61
CA SER A 106 -0.05 5.75 13.86
C SER A 106 0.77 5.80 12.57
N HIS A 107 0.66 4.73 11.80
CA HIS A 107 1.39 4.64 10.55
C HIS A 107 0.43 4.90 9.38
N VAL A 108 0.66 6.02 8.71
CA VAL A 108 -0.18 6.40 7.58
C VAL A 108 0.70 6.56 6.34
N PHE A 109 0.26 5.93 5.26
CA PHE A 109 1.00 5.99 4.00
C PHE A 109 0.12 6.55 2.88
N LYS A 110 0.76 6.85 1.76
CA LYS A 110 0.05 7.40 0.61
C LYS A 110 0.39 6.56 -0.62
N PHE A 111 -0.65 5.93 -1.17
CA PHE A 111 -0.48 5.10 -2.35
C PHE A 111 -0.38 5.96 -3.62
N VAL A 112 0.50 5.55 -4.52
CA VAL A 112 0.69 6.27 -5.76
C VAL A 112 0.87 5.26 -6.90
N ASP A 113 0.52 5.70 -8.10
CA ASP A 113 0.65 4.85 -9.27
C ASP A 113 1.23 5.67 -10.43
N PRO A 114 2.54 5.45 -10.69
CA PRO A 114 3.22 6.16 -11.76
C PRO A 114 2.82 5.61 -13.13
N SER A 115 2.01 4.56 -13.08
CA SER A 115 1.56 3.92 -14.31
C SER A 115 0.61 4.86 -15.07
N GLY A 116 -0.24 5.53 -14.30
CA GLY A 116 -1.20 6.46 -14.89
C GLY A 116 -2.54 5.77 -15.17
N PRO A 117 -3.64 6.54 -14.95
CA PRO A 117 -4.98 6.02 -15.18
C PRO A 117 -5.28 5.92 -16.67
N SER A 118 -5.85 4.78 -17.05
CA SER A 118 -6.19 4.54 -18.44
C SER A 118 -7.48 5.30 -18.79
N SER A 119 -7.30 6.43 -19.44
CA SER A 119 -8.43 7.26 -19.84
C SER A 119 -9.16 7.78 -18.60
N GLY A 120 -9.93 6.90 -17.99
CA GLY A 120 -10.67 7.26 -16.79
C GLY A 120 -10.15 6.51 -15.57
N GLY A 1 7.91 -18.50 -10.77
CA GLY A 1 8.67 -18.66 -12.00
C GLY A 1 7.86 -18.18 -13.21
N SER A 2 8.59 -17.68 -14.19
CA SER A 2 7.96 -17.18 -15.41
C SER A 2 6.95 -16.09 -15.06
N SER A 3 7.45 -14.86 -15.01
CA SER A 3 6.61 -13.72 -14.69
C SER A 3 6.87 -12.59 -15.68
N GLY A 4 5.79 -12.12 -16.29
CA GLY A 4 5.88 -11.04 -17.26
C GLY A 4 6.08 -9.70 -16.57
N SER A 5 6.34 -8.68 -17.39
CA SER A 5 6.56 -7.34 -16.86
C SER A 5 5.33 -6.46 -17.14
N SER A 6 5.18 -5.43 -16.32
CA SER A 6 4.07 -4.52 -16.47
C SER A 6 4.45 -3.14 -15.93
N GLY A 7 5.27 -2.44 -16.71
CA GLY A 7 5.71 -1.11 -16.33
C GLY A 7 6.42 -1.14 -14.97
N PRO A 8 7.68 -1.64 -14.98
CA PRO A 8 8.46 -1.74 -13.76
C PRO A 8 8.98 -0.36 -13.33
N GLU A 9 9.23 0.48 -14.34
CA GLU A 9 9.73 1.82 -14.09
C GLU A 9 8.58 2.74 -13.67
N LYS A 10 7.39 2.15 -13.59
CA LYS A 10 6.22 2.91 -13.21
C LYS A 10 5.33 2.04 -12.31
N LEU A 11 5.88 1.68 -11.16
CA LEU A 11 5.15 0.85 -10.21
C LEU A 11 4.64 1.73 -9.07
N PRO A 12 3.42 1.37 -8.57
CA PRO A 12 2.81 2.12 -7.48
C PRO A 12 3.50 1.81 -6.15
N TYR A 13 3.58 2.84 -5.31
CA TYR A 13 4.20 2.68 -4.01
C TYR A 13 3.45 3.49 -2.95
N LEU A 14 3.83 3.25 -1.70
CA LEU A 14 3.20 3.95 -0.58
C LEU A 14 4.23 4.84 0.11
N VAL A 15 3.94 6.13 0.12
CA VAL A 15 4.83 7.09 0.74
C VAL A 15 4.27 7.49 2.10
N GLU A 16 4.85 6.92 3.14
CA GLU A 16 4.41 7.20 4.50
C GLU A 16 4.11 8.69 4.66
N LEU A 17 3.00 8.97 5.33
CA LEU A 17 2.59 10.35 5.54
C LEU A 17 2.54 10.63 7.04
N SER A 18 2.47 11.91 7.38
CA SER A 18 2.42 12.33 8.77
C SER A 18 1.16 11.75 9.44
N PRO A 19 1.09 11.95 10.78
CA PRO A 19 -0.04 11.46 11.55
C PRO A 19 -1.28 12.32 11.31
N ASP A 20 -1.09 13.37 10.52
CA ASP A 20 -2.18 14.28 10.20
C ASP A 20 -2.59 14.10 8.75
N GLY A 21 -1.69 13.49 7.98
CA GLY A 21 -1.94 13.24 6.57
C GLY A 21 -1.34 14.36 5.70
N SER A 22 -0.20 14.86 6.16
CA SER A 22 0.49 15.91 5.44
C SER A 22 1.92 15.48 5.11
N ASP A 23 2.53 16.19 4.17
CA ASP A 23 3.89 15.90 3.77
C ASP A 23 4.87 16.55 4.75
N SER A 24 5.55 15.70 5.50
CA SER A 24 6.51 16.18 6.48
C SER A 24 7.61 16.97 5.78
N ARG A 25 8.57 17.42 6.58
CA ARG A 25 9.69 18.19 6.06
C ARG A 25 10.89 17.28 5.83
N ASP A 26 10.64 15.98 5.87
CA ASP A 26 11.69 15.00 5.67
C ASP A 26 11.22 13.95 4.66
N LYS A 27 12.19 13.38 3.96
CA LYS A 27 11.89 12.37 2.96
C LYS A 27 11.31 11.14 3.65
N PRO A 28 10.00 10.87 3.38
CA PRO A 28 9.33 9.73 3.96
C PRO A 28 9.76 8.43 3.29
N LYS A 29 9.44 7.33 3.95
CA LYS A 29 9.79 6.02 3.43
C LYS A 29 8.98 5.75 2.16
N LEU A 30 9.55 4.91 1.31
CA LEU A 30 8.89 4.56 0.06
C LEU A 30 8.91 3.04 -0.12
N TYR A 31 7.88 2.55 -0.79
CA TYR A 31 7.76 1.11 -1.03
C TYR A 31 7.13 0.84 -2.39
N ARG A 32 7.93 0.23 -3.26
CA ARG A 32 7.47 -0.09 -4.61
C ARG A 32 6.67 -1.40 -4.58
N LEU A 33 5.40 -1.29 -4.95
CA LEU A 33 4.53 -2.44 -4.97
C LEU A 33 4.82 -3.27 -6.23
N GLN A 34 5.88 -4.06 -6.14
CA GLN A 34 6.28 -4.90 -7.27
C GLN A 34 5.15 -5.88 -7.61
N LEU A 35 5.13 -6.27 -8.87
CA LEU A 35 4.12 -7.21 -9.35
C LEU A 35 3.96 -8.34 -8.32
N SER A 36 2.86 -9.07 -8.48
CA SER A 36 2.57 -10.17 -7.57
C SER A 36 1.81 -9.66 -6.35
N VAL A 37 2.01 -10.35 -5.23
CA VAL A 37 1.37 -9.97 -3.99
C VAL A 37 2.40 -9.44 -3.01
N THR A 38 1.97 -8.48 -2.20
CA THR A 38 2.86 -7.88 -1.21
C THR A 38 2.17 -7.80 0.14
N GLU A 39 2.61 -8.67 1.04
CA GLU A 39 2.04 -8.71 2.38
C GLU A 39 2.62 -7.57 3.24
N VAL A 40 1.72 -6.90 3.94
CA VAL A 40 2.12 -5.80 4.80
C VAL A 40 1.89 -6.18 6.26
N GLY A 41 2.55 -5.44 7.15
CA GLY A 41 2.42 -5.69 8.57
C GLY A 41 3.80 -5.77 9.23
N THR A 42 3.93 -6.73 10.13
CA THR A 42 5.19 -6.93 10.84
C THR A 42 5.80 -8.28 10.47
N GLU A 43 5.23 -8.91 9.46
CA GLU A 43 5.71 -10.20 9.01
C GLU A 43 6.31 -10.09 7.61
N LYS A 44 7.00 -11.15 7.21
CA LYS A 44 7.64 -11.17 5.90
C LYS A 44 7.13 -12.39 5.13
N PHE A 45 6.70 -12.13 3.90
CA PHE A 45 6.20 -13.19 3.05
C PHE A 45 6.82 -13.11 1.65
N ASP A 46 6.49 -12.03 0.95
CA ASP A 46 7.01 -11.83 -0.39
C ASP A 46 8.47 -11.38 -0.31
N ASP A 47 9.10 -11.30 -1.47
CA ASP A 47 10.49 -10.89 -1.54
C ASP A 47 10.60 -9.40 -1.19
N ASN A 48 9.63 -8.63 -1.69
CA ASN A 48 9.61 -7.20 -1.44
C ASN A 48 8.34 -6.84 -0.69
N SER A 49 8.18 -7.47 0.47
CA SER A 49 7.00 -7.23 1.31
C SER A 49 7.25 -6.01 2.20
N ILE A 50 6.15 -5.35 2.55
CA ILE A 50 6.23 -4.17 3.39
C ILE A 50 6.23 -4.60 4.85
N GLN A 51 7.20 -4.09 5.59
CA GLN A 51 7.33 -4.41 7.00
C GLN A 51 7.23 -3.14 7.85
N LEU A 52 6.07 -2.97 8.46
CA LEU A 52 5.84 -1.80 9.30
C LEU A 52 5.91 -2.22 10.78
N PHE A 53 6.03 -1.21 11.63
CA PHE A 53 6.11 -1.46 13.07
C PHE A 53 5.36 -0.38 13.84
N GLY A 54 4.33 -0.82 14.56
CA GLY A 54 3.54 0.11 15.36
C GLY A 54 2.79 -0.63 16.47
N PRO A 55 2.41 0.14 17.53
CA PRO A 55 1.70 -0.44 18.66
C PRO A 55 0.24 -0.73 18.30
N GLY A 56 0.01 -1.93 17.78
CA GLY A 56 -1.32 -2.34 17.40
C GLY A 56 -1.31 -3.01 16.02
N ILE A 57 -0.17 -2.91 15.36
CA ILE A 57 -0.01 -3.50 14.04
C ILE A 57 0.05 -5.02 14.17
N GLN A 58 -0.38 -5.70 13.11
CA GLN A 58 -0.38 -7.15 13.10
C GLN A 58 0.65 -7.67 12.08
N PRO A 59 0.78 -9.02 12.03
CA PRO A 59 1.72 -9.65 11.12
C PRO A 59 1.19 -9.61 9.68
N HIS A 60 0.05 -10.25 9.50
CA HIS A 60 -0.57 -10.29 8.18
C HIS A 60 -1.67 -9.23 8.08
N HIS A 61 -1.22 -7.98 7.94
CA HIS A 61 -2.15 -6.87 7.84
C HIS A 61 -2.98 -7.00 6.56
N CYS A 62 -2.32 -6.77 5.44
CA CYS A 62 -2.99 -6.86 4.15
C CYS A 62 -1.96 -7.32 3.11
N ASP A 63 -2.44 -7.54 1.90
CA ASP A 63 -1.58 -7.97 0.81
C ASP A 63 -1.85 -7.13 -0.43
N LEU A 64 -0.84 -6.39 -0.85
CA LEU A 64 -0.97 -5.54 -2.01
C LEU A 64 -0.70 -6.36 -3.28
N THR A 65 -1.68 -6.39 -4.16
CA THR A 65 -1.57 -7.14 -5.40
C THR A 65 -1.77 -6.21 -6.59
N ASN A 66 -0.71 -6.08 -7.39
CA ASN A 66 -0.76 -5.24 -8.56
C ASN A 66 -1.35 -6.03 -9.74
N MET A 67 -2.59 -5.69 -10.07
CA MET A 67 -3.27 -6.36 -11.16
C MET A 67 -3.64 -5.36 -12.26
N ASP A 68 -2.80 -5.33 -13.30
CA ASP A 68 -3.03 -4.43 -14.42
C ASP A 68 -2.91 -2.98 -13.94
N GLY A 69 -1.67 -2.57 -13.75
CA GLY A 69 -1.40 -1.21 -13.30
C GLY A 69 -2.44 -0.76 -12.27
N VAL A 70 -2.94 -1.73 -11.53
CA VAL A 70 -3.94 -1.45 -10.51
C VAL A 70 -3.61 -2.25 -9.24
N VAL A 71 -3.95 -1.66 -8.10
CA VAL A 71 -3.68 -2.30 -6.82
C VAL A 71 -4.96 -2.27 -5.99
N THR A 72 -5.11 -3.32 -5.18
CA THR A 72 -6.28 -3.43 -4.33
C THR A 72 -5.88 -3.93 -2.94
N VAL A 73 -6.16 -3.12 -1.94
CA VAL A 73 -5.84 -3.46 -0.56
C VAL A 73 -6.82 -4.52 -0.06
N THR A 74 -6.28 -5.70 0.20
CA THR A 74 -7.09 -6.80 0.68
C THR A 74 -6.69 -7.17 2.12
N PRO A 75 -7.56 -6.75 3.08
CA PRO A 75 -7.31 -7.03 4.48
C PRO A 75 -7.60 -8.50 4.81
N ARG A 76 -6.61 -9.15 5.38
CA ARG A 76 -6.74 -10.55 5.75
C ARG A 76 -6.43 -10.74 7.23
N SER A 77 -6.68 -9.69 8.00
CA SER A 77 -6.44 -9.72 9.43
C SER A 77 -7.68 -9.29 10.19
N MET A 78 -8.06 -10.08 11.18
CA MET A 78 -9.23 -9.78 11.99
C MET A 78 -8.87 -8.86 13.15
N ASP A 79 -8.37 -7.68 12.80
CA ASP A 79 -7.99 -6.70 13.80
C ASP A 79 -7.23 -5.56 13.12
N ALA A 80 -6.50 -5.91 12.06
CA ALA A 80 -5.73 -4.93 11.33
C ALA A 80 -6.68 -3.91 10.70
N GLU A 81 -6.66 -2.71 11.28
CA GLU A 81 -7.50 -1.64 10.79
C GLU A 81 -6.83 -0.92 9.61
N THR A 82 -7.52 -0.92 8.49
CA THR A 82 -7.01 -0.28 7.29
C THR A 82 -8.05 0.68 6.70
N TYR A 83 -7.70 1.96 6.71
CA TYR A 83 -8.59 2.98 6.19
C TYR A 83 -7.97 3.67 4.97
N VAL A 84 -8.67 3.55 3.85
CA VAL A 84 -8.20 4.16 2.61
C VAL A 84 -8.77 5.57 2.50
N ASP A 85 -8.00 6.53 3.00
CA ASP A 85 -8.42 7.93 2.97
C ASP A 85 -9.43 8.18 4.09
N GLY A 86 -9.28 7.43 5.17
CA GLY A 86 -10.17 7.55 6.31
C GLY A 86 -11.42 6.70 6.13
N GLN A 87 -11.28 5.68 5.30
CA GLN A 87 -12.39 4.77 5.04
C GLN A 87 -11.94 3.32 5.24
N ARG A 88 -12.48 2.70 6.28
CA ARG A 88 -12.14 1.33 6.59
C ARG A 88 -12.79 0.38 5.57
N ILE A 89 -11.97 -0.52 5.05
CA ILE A 89 -12.44 -1.48 4.07
C ILE A 89 -12.67 -2.83 4.75
N SER A 90 -13.60 -3.60 4.17
CA SER A 90 -13.92 -4.90 4.72
C SER A 90 -13.53 -6.00 3.73
N GLU A 91 -13.32 -5.58 2.48
CA GLU A 91 -12.94 -6.51 1.43
C GLU A 91 -11.93 -5.85 0.48
N THR A 92 -11.56 -6.61 -0.54
CA THR A 92 -10.60 -6.11 -1.53
C THR A 92 -11.08 -4.77 -2.10
N THR A 93 -10.42 -3.71 -1.67
CA THR A 93 -10.75 -2.38 -2.13
C THR A 93 -9.65 -1.82 -3.03
N MET A 94 -10.07 -1.25 -4.14
CA MET A 94 -9.13 -0.68 -5.10
C MET A 94 -8.38 0.51 -4.48
N LEU A 95 -7.16 0.72 -4.96
CA LEU A 95 -6.35 1.81 -4.47
C LEU A 95 -6.03 2.76 -5.63
N GLN A 96 -6.05 4.05 -5.31
CA GLN A 96 -5.78 5.07 -6.31
C GLN A 96 -4.65 5.99 -5.83
N SER A 97 -3.83 6.41 -6.79
CA SER A 97 -2.72 7.30 -6.48
C SER A 97 -3.21 8.50 -5.68
N GLY A 98 -2.53 8.77 -4.58
CA GLY A 98 -2.88 9.89 -3.72
C GLY A 98 -3.64 9.41 -2.48
N MET A 99 -4.39 8.34 -2.66
CA MET A 99 -5.16 7.77 -1.57
C MET A 99 -4.26 7.47 -0.37
N ARG A 100 -4.82 7.70 0.82
CA ARG A 100 -4.09 7.45 2.05
C ARG A 100 -4.32 6.03 2.53
N LEU A 101 -3.46 5.60 3.44
CA LEU A 101 -3.55 4.25 3.99
C LEU A 101 -3.16 4.28 5.46
N GLN A 102 -4.16 4.15 6.31
CA GLN A 102 -3.93 4.15 7.75
C GLN A 102 -3.81 2.72 8.27
N PHE A 103 -2.66 2.43 8.86
CA PHE A 103 -2.41 1.10 9.40
C PHE A 103 -2.27 1.15 10.93
N GLY A 104 -3.39 0.93 11.60
CA GLY A 104 -3.41 0.94 13.05
C GLY A 104 -3.43 2.38 13.58
N THR A 105 -4.13 3.23 12.85
CA THR A 105 -4.25 4.64 13.24
C THR A 105 -2.92 5.13 13.82
N SER A 106 -1.84 4.73 13.16
CA SER A 106 -0.51 5.13 13.60
C SER A 106 0.40 5.34 12.39
N HIS A 107 0.34 4.39 11.48
CA HIS A 107 1.15 4.46 10.27
C HIS A 107 0.26 4.80 9.07
N VAL A 108 0.27 6.07 8.71
CA VAL A 108 -0.53 6.54 7.59
C VAL A 108 0.37 6.73 6.37
N PHE A 109 0.01 6.05 5.29
CA PHE A 109 0.78 6.15 4.06
C PHE A 109 -0.09 6.66 2.90
N LYS A 110 0.57 6.91 1.79
CA LYS A 110 -0.13 7.40 0.61
C LYS A 110 0.27 6.56 -0.60
N PHE A 111 -0.72 5.89 -1.18
CA PHE A 111 -0.49 5.06 -2.35
C PHE A 111 -0.37 5.91 -3.62
N VAL A 112 0.62 5.57 -4.42
CA VAL A 112 0.84 6.29 -5.68
C VAL A 112 1.00 5.28 -6.81
N ASP A 113 0.70 5.74 -8.02
CA ASP A 113 0.81 4.90 -9.19
C ASP A 113 1.45 5.71 -10.33
N PRO A 114 2.77 5.44 -10.55
CA PRO A 114 3.50 6.14 -11.59
C PRO A 114 3.13 5.58 -12.98
N SER A 115 2.26 4.59 -12.97
CA SER A 115 1.81 3.97 -14.20
C SER A 115 1.04 4.97 -15.05
N GLY A 116 0.15 5.70 -14.38
CA GLY A 116 -0.67 6.69 -15.06
C GLY A 116 -2.15 6.35 -14.98
N PRO A 117 -2.98 7.41 -14.81
CA PRO A 117 -4.42 7.23 -14.71
C PRO A 117 -5.03 6.92 -16.08
N SER A 118 -5.15 5.63 -16.37
CA SER A 118 -5.71 5.20 -17.63
C SER A 118 -7.00 5.98 -17.93
N SER A 119 -7.16 6.31 -19.20
CA SER A 119 -8.33 7.05 -19.64
C SER A 119 -8.49 8.32 -18.81
N GLY A 120 -8.06 9.44 -19.39
CA GLY A 120 -8.13 10.72 -18.72
C GLY A 120 -9.58 11.24 -18.70
N GLY A 1 4.43 -11.86 -20.90
CA GLY A 1 5.54 -11.71 -21.82
C GLY A 1 6.53 -10.67 -21.32
N SER A 2 7.70 -10.66 -21.94
CA SER A 2 8.75 -9.73 -21.57
C SER A 2 8.49 -8.37 -22.22
N SER A 3 9.05 -7.34 -21.61
CA SER A 3 8.88 -5.98 -22.12
C SER A 3 10.05 -5.11 -21.67
N GLY A 4 10.52 -4.27 -22.59
CA GLY A 4 11.63 -3.39 -22.30
C GLY A 4 11.25 -2.38 -21.21
N SER A 5 11.43 -1.11 -21.53
CA SER A 5 11.13 -0.04 -20.60
C SER A 5 9.61 0.14 -20.50
N SER A 6 9.22 1.16 -19.74
CA SER A 6 7.81 1.46 -19.55
C SER A 6 7.10 0.26 -18.91
N GLY A 7 7.46 0.00 -17.67
CA GLY A 7 6.88 -1.11 -16.93
C GLY A 7 7.13 -0.97 -15.42
N PRO A 8 8.33 -1.48 -15.01
CA PRO A 8 8.71 -1.42 -13.60
C PRO A 8 9.14 0.00 -13.21
N GLU A 9 9.38 0.81 -14.23
CA GLU A 9 9.81 2.18 -14.01
C GLU A 9 8.59 3.06 -13.70
N LYS A 10 7.43 2.42 -13.59
CA LYS A 10 6.20 3.12 -13.29
C LYS A 10 5.30 2.22 -12.44
N LEU A 11 5.81 1.86 -11.27
CA LEU A 11 5.07 1.02 -10.36
C LEU A 11 4.53 1.87 -9.20
N PRO A 12 3.38 1.42 -8.64
CA PRO A 12 2.76 2.12 -7.53
C PRO A 12 3.53 1.88 -6.23
N TYR A 13 3.63 2.93 -5.44
CA TYR A 13 4.34 2.84 -4.17
C TYR A 13 3.59 3.62 -3.08
N LEU A 14 4.02 3.39 -1.83
CA LEU A 14 3.40 4.06 -0.70
C LEU A 14 4.46 4.92 0.00
N VAL A 15 4.17 6.21 0.09
CA VAL A 15 5.08 7.15 0.73
C VAL A 15 4.49 7.56 2.08
N GLU A 16 5.08 7.02 3.14
CA GLU A 16 4.63 7.32 4.48
C GLU A 16 4.33 8.81 4.62
N LEU A 17 3.17 9.09 5.20
CA LEU A 17 2.75 10.47 5.40
C LEU A 17 2.73 10.79 6.89
N SER A 18 2.74 12.08 7.19
CA SER A 18 2.73 12.53 8.58
C SER A 18 1.50 11.96 9.29
N PRO A 19 1.45 12.20 10.63
CA PRO A 19 0.34 11.73 11.44
C PRO A 19 -0.92 12.57 11.21
N ASP A 20 -0.77 13.55 10.32
CA ASP A 20 -1.88 14.43 10.00
C ASP A 20 -2.35 14.16 8.57
N GLY A 21 -1.61 13.29 7.90
CA GLY A 21 -1.94 12.92 6.53
C GLY A 21 -1.42 13.98 5.55
N SER A 22 -0.25 14.51 5.87
CA SER A 22 0.37 15.52 5.03
C SER A 22 1.75 15.06 4.57
N ASP A 23 2.16 15.55 3.41
CA ASP A 23 3.44 15.20 2.85
C ASP A 23 4.50 16.22 3.32
N SER A 24 5.41 15.74 4.14
CA SER A 24 6.47 16.60 4.66
C SER A 24 7.41 15.79 5.56
N ARG A 25 8.11 16.50 6.42
CA ARG A 25 9.04 15.86 7.33
C ARG A 25 10.13 15.11 6.56
N ASP A 26 11.02 15.89 5.95
CA ASP A 26 12.10 15.31 5.18
C ASP A 26 11.54 14.25 4.23
N LYS A 27 12.44 13.53 3.59
CA LYS A 27 12.06 12.49 2.64
C LYS A 27 11.57 11.27 3.43
N PRO A 28 10.25 10.98 3.28
CA PRO A 28 9.65 9.84 3.96
C PRO A 28 10.05 8.52 3.29
N LYS A 29 9.71 7.43 3.95
CA LYS A 29 10.03 6.10 3.43
C LYS A 29 9.20 5.85 2.17
N LEU A 30 9.74 4.98 1.33
CA LEU A 30 9.06 4.63 0.08
C LEU A 30 9.01 3.11 -0.06
N TYR A 31 7.97 2.65 -0.72
CA TYR A 31 7.78 1.22 -0.94
C TYR A 31 7.11 0.95 -2.28
N ARG A 32 7.92 0.47 -3.22
CA ARG A 32 7.43 0.16 -4.55
C ARG A 32 6.63 -1.15 -4.53
N LEU A 33 5.39 -1.06 -5.01
CA LEU A 33 4.52 -2.22 -5.05
C LEU A 33 4.74 -2.97 -6.37
N GLN A 34 5.85 -3.69 -6.43
CA GLN A 34 6.19 -4.45 -7.62
C GLN A 34 5.14 -5.53 -7.86
N LEU A 35 5.16 -6.06 -9.08
CA LEU A 35 4.22 -7.10 -9.46
C LEU A 35 4.13 -8.12 -8.33
N SER A 36 3.10 -8.96 -8.41
CA SER A 36 2.89 -9.99 -7.41
C SER A 36 2.06 -9.43 -6.26
N VAL A 37 2.22 -10.07 -5.10
CA VAL A 37 1.49 -9.63 -3.91
C VAL A 37 2.49 -9.19 -2.84
N THR A 38 2.09 -8.16 -2.10
CA THR A 38 2.95 -7.62 -1.05
C THR A 38 2.21 -7.65 0.29
N GLU A 39 2.58 -8.61 1.11
CA GLU A 39 1.97 -8.76 2.42
C GLU A 39 2.49 -7.69 3.37
N VAL A 40 1.58 -6.86 3.86
CA VAL A 40 1.93 -5.79 4.77
C VAL A 40 1.72 -6.27 6.21
N GLY A 41 2.25 -5.48 7.14
CA GLY A 41 2.12 -5.82 8.55
C GLY A 41 3.48 -5.73 9.25
N THR A 42 3.65 -6.61 10.23
CA THR A 42 4.89 -6.65 10.98
C THR A 42 5.66 -7.95 10.69
N GLU A 43 4.97 -8.86 10.02
CA GLU A 43 5.57 -10.14 9.66
C GLU A 43 6.42 -10.00 8.39
N LYS A 44 7.44 -10.83 8.30
CA LYS A 44 8.33 -10.81 7.16
C LYS A 44 7.99 -11.98 6.23
N PHE A 45 7.49 -11.62 5.05
CA PHE A 45 7.11 -12.63 4.07
C PHE A 45 8.15 -12.71 2.95
N ASP A 46 8.41 -11.57 2.34
CA ASP A 46 9.39 -11.50 1.25
C ASP A 46 10.24 -10.25 1.43
N ASP A 47 11.26 -10.14 0.57
CA ASP A 47 12.16 -9.00 0.63
C ASP A 47 11.44 -7.76 0.10
N ASN A 48 10.38 -8.01 -0.66
CA ASN A 48 9.60 -6.92 -1.22
C ASN A 48 8.25 -6.84 -0.50
N SER A 49 8.33 -6.74 0.82
CA SER A 49 7.13 -6.66 1.64
C SER A 49 7.22 -5.43 2.57
N ILE A 50 6.05 -4.91 2.91
CA ILE A 50 5.98 -3.74 3.78
C ILE A 50 5.97 -4.21 5.23
N GLN A 51 6.99 -3.78 5.97
CA GLN A 51 7.11 -4.14 7.37
C GLN A 51 6.95 -2.90 8.26
N LEU A 52 5.75 -2.73 8.78
CA LEU A 52 5.46 -1.58 9.63
C LEU A 52 5.56 -2.03 11.10
N PHE A 53 5.58 -1.03 11.98
CA PHE A 53 5.67 -1.30 13.41
C PHE A 53 4.90 -0.24 14.21
N GLY A 54 3.82 -0.70 14.83
CA GLY A 54 3.00 0.19 15.63
C GLY A 54 2.20 -0.59 16.67
N PRO A 55 1.73 0.15 17.71
CA PRO A 55 0.95 -0.47 18.78
C PRO A 55 -0.47 -0.79 18.32
N GLY A 56 -0.67 -2.04 17.93
CA GLY A 56 -1.97 -2.48 17.47
C GLY A 56 -1.87 -3.08 16.06
N ILE A 57 -0.65 -3.15 15.57
CA ILE A 57 -0.42 -3.70 14.24
C ILE A 57 -0.32 -5.22 14.33
N GLN A 58 -0.67 -5.86 13.22
CA GLN A 58 -0.63 -7.31 13.17
C GLN A 58 0.43 -7.78 12.16
N PRO A 59 0.59 -9.13 12.07
CA PRO A 59 1.56 -9.70 11.15
C PRO A 59 1.07 -9.62 9.71
N HIS A 60 -0.07 -10.26 9.47
CA HIS A 60 -0.65 -10.27 8.14
C HIS A 60 -1.76 -9.22 8.05
N HIS A 61 -1.34 -7.97 7.96
CA HIS A 61 -2.29 -6.86 7.87
C HIS A 61 -3.10 -6.98 6.58
N CYS A 62 -2.42 -6.70 5.48
CA CYS A 62 -3.06 -6.77 4.17
C CYS A 62 -2.01 -7.20 3.14
N ASP A 63 -2.47 -7.37 1.91
CA ASP A 63 -1.58 -7.78 0.83
C ASP A 63 -1.89 -6.95 -0.41
N LEU A 64 -0.87 -6.27 -0.90
CA LEU A 64 -1.02 -5.43 -2.07
C LEU A 64 -0.68 -6.25 -3.32
N THR A 65 -1.68 -6.42 -4.17
CA THR A 65 -1.50 -7.19 -5.40
C THR A 65 -1.71 -6.29 -6.62
N ASN A 66 -0.66 -6.17 -7.41
CA ASN A 66 -0.71 -5.34 -8.61
C ASN A 66 -1.30 -6.16 -9.75
N MET A 67 -2.54 -5.85 -10.10
CA MET A 67 -3.22 -6.54 -11.17
C MET A 67 -3.60 -5.58 -12.30
N ASP A 68 -2.76 -5.56 -13.32
CA ASP A 68 -3.00 -4.68 -14.47
C ASP A 68 -2.78 -3.23 -14.05
N GLY A 69 -1.57 -2.95 -13.59
CA GLY A 69 -1.22 -1.62 -13.16
C GLY A 69 -2.22 -1.09 -12.12
N VAL A 70 -2.92 -2.03 -11.50
CA VAL A 70 -3.91 -1.68 -10.49
C VAL A 70 -3.60 -2.45 -9.21
N VAL A 71 -3.89 -1.80 -8.09
CA VAL A 71 -3.65 -2.40 -6.79
C VAL A 71 -4.94 -2.35 -5.96
N THR A 72 -5.15 -3.40 -5.18
CA THR A 72 -6.33 -3.48 -4.34
C THR A 72 -5.96 -4.01 -2.95
N VAL A 73 -6.23 -3.18 -1.95
CA VAL A 73 -5.94 -3.54 -0.57
C VAL A 73 -6.88 -4.67 -0.13
N THR A 74 -6.28 -5.76 0.31
CA THR A 74 -7.04 -6.91 0.76
C THR A 74 -6.67 -7.28 2.20
N PRO A 75 -7.58 -6.94 3.15
CA PRO A 75 -7.35 -7.23 4.55
C PRO A 75 -7.55 -8.71 4.85
N ARG A 76 -6.51 -9.31 5.40
CA ARG A 76 -6.57 -10.73 5.74
C ARG A 76 -6.34 -10.93 7.25
N SER A 77 -6.56 -9.85 7.99
CA SER A 77 -6.40 -9.89 9.44
C SER A 77 -7.67 -9.41 10.13
N MET A 78 -8.22 -10.28 10.96
CA MET A 78 -9.43 -9.95 11.69
C MET A 78 -9.13 -9.06 12.90
N ASP A 79 -8.61 -7.88 12.62
CA ASP A 79 -8.26 -6.95 13.66
C ASP A 79 -7.48 -5.77 13.06
N ALA A 80 -6.71 -6.08 12.03
CA ALA A 80 -5.91 -5.07 11.36
C ALA A 80 -6.85 -4.01 10.76
N GLU A 81 -6.64 -2.77 11.19
CA GLU A 81 -7.44 -1.67 10.70
C GLU A 81 -6.79 -1.04 9.48
N THR A 82 -7.56 -1.02 8.39
CA THR A 82 -7.07 -0.45 7.14
C THR A 82 -8.07 0.57 6.59
N TYR A 83 -7.74 1.84 6.78
CA TYR A 83 -8.61 2.91 6.32
C TYR A 83 -8.00 3.61 5.09
N VAL A 84 -8.73 3.54 3.99
CA VAL A 84 -8.27 4.16 2.76
C VAL A 84 -8.84 5.58 2.67
N ASP A 85 -8.07 6.53 3.16
CA ASP A 85 -8.48 7.92 3.14
C ASP A 85 -9.38 8.20 4.35
N GLY A 86 -9.14 7.45 5.41
CA GLY A 86 -9.92 7.60 6.62
C GLY A 86 -11.22 6.80 6.55
N GLN A 87 -11.20 5.78 5.70
CA GLN A 87 -12.36 4.92 5.53
C GLN A 87 -11.94 3.46 5.56
N ARG A 88 -12.38 2.78 6.60
CA ARG A 88 -12.07 1.37 6.77
C ARG A 88 -12.74 0.54 5.67
N ILE A 89 -12.11 -0.58 5.35
CA ILE A 89 -12.63 -1.47 4.32
C ILE A 89 -13.07 -2.78 4.96
N SER A 90 -13.67 -3.63 4.14
CA SER A 90 -14.16 -4.91 4.62
C SER A 90 -13.91 -5.99 3.54
N GLU A 91 -13.03 -5.66 2.62
CA GLU A 91 -12.71 -6.58 1.54
C GLU A 91 -11.75 -5.91 0.54
N THR A 92 -11.49 -6.64 -0.54
CA THR A 92 -10.59 -6.13 -1.57
C THR A 92 -11.10 -4.79 -2.11
N THR A 93 -10.48 -3.73 -1.66
CA THR A 93 -10.85 -2.39 -2.09
C THR A 93 -9.77 -1.79 -2.99
N MET A 94 -10.21 -1.30 -4.14
CA MET A 94 -9.28 -0.70 -5.09
C MET A 94 -8.54 0.48 -4.46
N LEU A 95 -7.32 0.68 -4.94
CA LEU A 95 -6.49 1.77 -4.43
C LEU A 95 -6.20 2.75 -5.57
N GLN A 96 -6.20 4.03 -5.21
CA GLN A 96 -5.93 5.07 -6.19
C GLN A 96 -4.69 5.86 -5.79
N SER A 97 -4.10 6.52 -6.78
CA SER A 97 -2.91 7.32 -6.55
C SER A 97 -3.26 8.58 -5.74
N GLY A 98 -2.65 8.68 -4.57
CA GLY A 98 -2.89 9.82 -3.70
C GLY A 98 -3.62 9.38 -2.42
N MET A 99 -4.43 8.35 -2.58
CA MET A 99 -5.19 7.83 -1.45
C MET A 99 -4.28 7.57 -0.25
N ARG A 100 -4.82 7.83 0.93
CA ARG A 100 -4.07 7.62 2.16
C ARG A 100 -4.26 6.19 2.66
N LEU A 101 -3.20 5.67 3.29
CA LEU A 101 -3.23 4.33 3.82
C LEU A 101 -2.97 4.36 5.32
N GLN A 102 -3.98 3.95 6.08
CA GLN A 102 -3.87 3.94 7.53
C GLN A 102 -3.95 2.50 8.05
N PHE A 103 -2.82 2.03 8.57
CA PHE A 103 -2.75 0.68 9.11
C PHE A 103 -2.52 0.70 10.62
N GLY A 104 -3.62 0.79 11.36
CA GLY A 104 -3.55 0.82 12.80
C GLY A 104 -3.45 2.26 13.31
N THR A 105 -3.96 3.18 12.51
CA THR A 105 -3.93 4.58 12.87
C THR A 105 -2.60 4.94 13.54
N SER A 106 -1.53 4.56 12.87
CA SER A 106 -0.19 4.84 13.39
C SER A 106 0.77 5.12 12.23
N HIS A 107 0.74 4.23 11.25
CA HIS A 107 1.60 4.37 10.08
C HIS A 107 0.76 4.75 8.87
N VAL A 108 0.68 6.05 8.63
CA VAL A 108 -0.09 6.55 7.50
C VAL A 108 0.80 6.59 6.26
N PHE A 109 0.22 6.16 5.15
CA PHE A 109 0.95 6.14 3.89
C PHE A 109 0.09 6.71 2.75
N LYS A 110 0.74 6.92 1.62
CA LYS A 110 0.06 7.46 0.46
C LYS A 110 0.40 6.60 -0.78
N PHE A 111 -0.61 5.91 -1.27
CA PHE A 111 -0.42 5.06 -2.44
C PHE A 111 -0.42 5.88 -3.73
N VAL A 112 0.53 5.55 -4.60
CA VAL A 112 0.65 6.24 -5.86
C VAL A 112 0.73 5.22 -7.00
N ASP A 113 0.37 5.69 -8.18
CA ASP A 113 0.39 4.83 -9.36
C ASP A 113 1.00 5.59 -10.54
N PRO A 114 2.34 5.41 -10.69
CA PRO A 114 3.07 6.07 -11.77
C PRO A 114 2.78 5.40 -13.12
N SER A 115 2.01 4.32 -13.05
CA SER A 115 1.66 3.58 -14.25
C SER A 115 0.68 4.40 -15.10
N GLY A 116 0.04 5.36 -14.44
CA GLY A 116 -0.92 6.22 -15.12
C GLY A 116 -0.51 7.69 -15.02
N PRO A 117 -1.52 8.55 -14.72
CA PRO A 117 -1.27 9.97 -14.59
C PRO A 117 -0.57 10.29 -13.27
N SER A 118 0.75 10.13 -13.29
CA SER A 118 1.56 10.39 -12.10
C SER A 118 1.30 11.82 -11.61
N SER A 119 0.89 11.92 -10.35
CA SER A 119 0.61 13.20 -9.75
C SER A 119 -0.51 13.91 -10.51
N GLY A 120 -1.31 14.65 -9.77
CA GLY A 120 -2.42 15.38 -10.35
C GLY A 120 -3.75 14.90 -9.78
N GLY A 1 16.80 -8.83 -19.69
CA GLY A 1 15.72 -7.88 -19.59
C GLY A 1 16.26 -6.46 -19.33
N SER A 2 17.09 -6.01 -20.25
CA SER A 2 17.68 -4.69 -20.15
C SER A 2 16.85 -3.67 -20.93
N SER A 3 16.38 -2.65 -20.20
CA SER A 3 15.57 -1.61 -20.81
C SER A 3 14.31 -2.23 -21.43
N GLY A 4 13.17 -1.94 -20.81
CA GLY A 4 11.90 -2.44 -21.29
C GLY A 4 11.61 -3.82 -20.69
N SER A 5 10.86 -3.79 -19.59
CA SER A 5 10.49 -5.03 -18.91
C SER A 5 9.69 -4.71 -17.66
N SER A 6 8.37 -4.63 -17.84
CA SER A 6 7.48 -4.33 -16.73
C SER A 6 7.42 -2.82 -16.50
N GLY A 7 8.55 -2.27 -16.09
CA GLY A 7 8.63 -0.85 -15.84
C GLY A 7 8.58 -0.55 -14.33
N PRO A 8 9.78 -0.47 -13.72
CA PRO A 8 9.87 -0.18 -12.29
C PRO A 8 9.57 1.28 -11.99
N GLU A 9 9.61 2.08 -13.05
CA GLU A 9 9.35 3.51 -12.91
C GLU A 9 7.88 3.80 -13.23
N LYS A 10 7.04 2.80 -13.01
CA LYS A 10 5.62 2.94 -13.26
C LYS A 10 4.85 1.97 -12.37
N LEU A 11 5.36 1.79 -11.16
CA LEU A 11 4.73 0.90 -10.20
C LEU A 11 4.15 1.72 -9.05
N PRO A 12 3.00 1.20 -8.51
CA PRO A 12 2.34 1.88 -7.41
C PRO A 12 3.10 1.67 -6.10
N TYR A 13 3.25 2.76 -5.36
CA TYR A 13 3.96 2.72 -4.09
C TYR A 13 3.27 3.62 -3.06
N LEU A 14 3.63 3.40 -1.80
CA LEU A 14 3.08 4.17 -0.71
C LEU A 14 4.19 4.97 -0.03
N VAL A 15 3.87 6.21 0.32
CA VAL A 15 4.84 7.08 0.97
C VAL A 15 4.34 7.41 2.38
N GLU A 16 4.99 6.80 3.36
CA GLU A 16 4.63 7.01 4.75
C GLU A 16 4.17 8.46 4.96
N LEU A 17 2.95 8.59 5.45
CA LEU A 17 2.39 9.91 5.69
C LEU A 17 1.99 10.02 7.17
N SER A 18 1.71 11.25 7.59
CA SER A 18 1.32 11.50 8.97
C SER A 18 -0.09 10.97 9.22
N PRO A 19 -0.45 10.91 10.52
CA PRO A 19 -1.77 10.43 10.91
C PRO A 19 -2.85 11.48 10.61
N ASP A 20 -2.39 12.63 10.14
CA ASP A 20 -3.29 13.72 9.81
C ASP A 20 -3.30 13.95 8.30
N GLY A 21 -2.29 13.39 7.66
CA GLY A 21 -2.15 13.52 6.21
C GLY A 21 -1.22 14.69 5.86
N SER A 22 -0.12 14.76 6.59
CA SER A 22 0.86 15.82 6.36
C SER A 22 2.24 15.19 6.11
N ASP A 23 3.13 16.02 5.55
CA ASP A 23 4.47 15.56 5.26
C ASP A 23 5.42 16.06 6.35
N SER A 24 6.29 15.16 6.78
CA SER A 24 7.26 15.48 7.82
C SER A 24 8.32 16.44 7.28
N ARG A 25 9.20 16.86 8.16
CA ARG A 25 10.27 17.78 7.78
C ARG A 25 11.46 16.99 7.22
N ASP A 26 11.15 16.07 6.32
CA ASP A 26 12.19 15.26 5.71
C ASP A 26 11.55 14.33 4.68
N LYS A 27 12.34 13.37 4.23
CA LYS A 27 11.86 12.41 3.24
C LYS A 27 11.34 11.16 3.95
N PRO A 28 10.00 10.93 3.77
CA PRO A 28 9.35 9.79 4.40
C PRO A 28 9.72 8.49 3.66
N LYS A 29 9.45 7.38 4.33
CA LYS A 29 9.74 6.08 3.76
C LYS A 29 8.80 5.81 2.58
N LEU A 30 9.29 5.02 1.64
CA LEU A 30 8.51 4.69 0.47
C LEU A 30 8.39 3.17 0.35
N TYR A 31 7.36 2.74 -0.37
CA TYR A 31 7.12 1.32 -0.55
C TYR A 31 6.42 1.05 -1.89
N ARG A 32 7.15 0.41 -2.79
CA ARG A 32 6.63 0.09 -4.10
C ARG A 32 5.93 -1.27 -4.08
N LEU A 33 4.84 -1.36 -4.81
CA LEU A 33 4.08 -2.60 -4.88
C LEU A 33 4.42 -3.33 -6.19
N GLN A 34 5.58 -3.98 -6.18
CA GLN A 34 6.03 -4.71 -7.35
C GLN A 34 5.12 -5.92 -7.60
N LEU A 35 5.30 -6.50 -8.78
CA LEU A 35 4.50 -7.66 -9.15
C LEU A 35 4.36 -8.59 -7.94
N SER A 36 3.33 -9.42 -8.00
CA SER A 36 3.06 -10.36 -6.92
C SER A 36 2.23 -9.69 -5.83
N VAL A 37 2.09 -10.39 -4.71
CA VAL A 37 1.32 -9.87 -3.59
C VAL A 37 2.27 -9.41 -2.49
N THR A 38 1.93 -8.28 -1.89
CA THR A 38 2.75 -7.73 -0.82
C THR A 38 1.96 -7.69 0.49
N GLU A 39 2.52 -8.37 1.50
CA GLU A 39 1.88 -8.41 2.79
C GLU A 39 2.49 -7.36 3.73
N VAL A 40 1.63 -6.54 4.30
CA VAL A 40 2.06 -5.50 5.21
C VAL A 40 1.75 -5.92 6.65
N GLY A 41 2.61 -5.47 7.56
CA GLY A 41 2.45 -5.79 8.96
C GLY A 41 3.79 -5.81 9.69
N THR A 42 3.93 -6.76 10.60
CA THR A 42 5.16 -6.90 11.37
C THR A 42 5.84 -8.23 11.06
N GLU A 43 5.30 -8.91 10.06
CA GLU A 43 5.84 -10.20 9.65
C GLU A 43 6.67 -10.05 8.37
N LYS A 44 7.53 -11.02 8.14
CA LYS A 44 8.38 -11.01 6.97
C LYS A 44 7.89 -12.06 5.98
N PHE A 45 7.48 -11.58 4.82
CA PHE A 45 6.98 -12.47 3.77
C PHE A 45 7.90 -12.44 2.55
N ASP A 46 8.84 -11.50 2.57
CA ASP A 46 9.79 -11.37 1.48
C ASP A 46 10.58 -10.07 1.66
N ASP A 47 11.31 -9.72 0.61
CA ASP A 47 12.11 -8.50 0.64
C ASP A 47 11.28 -7.33 0.11
N ASN A 48 10.33 -7.67 -0.75
CA ASN A 48 9.47 -6.65 -1.34
C ASN A 48 8.19 -6.53 -0.50
N SER A 49 8.36 -6.72 0.81
CA SER A 49 7.24 -6.64 1.72
C SER A 49 7.39 -5.40 2.61
N ILE A 50 6.24 -4.84 2.99
CA ILE A 50 6.23 -3.66 3.83
C ILE A 50 6.15 -4.09 5.30
N GLN A 51 7.08 -3.58 6.08
CA GLN A 51 7.12 -3.89 7.50
C GLN A 51 6.78 -2.65 8.33
N LEU A 52 5.62 -2.71 8.97
CA LEU A 52 5.16 -1.61 9.80
C LEU A 52 5.25 -2.01 11.26
N PHE A 53 5.77 -1.08 12.07
CA PHE A 53 5.91 -1.33 13.49
C PHE A 53 5.18 -0.26 14.31
N GLY A 54 4.13 -0.70 15.00
CA GLY A 54 3.34 0.19 15.81
C GLY A 54 2.37 -0.58 16.71
N PRO A 55 1.80 0.14 17.70
CA PRO A 55 0.86 -0.47 18.64
C PRO A 55 -0.50 -0.70 17.98
N GLY A 56 -0.76 -1.96 17.66
CA GLY A 56 -2.02 -2.32 17.02
C GLY A 56 -1.78 -2.88 15.62
N ILE A 57 -0.53 -3.25 15.37
CA ILE A 57 -0.17 -3.80 14.07
C ILE A 57 -0.06 -5.32 14.19
N GLN A 58 -0.30 -5.98 13.06
CA GLN A 58 -0.25 -7.43 13.01
C GLN A 58 0.77 -7.89 11.97
N PRO A 59 0.89 -9.24 11.82
CA PRO A 59 1.82 -9.80 10.87
C PRO A 59 1.31 -9.67 9.44
N HIS A 60 0.13 -10.23 9.20
CA HIS A 60 -0.49 -10.16 7.89
C HIS A 60 -1.59 -9.10 7.89
N HIS A 61 -1.16 -7.85 7.87
CA HIS A 61 -2.09 -6.75 7.86
C HIS A 61 -3.03 -6.86 6.65
N CYS A 62 -2.44 -6.68 5.48
CA CYS A 62 -3.20 -6.76 4.25
C CYS A 62 -2.25 -7.18 3.12
N ASP A 63 -2.85 -7.62 2.02
CA ASP A 63 -2.07 -8.05 0.87
C ASP A 63 -2.25 -7.05 -0.27
N LEU A 64 -1.13 -6.66 -0.86
CA LEU A 64 -1.16 -5.72 -1.97
C LEU A 64 -0.72 -6.43 -3.26
N THR A 65 -1.69 -6.60 -4.14
CA THR A 65 -1.42 -7.26 -5.41
C THR A 65 -1.45 -6.24 -6.55
N ASN A 66 -0.61 -6.50 -7.55
CA ASN A 66 -0.53 -5.62 -8.70
C ASN A 66 -0.90 -6.40 -9.97
N MET A 67 -2.08 -6.11 -10.49
CA MET A 67 -2.56 -6.77 -11.69
C MET A 67 -2.79 -5.77 -12.81
N ASP A 68 -1.80 -5.70 -13.70
CA ASP A 68 -1.88 -4.79 -14.84
C ASP A 68 -1.65 -3.36 -14.34
N GLY A 69 -1.01 -3.25 -13.20
CA GLY A 69 -0.72 -1.96 -12.61
C GLY A 69 -1.76 -1.59 -11.55
N VAL A 70 -2.89 -2.28 -11.61
CA VAL A 70 -3.96 -2.03 -10.66
C VAL A 70 -3.59 -2.67 -9.31
N VAL A 71 -3.98 -1.98 -8.26
CA VAL A 71 -3.71 -2.46 -6.91
C VAL A 71 -4.97 -2.30 -6.05
N THR A 72 -5.23 -3.33 -5.26
CA THR A 72 -6.39 -3.32 -4.39
C THR A 72 -6.03 -3.88 -3.01
N VAL A 73 -6.20 -3.02 -2.01
CA VAL A 73 -5.89 -3.41 -0.64
C VAL A 73 -6.90 -4.46 -0.17
N THR A 74 -6.39 -5.62 0.17
CA THR A 74 -7.22 -6.71 0.65
C THR A 74 -6.83 -7.11 2.07
N PRO A 75 -7.70 -6.70 3.04
CA PRO A 75 -7.45 -7.01 4.43
C PRO A 75 -7.76 -8.48 4.73
N ARG A 76 -6.73 -9.20 5.15
CA ARG A 76 -6.87 -10.61 5.47
C ARG A 76 -6.51 -10.86 6.93
N SER A 77 -6.76 -9.86 7.75
CA SER A 77 -6.47 -9.96 9.17
C SER A 77 -7.66 -9.46 9.99
N MET A 78 -8.14 -10.33 10.87
CA MET A 78 -9.27 -9.99 11.71
C MET A 78 -8.83 -9.14 12.91
N ASP A 79 -8.27 -7.97 12.59
CA ASP A 79 -7.80 -7.06 13.62
C ASP A 79 -6.99 -5.94 12.97
N ALA A 80 -6.32 -6.29 11.89
CA ALA A 80 -5.50 -5.32 11.16
C ALA A 80 -6.42 -4.26 10.55
N GLU A 81 -6.44 -3.10 11.20
CA GLU A 81 -7.26 -2.00 10.73
C GLU A 81 -6.61 -1.33 9.53
N THR A 82 -7.39 -1.24 8.45
CA THR A 82 -6.91 -0.63 7.23
C THR A 82 -7.88 0.45 6.75
N TYR A 83 -7.42 1.69 6.83
CA TYR A 83 -8.24 2.82 6.42
C TYR A 83 -7.62 3.54 5.22
N VAL A 84 -8.33 3.51 4.11
CA VAL A 84 -7.85 4.15 2.89
C VAL A 84 -8.40 5.57 2.83
N ASP A 85 -7.62 6.50 3.36
CA ASP A 85 -8.01 7.91 3.38
C ASP A 85 -8.94 8.16 4.56
N GLY A 86 -8.72 7.39 5.62
CA GLY A 86 -9.54 7.53 6.82
C GLY A 86 -10.82 6.70 6.71
N GLN A 87 -10.88 5.91 5.65
CA GLN A 87 -12.04 5.06 5.41
C GLN A 87 -11.64 3.58 5.51
N ARG A 88 -12.20 2.92 6.51
CA ARG A 88 -11.92 1.50 6.72
C ARG A 88 -12.54 0.67 5.60
N ILE A 89 -11.94 -0.48 5.36
CA ILE A 89 -12.42 -1.38 4.33
C ILE A 89 -12.69 -2.76 4.95
N SER A 90 -13.66 -3.46 4.36
CA SER A 90 -14.02 -4.78 4.83
C SER A 90 -13.70 -5.83 3.77
N GLU A 91 -13.47 -5.34 2.56
CA GLU A 91 -13.15 -6.22 1.45
C GLU A 91 -12.10 -5.57 0.54
N THR A 92 -11.77 -6.27 -0.53
CA THR A 92 -10.79 -5.79 -1.48
C THR A 92 -11.21 -4.41 -2.01
N THR A 93 -10.56 -3.38 -1.48
CA THR A 93 -10.85 -2.02 -1.89
C THR A 93 -9.76 -1.50 -2.83
N MET A 94 -10.20 -0.94 -3.94
CA MET A 94 -9.27 -0.41 -4.93
C MET A 94 -8.47 0.76 -4.35
N LEU A 95 -7.31 0.99 -4.95
CA LEU A 95 -6.44 2.06 -4.50
C LEU A 95 -6.30 3.10 -5.61
N GLN A 96 -6.35 4.37 -5.21
CA GLN A 96 -6.23 5.45 -6.16
C GLN A 96 -5.02 6.34 -5.82
N SER A 97 -4.51 7.00 -6.84
CA SER A 97 -3.36 7.89 -6.65
C SER A 97 -3.76 9.09 -5.80
N GLY A 98 -3.05 9.25 -4.69
CA GLY A 98 -3.32 10.36 -3.79
C GLY A 98 -3.95 9.86 -2.50
N MET A 99 -4.75 8.80 -2.62
CA MET A 99 -5.42 8.22 -1.48
C MET A 99 -4.42 7.79 -0.41
N ARG A 100 -4.80 7.97 0.84
CA ARG A 100 -3.94 7.60 1.95
C ARG A 100 -4.21 6.15 2.36
N LEU A 101 -3.16 5.53 2.89
CA LEU A 101 -3.27 4.14 3.32
C LEU A 101 -2.83 4.02 4.78
N GLN A 102 -3.81 3.84 5.65
CA GLN A 102 -3.54 3.72 7.07
C GLN A 102 -3.34 2.25 7.45
N PHE A 103 -2.29 2.01 8.21
CA PHE A 103 -1.97 0.66 8.66
C PHE A 103 -1.89 0.59 10.17
N GLY A 104 -3.04 0.69 10.81
CA GLY A 104 -3.11 0.63 12.26
C GLY A 104 -3.14 2.04 12.87
N THR A 105 -3.86 2.92 12.20
CA THR A 105 -3.98 4.30 12.65
C THR A 105 -2.69 4.74 13.34
N SER A 106 -1.57 4.43 12.71
CA SER A 106 -0.27 4.79 13.24
C SER A 106 0.69 5.14 12.11
N HIS A 107 0.71 4.28 11.10
CA HIS A 107 1.57 4.50 9.95
C HIS A 107 0.74 4.52 8.67
N VAL A 108 0.55 5.72 8.15
CA VAL A 108 -0.23 5.91 6.95
C VAL A 108 0.72 6.16 5.77
N PHE A 109 0.16 6.04 4.57
CA PHE A 109 0.95 6.26 3.36
C PHE A 109 0.06 6.78 2.22
N LYS A 110 0.72 7.38 1.24
CA LYS A 110 0.00 7.92 0.10
C LYS A 110 0.35 7.10 -1.16
N PHE A 111 -0.66 6.40 -1.65
CA PHE A 111 -0.47 5.58 -2.84
C PHE A 111 -0.49 6.43 -4.11
N VAL A 112 0.52 6.23 -4.94
CA VAL A 112 0.64 6.97 -6.18
C VAL A 112 0.83 5.98 -7.34
N ASP A 113 0.25 6.34 -8.48
CA ASP A 113 0.35 5.50 -9.66
C ASP A 113 1.21 6.21 -10.71
N PRO A 114 2.51 5.82 -10.75
CA PRO A 114 3.44 6.41 -11.70
C PRO A 114 3.20 5.87 -13.10
N SER A 115 2.30 4.91 -13.19
CA SER A 115 1.96 4.29 -14.47
C SER A 115 1.28 5.32 -15.38
N GLY A 116 0.25 5.94 -14.84
CA GLY A 116 -0.50 6.95 -15.60
C GLY A 116 -1.98 6.58 -15.69
N PRO A 117 -2.84 7.63 -15.63
CA PRO A 117 -4.28 7.42 -15.71
C PRO A 117 -4.71 7.09 -17.15
N SER A 118 -5.99 6.80 -17.29
CA SER A 118 -6.54 6.47 -18.59
C SER A 118 -5.58 5.56 -19.36
N SER A 119 -5.77 4.26 -19.17
CA SER A 119 -4.92 3.28 -19.84
C SER A 119 -5.80 2.28 -20.60
N GLY A 120 -5.95 2.52 -21.89
CA GLY A 120 -6.74 1.65 -22.74
C GLY A 120 -6.34 0.19 -22.54
#